data_7XSR
#
_entry.id   7XSR
#
_cell.length_a   1.00
_cell.length_b   1.00
_cell.length_c   1.00
_cell.angle_alpha   90.00
_cell.angle_beta   90.00
_cell.angle_gamma   90.00
#
_symmetry.space_group_name_H-M   'P 1'
#
loop_
_entity.id
_entity.type
_entity.pdbx_description
1 polymer 'RAMP superfamily protein'
2 polymer 'CHAT domain protein'
3 polymer "RNA (5'-R(P*GP*GP*GP*GP*CP*AP*GP*AP*AP*AP*AP*UP*UP*GP*G)-3')"
4 polymer 'RNA (34-MER)'
5 non-polymer 'ZINC ION'
#
loop_
_entity_poly.entity_id
_entity_poly.type
_entity_poly.pdbx_seq_one_letter_code
_entity_poly.pdbx_strand_id
1 'polypeptide(L)'
;MKSNDMNITVELTFFEPYRLVEWFDWDARKKSHSAMRGQAFAQWTWKGKGRTAGKSFITGTLVRSAVIKAVEELLSLNNG
KWEGVPCCNGSFQTDESKGKKPSFLRKRHTLQWQANNKNICDKEEACPFCILLGRFDNAGKVHERNKDYDIHFSNFDLDH
KQEKNDLRLVDIASGRILNRVDFDTGKAKDYFRTWEADYETYGTYTGRITLRNEHAKKLLLASLGFVDKLCGALCRIEVI
KKSESPLPSDTKEQSYTKDDTVEVLSEDHNDELRKQAEVIVEAFKQNDKLEKIRILADAIRTLRLHGEGVIEKDELPDGK
EERDKGHHLWDIKVQGTALRTKLKELWQSNKDIGWRKFTEMLGSNLYLIYKKETGGVSTRFRILGDTEYYSKAHDSEGSD
LFIPVTPPEGIETKEWIIVGRLKAATPFYFGVQQPSDSIPGKEKKSEDSLVINEHTSFNILLDKENRYRIPRSALRGALR
RDLRTAFGSGCNVSLGGQILCNCKVCIEMRRITLKDSVSDFSEPPEIRYRIAKNPGTATVEDGSLFDIEVGPEGLTFPFV
LRYRGHKFPEQLSSVIRYWEENDGKNGMAWLGGLDSTGKGRFALKDIKIFEWDLNQKINEYIKERGMRGKEKELLEMGES
SLPDGLIPYKFFEERECLFPYKENLKPQWSEVQYTIEVGSPLLTADTISALTEPGNRDAIAYKKRVYNDGNNAIEPEPRF
AVKSETHRGIFRTAVGRRTGDLGKEDHEDCTCDMCIIFGNEHESSKIRFEDLELINGNEFEKLEKHIDHVAIDRFTGGAL
DKAKFDTYPLAGSPKKPLKLKGRFWIKKGFSGDHKLLITTALSDIRDGLYPLGSKGGVGYGWVAGISIDDNVPDDFKEMI
NKTEMPLPEEVEESNNGPINNDYVHPGHQSPKQDHKNKNIYYPHYFLDSGSKVYREKDIITHEEFTEELLSGKINCKLET
LTPLIIPDTSDENGLKLQGNKPGHKNYKFFNINGELMIPGSELRGMLRTHFEALTKSCFAIFGEDSTLSWRMNADEKDYK
IDSNSIRKMESQRNPKYRIPDELQKELRNSGNGLFNRLYTSERRFWSDVSNKFENSIDYKREILRCAGRPKNYKGGIIRQ
RKDSLMAEELKVHRLPLYDNFDIPDSAYKANDHCRKSATCSTSRGCRERFTCGIKVRDKNRVFLNAANNNRQYLNNIKKS
NHDLYLQYLKGEKKIRFNSKVITGSERSPIDVIAELNERGRQTGFIKLSGLNNSNKSQGNTGTTFNSGWDRFELNILLDD
LETRPSKSDYPRPRLLFTKDQYEYNITKRCERVFEIDKGNKTGYPVDDQIKKNYEDILDSYDGIKDQEVAERFDTFTRGS
KLKVGDLVYFHIDGDNKIDSLIPVRISRKCASKTLGGKLDKALHPCTGLSDGLCPGCHLFGTTDYKGRVKFGFAKYENGP
EWLITRGNNPERSLTLGVLESPRPAFSIPDDESEIPGRKFYLHHNGWRIIRQKQLEIRETVQPERNVTTEVMDKGNVFSF
DVRFENLREWELGLLLQSLDPGKNIAHKLGKGKPYGFGSVKIKIDSLHTFKINSNNDKIKRVPQSDIREYINKGYQKLIE
WSGNNSIQKGNVLPQWHVIPHIDKLYKLLWVPFLNDSKLEPDVRYPVLNEESKGYIEGSDYTYKKLGDKDNLPYKTRVKG
LTTPWSPWNPFQVIAEHEEQEVNVTGSRPSVTDKIERDGKMV
;
B
2 'polypeptide(L)'
;MNNTEENIDRIQEPTREDIDRKEAERLLDEAFNPRTKPVDRKKIINSALKILIGLYKEKKDDLTSASFISIARAYYLVSI
TILPKGTTIPEKKKEALRKGIEFIDRAINKFNGSILDSQRAFRIKSVLSIEFNRIDREKCDNIKLKNLLNEAVDKGCTDF
DTYEWDIQIAIRLCELGVDMEGHFDNLIKSNKANDLQKAKAYYFIKKDDHKAKEHMDKCTASLKYTPCSHRLWDETVGFI
ERLKGDSSTLWRDFAIKTYRSCRVQEKETGTLRLRWYWSRHRVLYDMAFLAVKEQADDEEPDVNVKQAKIKKLAEISDSL
KSRFSLRLSDMEKMPKSDDESNHEFKKFLDKCVTAYQDGYVINRSEDKEGQGENKSTTSKQPEPRPQAKLLELTQVPEGW
VVVHFYLNKLEGMGNAIVFDKCANSWQYKEFQYKELFEVFLTWQANYNLYKENAAEHLVTLCKKIGETMPFLFCDNFIPN
GKDVLFVPHDFLHRLPLHGSIENKTNGKLFLENHSCCYLPAWSFASEKEASTSDEYVLLKNFDQGHFETLQNNQIWGTQS
VKDGASSDDLENIRNNPRLLTILCHGEANMSNPFRSMLKLANGGITYLEILNSVKGLKGSQVILGACETDLVPPLSDVMD
EHYSVATALLLIGAAGVVGTMWKVRSNKTKSLIEWKLENIEYKLNEWQKETGGAAYKDHPPTFYRSIAFRSIGFPL
;
C
3 'polyribonucleotide' CUCUAGUAACAGCCGUGGAGUCCGGGGCAGAAAAUUGG A
4 'polyribonucleotide' GUUAUGAAACAAGAGAAGGACUUAAUGUCACGGUACCCAAUUUUCUGCCCCGGACUCCACGGCUGUUACUAGAG D
#
loop_
_chem_comp.id
_chem_comp.type
_chem_comp.name
_chem_comp.formula
A RNA linking ADENOSINE-5'-MONOPHOSPHATE 'C10 H14 N5 O7 P'
C RNA linking CYTIDINE-5'-MONOPHOSPHATE 'C9 H14 N3 O8 P'
G RNA linking GUANOSINE-5'-MONOPHOSPHATE 'C10 H14 N5 O8 P'
U RNA linking URIDINE-5'-MONOPHOSPHATE 'C9 H13 N2 O9 P'
ZN non-polymer 'ZINC ION' 'Zn 2'
#
# COMPACT_ATOMS: atom_id res chain seq x y z
N ASP A 5 -21.80 45.67 34.66
CA ASP A 5 -22.67 46.05 33.54
C ASP A 5 -21.85 46.60 32.37
N MET A 6 -20.57 46.24 32.33
CA MET A 6 -19.64 46.80 31.37
C MET A 6 -19.28 45.77 30.31
N ASN A 7 -19.04 46.25 29.09
CA ASN A 7 -18.63 45.40 27.98
C ASN A 7 -17.17 45.00 28.12
N ILE A 8 -16.81 43.92 27.44
CA ILE A 8 -15.45 43.40 27.41
C ILE A 8 -15.09 43.15 25.96
N THR A 9 -14.05 43.83 25.47
CA THR A 9 -13.59 43.65 24.11
C THR A 9 -12.51 42.58 24.10
N VAL A 10 -12.75 41.53 23.32
CA VAL A 10 -11.97 40.30 23.38
C VAL A 10 -11.31 40.07 22.02
N GLU A 11 -10.07 39.59 22.05
CA GLU A 11 -9.35 39.22 20.85
C GLU A 11 -8.84 37.78 20.95
N LEU A 12 -9.12 36.98 19.93
CA LEU A 12 -8.57 35.63 19.86
C LEU A 12 -7.58 35.56 18.71
N THR A 13 -6.40 35.01 19.00
CA THR A 13 -5.31 34.88 18.05
C THR A 13 -4.97 33.42 17.88
N PHE A 14 -4.85 32.96 16.64
CA PHE A 14 -4.54 31.58 16.32
C PHE A 14 -3.05 31.40 16.09
N PHE A 15 -2.50 30.30 16.59
CA PHE A 15 -1.10 29.95 16.42
C PHE A 15 -0.92 28.70 15.58
N GLU A 16 -1.90 28.38 14.74
CA GLU A 16 -1.91 27.15 13.94
C GLU A 16 -2.91 27.35 12.81
N PRO A 17 -2.77 26.60 11.71
CA PRO A 17 -3.78 26.70 10.64
C PRO A 17 -5.11 26.10 11.07
N TYR A 18 -6.17 26.90 10.95
CA TYR A 18 -7.50 26.51 11.39
C TYR A 18 -8.35 26.14 10.19
N ARG A 19 -9.61 25.79 10.45
CA ARG A 19 -10.49 25.19 9.47
C ARG A 19 -11.67 26.08 9.13
N LEU A 20 -12.06 26.06 7.86
CA LEU A 20 -13.10 26.93 7.33
C LEU A 20 -14.22 26.09 6.70
N VAL A 21 -15.43 26.64 6.72
CA VAL A 21 -16.58 25.97 6.09
C VAL A 21 -17.54 27.05 5.61
N GLU A 22 -18.39 26.70 4.64
CA GLU A 22 -19.39 27.61 4.11
C GLU A 22 -20.56 27.73 5.09
N TRP A 23 -21.29 28.84 4.99
CA TRP A 23 -22.34 29.18 5.94
C TRP A 23 -23.71 28.85 5.38
N PHE A 24 -24.43 27.97 6.07
CA PHE A 24 -25.84 27.70 5.84
C PHE A 24 -26.56 27.84 7.17
N ASP A 25 -27.77 28.41 7.15
CA ASP A 25 -28.41 28.86 8.38
C ASP A 25 -28.80 27.75 9.36
N TRP A 26 -29.86 26.99 9.07
CA TRP A 26 -30.11 25.77 9.84
C TRP A 26 -30.69 24.62 9.05
N ASP A 27 -31.40 24.86 7.94
CA ASP A 27 -32.01 23.82 7.14
C ASP A 27 -31.17 23.46 5.92
N ALA A 28 -30.58 24.46 5.28
CA ALA A 28 -29.60 24.20 4.23
C ALA A 28 -28.34 23.58 4.79
N ARG A 29 -28.11 23.73 6.11
CA ARG A 29 -27.07 22.96 6.77
C ARG A 29 -27.40 21.47 6.74
N LYS A 30 -28.67 21.12 6.99
CA LYS A 30 -29.09 19.73 6.92
C LYS A 30 -29.13 19.21 5.50
N LYS A 31 -29.24 20.11 4.52
CA LYS A 31 -29.17 19.69 3.12
C LYS A 31 -27.78 19.17 2.77
N SER A 32 -26.73 19.72 3.37
CA SER A 32 -25.36 19.45 2.97
C SER A 32 -24.65 18.54 3.98
N HIS A 33 -23.65 17.81 3.49
CA HIS A 33 -22.86 16.95 4.36
C HIS A 33 -21.65 17.68 4.92
N SER A 34 -21.01 18.52 4.10
CA SER A 34 -19.83 19.27 4.53
C SER A 34 -20.18 20.31 5.58
N ALA A 35 -21.41 20.84 5.53
CA ALA A 35 -21.83 21.82 6.52
C ALA A 35 -22.14 21.14 7.85
N MET A 36 -22.67 19.92 7.82
CA MET A 36 -22.94 19.20 9.05
C MET A 36 -21.65 18.71 9.70
N ARG A 37 -20.69 18.25 8.89
CA ARG A 37 -19.37 17.96 9.41
C ARG A 37 -18.63 19.23 9.82
N GLY A 38 -18.89 20.34 9.15
CA GLY A 38 -18.15 21.56 9.34
C GLY A 38 -18.58 22.47 10.47
N GLN A 39 -19.45 22.02 11.35
CA GLN A 39 -19.71 22.79 12.57
C GLN A 39 -18.48 22.75 13.47
N ALA A 40 -18.42 23.71 14.41
CA ALA A 40 -17.27 24.02 15.26
C ALA A 40 -16.02 24.38 14.45
N PHE A 41 -16.19 24.92 13.24
CA PHE A 41 -15.13 25.51 12.44
C PHE A 41 -15.37 27.01 12.37
N ALA A 42 -14.57 27.70 11.55
CA ALA A 42 -14.86 29.10 11.24
C ALA A 42 -15.70 29.15 9.97
N GLN A 43 -16.57 30.16 9.88
CA GLN A 43 -17.58 30.22 8.85
C GLN A 43 -17.23 31.29 7.81
N TRP A 44 -17.60 31.02 6.56
CA TRP A 44 -17.34 31.90 5.43
C TRP A 44 -18.66 32.20 4.74
N THR A 45 -18.93 33.49 4.53
CA THR A 45 -20.12 33.90 3.79
C THR A 45 -19.68 34.73 2.59
N TRP A 46 -20.46 34.64 1.52
CA TRP A 46 -20.14 35.34 0.28
C TRP A 46 -20.68 36.76 0.33
N LYS A 47 -19.94 37.69 -0.28
CA LYS A 47 -20.32 39.08 -0.35
C LYS A 47 -20.45 39.47 -1.81
N GLY A 48 -21.63 39.96 -2.18
CA GLY A 48 -21.90 40.27 -3.57
C GLY A 48 -22.29 39.02 -4.36
N LYS A 49 -22.08 39.09 -5.68
CA LYS A 49 -22.45 38.01 -6.58
C LYS A 49 -21.25 37.58 -7.37
N GLY A 50 -21.26 36.32 -7.79
CA GLY A 50 -20.21 35.75 -8.61
C GLY A 50 -19.33 34.73 -7.93
N ARG A 51 -19.47 34.57 -6.60
CA ARG A 51 -18.72 33.59 -5.79
C ARG A 51 -17.21 33.79 -5.91
N THR A 52 -16.75 34.98 -5.58
CA THR A 52 -15.32 35.27 -5.59
C THR A 52 -14.83 35.86 -4.27
N ALA A 53 -15.63 36.70 -3.62
CA ALA A 53 -15.21 37.40 -2.42
C ALA A 53 -16.24 37.22 -1.31
N GLY A 54 -15.82 37.52 -0.09
CA GLY A 54 -16.70 37.35 1.05
C GLY A 54 -15.99 37.71 2.33
N LYS A 55 -16.49 37.19 3.45
CA LYS A 55 -15.87 37.42 4.74
C LYS A 55 -16.10 36.24 5.66
N SER A 56 -15.21 36.11 6.64
CA SER A 56 -15.19 34.98 7.56
C SER A 56 -15.39 35.46 8.99
N PHE A 57 -15.98 34.60 9.80
CA PHE A 57 -16.30 34.95 11.18
C PHE A 57 -16.39 33.67 12.01
N ILE A 58 -16.61 33.86 13.32
CA ILE A 58 -16.76 32.77 14.29
C ILE A 58 -17.96 33.12 15.16
N THR A 59 -18.90 32.18 15.27
CA THR A 59 -20.14 32.45 16.00
C THR A 59 -19.89 32.53 17.50
N GLY A 60 -20.83 33.18 18.19
CA GLY A 60 -20.73 33.34 19.63
C GLY A 60 -21.13 32.11 20.42
N THR A 61 -21.92 31.22 19.83
CA THR A 61 -22.31 29.98 20.49
C THR A 61 -21.10 29.06 20.68
N LEU A 62 -20.16 29.09 19.73
CA LEU A 62 -18.95 28.27 19.84
C LEU A 62 -18.06 28.75 20.99
N VAL A 63 -17.89 30.07 21.10
CA VAL A 63 -17.12 30.63 22.20
C VAL A 63 -17.84 30.39 23.53
N ARG A 64 -19.17 30.40 23.51
CA ARG A 64 -19.93 30.08 24.71
C ARG A 64 -19.73 28.63 25.14
N SER A 65 -19.68 27.71 24.18
CA SER A 65 -19.43 26.30 24.48
C SER A 65 -18.04 26.09 25.06
N ALA A 66 -17.03 26.74 24.47
CA ALA A 66 -15.67 26.64 24.99
C ALA A 66 -15.54 27.22 26.39
N VAL A 67 -16.20 28.36 26.65
CA VAL A 67 -16.16 28.97 27.98
C VAL A 67 -16.90 28.11 29.01
N ILE A 68 -18.00 27.48 28.61
CA ILE A 68 -18.76 26.63 29.52
C ILE A 68 -17.96 25.37 29.89
N LYS A 69 -17.27 24.78 28.91
CA LYS A 69 -16.41 23.64 29.18
C LYS A 69 -15.24 24.01 30.08
N ALA A 70 -14.65 25.20 29.88
CA ALA A 70 -13.56 25.65 30.73
C ALA A 70 -14.03 25.93 32.16
N VAL A 71 -15.23 26.49 32.33
CA VAL A 71 -15.78 26.75 33.66
C VAL A 71 -16.04 25.44 34.39
N GLU A 72 -16.59 24.45 33.68
CA GLU A 72 -16.86 23.15 34.28
C GLU A 72 -15.57 22.44 34.69
N GLU A 73 -14.52 22.55 33.88
CA GLU A 73 -13.24 21.94 34.25
C GLU A 73 -12.58 22.64 35.43
N LEU A 74 -12.62 23.99 35.46
CA LEU A 74 -12.03 24.72 36.56
C LEU A 74 -12.79 24.51 37.86
N LEU A 75 -14.10 24.32 37.79
CA LEU A 75 -14.86 24.00 38.99
C LEU A 75 -14.64 22.55 39.42
N SER A 76 -14.36 21.66 38.47
CA SER A 76 -14.06 20.29 38.82
C SER A 76 -12.69 20.16 39.47
N LEU A 77 -11.78 21.09 39.16
CA LEU A 77 -10.45 21.04 39.78
C LEU A 77 -10.49 21.40 41.26
N ASN A 78 -11.21 22.47 41.62
CA ASN A 78 -11.22 22.96 42.99
C ASN A 78 -12.38 22.43 43.82
N ASN A 79 -12.98 21.30 43.40
CA ASN A 79 -14.09 20.63 44.09
C ASN A 79 -15.30 21.53 44.26
N GLY A 80 -15.72 22.16 43.17
CA GLY A 80 -16.97 22.89 43.16
C GLY A 80 -16.92 24.27 43.78
N LYS A 81 -15.77 24.93 43.76
CA LYS A 81 -15.65 26.28 44.30
C LYS A 81 -14.76 27.10 43.37
N TRP A 82 -14.87 28.42 43.51
CA TRP A 82 -13.90 29.32 42.89
C TRP A 82 -13.81 30.56 43.76
N GLU A 83 -12.66 30.72 44.43
CA GLU A 83 -12.36 31.86 45.30
C GLU A 83 -13.36 31.98 46.45
N GLY A 84 -13.81 30.83 46.97
CA GLY A 84 -14.55 30.79 48.20
C GLY A 84 -16.05 30.73 48.08
N VAL A 85 -16.62 30.99 46.91
CA VAL A 85 -18.06 30.91 46.71
C VAL A 85 -18.40 29.56 46.08
N PRO A 86 -19.19 28.72 46.74
CA PRO A 86 -19.51 27.42 46.16
C PRO A 86 -20.53 27.51 45.04
N CYS A 87 -20.50 26.52 44.17
CA CYS A 87 -21.35 26.48 42.99
C CYS A 87 -22.07 25.14 42.93
N CYS A 88 -23.25 25.14 42.33
CA CYS A 88 -23.99 23.91 42.07
C CYS A 88 -23.57 23.31 40.74
N ASN A 89 -24.11 22.11 40.44
CA ASN A 89 -23.68 21.40 39.25
C ASN A 89 -24.27 21.98 37.98
N GLY A 90 -25.46 22.56 38.07
CA GLY A 90 -26.13 23.10 36.89
C GLY A 90 -27.02 22.07 36.22
N SER A 91 -27.65 22.50 35.13
CA SER A 91 -28.58 21.64 34.41
C SER A 91 -28.16 21.52 32.96
N PHE A 92 -28.31 20.32 32.42
CA PHE A 92 -27.96 20.04 31.03
C PHE A 92 -28.97 19.16 30.32
N GLN A 93 -30.20 19.07 30.82
CA GLN A 93 -31.26 18.31 30.17
C GLN A 93 -32.48 19.21 29.93
N THR A 94 -33.26 18.88 28.90
CA THR A 94 -34.46 19.60 28.56
C THR A 94 -35.58 18.60 28.31
N ASP A 95 -36.70 18.78 29.01
CA ASP A 95 -37.88 17.97 28.74
C ASP A 95 -38.50 18.39 27.42
N GLU A 96 -38.80 17.41 26.57
CA GLU A 96 -39.33 17.69 25.23
C GLU A 96 -40.78 18.19 25.28
N SER A 97 -41.49 17.94 26.38
CA SER A 97 -42.88 18.37 26.48
C SER A 97 -43.00 19.89 26.54
N LYS A 98 -42.10 20.55 27.26
CA LYS A 98 -42.08 22.00 27.33
C LYS A 98 -40.83 22.54 26.65
N GLY A 99 -41.02 23.28 25.58
CA GLY A 99 -39.92 23.89 24.86
C GLY A 99 -39.22 22.96 23.89
N LYS A 100 -38.38 23.53 23.04
CA LYS A 100 -37.63 22.79 22.03
C LYS A 100 -36.20 22.53 22.49
N LYS A 101 -35.57 21.54 21.87
CA LYS A 101 -34.18 21.23 22.15
C LYS A 101 -33.27 22.33 21.58
N PRO A 102 -32.15 22.64 22.26
CA PRO A 102 -31.44 23.89 21.95
C PRO A 102 -30.43 23.83 20.80
N SER A 103 -30.81 23.16 19.71
CA SER A 103 -30.19 23.19 18.40
C SER A 103 -28.80 22.55 18.33
N PHE A 104 -28.24 22.18 19.48
CA PHE A 104 -27.04 21.37 19.56
C PHE A 104 -27.17 20.40 20.73
N LEU A 105 -26.71 19.17 20.51
CA LEU A 105 -26.82 18.14 21.53
C LEU A 105 -25.43 17.62 21.90
N ARG A 106 -25.28 17.22 23.15
CA ARG A 106 -24.00 16.81 23.72
C ARG A 106 -23.93 15.29 23.80
N LYS A 107 -22.81 14.74 23.34
CA LYS A 107 -22.55 13.32 23.45
C LYS A 107 -21.47 12.96 24.44
N ARG A 108 -20.67 13.92 24.89
CA ARG A 108 -19.56 13.65 25.78
C ARG A 108 -20.04 13.57 27.23
N HIS A 109 -19.10 13.21 28.11
CA HIS A 109 -19.40 13.13 29.53
C HIS A 109 -19.37 14.52 30.15
N THR A 110 -20.21 14.72 31.15
CA THR A 110 -20.29 15.97 31.89
C THR A 110 -19.69 15.77 33.27
N LEU A 111 -18.70 16.58 33.61
CA LEU A 111 -18.08 16.51 34.92
C LEU A 111 -19.02 17.05 35.98
N GLN A 112 -19.11 16.34 37.12
CA GLN A 112 -19.98 16.73 38.21
C GLN A 112 -19.22 16.65 39.52
N TRP A 113 -19.84 17.18 40.57
CA TRP A 113 -19.25 17.20 41.90
C TRP A 113 -20.37 17.24 42.92
N GLN A 114 -20.00 17.05 44.18
CA GLN A 114 -20.97 17.11 45.27
C GLN A 114 -21.37 18.56 45.53
N ALA A 115 -22.67 18.82 45.49
CA ALA A 115 -23.18 20.18 45.69
C ALA A 115 -23.41 20.40 47.17
N ASN A 116 -22.50 21.14 47.81
CA ASN A 116 -22.56 21.42 49.23
C ASN A 116 -23.00 22.85 49.54
N ASN A 117 -23.72 23.49 48.60
CA ASN A 117 -24.14 24.87 48.80
C ASN A 117 -25.27 25.00 49.82
N LYS A 118 -26.02 23.91 50.06
CA LYS A 118 -27.16 23.84 50.99
C LYS A 118 -28.22 24.88 50.63
N ASN A 119 -28.45 25.06 49.32
CA ASN A 119 -29.47 25.96 48.82
C ASN A 119 -29.83 25.51 47.40
N ILE A 120 -31.06 25.82 47.00
CA ILE A 120 -31.54 25.58 45.65
C ILE A 120 -31.56 26.91 44.92
N CYS A 121 -30.92 26.95 43.76
CA CYS A 121 -30.77 28.17 42.99
C CYS A 121 -32.11 28.58 42.38
N ASP A 122 -32.56 29.78 42.70
CA ASP A 122 -33.80 30.34 42.20
C ASP A 122 -33.45 31.50 41.26
N LYS A 123 -34.48 32.20 40.77
CA LYS A 123 -34.26 33.35 39.91
C LYS A 123 -33.71 34.54 40.68
N GLU A 124 -34.12 34.67 41.94
CA GLU A 124 -33.81 35.88 42.71
C GLU A 124 -32.34 35.91 43.12
N GLU A 125 -31.77 34.75 43.45
CA GLU A 125 -30.34 34.65 43.72
C GLU A 125 -29.85 33.30 43.23
N ALA A 126 -28.62 33.29 42.70
CA ALA A 126 -28.08 32.09 42.08
C ALA A 126 -26.57 32.11 42.17
N CYS A 127 -25.97 30.97 41.85
CA CYS A 127 -24.53 30.82 41.90
C CYS A 127 -23.90 31.42 40.65
N PRO A 128 -22.57 31.61 40.63
CA PRO A 128 -21.92 32.08 39.39
C PRO A 128 -22.08 31.16 38.19
N PHE A 129 -22.15 29.84 38.40
CA PHE A 129 -22.30 28.91 37.29
C PHE A 129 -23.68 29.03 36.64
N CYS A 130 -24.73 29.21 37.46
CA CYS A 130 -26.08 29.31 36.92
C CYS A 130 -26.28 30.63 36.20
N ILE A 131 -25.66 31.70 36.68
CA ILE A 131 -25.81 33.00 36.04
C ILE A 131 -24.87 33.14 34.85
N LEU A 132 -23.86 32.28 34.76
CA LEU A 132 -23.00 32.26 33.57
C LEU A 132 -23.62 31.44 32.46
N LEU A 133 -24.40 30.41 32.80
CA LEU A 133 -25.10 29.63 31.79
C LEU A 133 -26.24 30.41 31.17
N GLY A 134 -27.01 31.11 32.01
CA GLY A 134 -28.17 31.85 31.54
C GLY A 134 -29.45 31.08 31.75
N ARG A 135 -29.61 30.49 32.92
CA ARG A 135 -30.83 29.75 33.22
C ARG A 135 -31.98 30.69 33.51
N PHE A 136 -31.80 31.57 34.48
CA PHE A 136 -32.86 32.47 34.93
C PHE A 136 -32.72 33.83 34.26
N ASP A 137 -32.88 33.80 32.94
CA ASP A 137 -32.86 34.99 32.10
C ASP A 137 -34.25 35.18 31.47
N ASN A 138 -34.43 36.34 30.85
CA ASN A 138 -35.70 36.59 30.18
C ASN A 138 -35.70 36.09 28.74
N ALA A 139 -34.52 35.97 28.12
CA ALA A 139 -34.41 35.55 26.73
C ALA A 139 -33.98 34.11 26.62
N GLY A 140 -34.69 33.35 25.78
CA GLY A 140 -34.25 32.01 25.47
C GLY A 140 -34.91 31.37 24.26
N LYS A 141 -34.07 30.86 23.35
CA LYS A 141 -34.38 29.99 22.21
C LYS A 141 -35.13 30.68 21.08
N VAL A 142 -35.61 31.90 21.32
CA VAL A 142 -36.15 32.77 20.28
C VAL A 142 -35.59 34.17 20.50
N HIS A 143 -35.04 34.77 19.46
CA HIS A 143 -34.31 36.01 19.65
C HIS A 143 -35.25 37.20 19.77
N GLU A 144 -34.85 38.15 20.58
CA GLU A 144 -35.59 39.38 20.86
C GLU A 144 -34.53 40.47 20.92
N ARG A 145 -34.85 41.61 21.53
CA ARG A 145 -33.92 42.72 21.73
C ARG A 145 -32.67 42.27 22.48
N ASN A 146 -31.57 43.00 22.25
CA ASN A 146 -30.27 42.57 22.75
C ASN A 146 -30.09 42.88 24.23
N LYS A 147 -31.06 43.51 24.88
CA LYS A 147 -31.11 43.57 26.34
C LYS A 147 -31.74 42.26 26.83
N ASP A 148 -32.09 42.19 28.12
CA ASP A 148 -32.57 41.01 28.86
C ASP A 148 -31.76 39.73 28.58
N TYR A 149 -30.46 39.90 28.36
CA TYR A 149 -29.46 38.84 28.40
C TYR A 149 -28.55 39.14 29.58
N ASP A 150 -28.36 38.16 30.46
CA ASP A 150 -27.45 38.38 31.57
C ASP A 150 -26.00 38.28 31.12
N ILE A 151 -25.71 37.37 30.20
CA ILE A 151 -24.39 37.25 29.59
C ILE A 151 -24.59 37.00 28.10
N HIS A 152 -23.95 37.83 27.27
CA HIS A 152 -24.19 37.79 25.83
C HIS A 152 -22.87 37.80 25.08
N PHE A 153 -22.75 36.90 24.11
CA PHE A 153 -21.58 36.75 23.26
C PHE A 153 -21.94 37.20 21.85
N SER A 154 -21.18 38.15 21.33
CA SER A 154 -21.37 38.60 19.95
C SER A 154 -20.54 37.77 19.00
N ASN A 155 -20.75 38.01 17.71
CA ASN A 155 -19.96 37.33 16.69
C ASN A 155 -18.55 37.90 16.64
N PHE A 156 -17.62 37.09 16.17
CA PHE A 156 -16.20 37.45 16.15
C PHE A 156 -15.76 37.62 14.71
N ASP A 157 -15.43 38.85 14.34
CA ASP A 157 -15.12 39.20 12.96
C ASP A 157 -13.62 39.30 12.75
N LEU A 158 -13.20 39.05 11.51
CA LEU A 158 -11.77 39.02 11.18
C LEU A 158 -11.20 40.42 11.18
N ASP A 159 -10.19 40.64 12.02
CA ASP A 159 -9.51 41.94 12.10
C ASP A 159 -8.54 42.06 10.92
N HIS A 160 -9.09 42.52 9.80
CA HIS A 160 -8.26 42.86 8.65
C HIS A 160 -7.43 44.09 8.99
N LYS A 161 -6.10 43.94 8.92
CA LYS A 161 -5.20 44.97 9.44
C LYS A 161 -5.22 46.23 8.57
N GLN A 162 -5.10 46.08 7.26
CA GLN A 162 -5.18 47.20 6.34
C GLN A 162 -6.49 47.12 5.58
N GLU A 163 -7.17 48.26 5.46
CA GLU A 163 -8.47 48.30 4.80
C GLU A 163 -8.28 48.23 3.29
N LYS A 164 -8.95 47.27 2.67
CA LYS A 164 -8.83 47.00 1.24
C LYS A 164 -10.24 46.73 0.71
N ASN A 165 -10.32 46.14 -0.46
CA ASN A 165 -11.60 45.66 -0.98
C ASN A 165 -11.98 44.33 -0.32
N ASP A 166 -12.99 43.68 -0.87
CA ASP A 166 -13.49 42.44 -0.30
C ASP A 166 -12.50 41.30 -0.51
N LEU A 167 -12.21 40.58 0.56
CA LEU A 167 -11.14 39.58 0.56
C LEU A 167 -11.57 38.32 -0.18
N ARG A 168 -10.63 37.74 -0.92
CA ARG A 168 -10.89 36.54 -1.71
C ARG A 168 -10.66 35.29 -0.90
N LEU A 169 -11.26 34.18 -1.35
CA LEU A 169 -11.11 32.92 -0.65
C LEU A 169 -9.76 32.27 -0.94
N VAL A 170 -9.23 32.47 -2.14
CA VAL A 170 -7.98 31.84 -2.51
C VAL A 170 -6.78 32.54 -1.88
N ASP A 171 -6.98 33.72 -1.28
CA ASP A 171 -5.92 34.40 -0.56
C ASP A 171 -5.84 33.98 0.90
N ILE A 172 -6.89 33.34 1.43
CA ILE A 172 -6.94 32.95 2.83
C ILE A 172 -6.91 31.44 3.01
N ALA A 173 -7.54 30.68 2.13
CA ALA A 173 -7.75 29.26 2.31
C ALA A 173 -7.07 28.45 1.22
N SER A 174 -7.01 27.14 1.46
CA SER A 174 -6.49 26.17 0.50
C SER A 174 -7.03 24.79 0.86
N GLY A 175 -7.46 24.04 -0.15
CA GLY A 175 -8.09 22.75 0.10
C GLY A 175 -7.08 21.64 0.31
N ARG A 176 -7.54 20.59 0.98
CA ARG A 176 -6.69 19.45 1.30
C ARG A 176 -7.56 18.23 1.56
N ILE A 177 -7.04 17.06 1.19
CA ILE A 177 -7.73 15.78 1.37
C ILE A 177 -7.09 15.06 2.55
N LEU A 178 -7.92 14.64 3.50
CA LEU A 178 -7.49 13.83 4.64
C LEU A 178 -7.91 12.38 4.40
N ASN A 179 -7.60 11.51 5.37
CA ASN A 179 -7.63 10.08 5.10
C ASN A 179 -8.09 9.31 6.34
N ARG A 180 -8.46 8.05 6.13
CA ARG A 180 -8.63 7.07 7.20
C ARG A 180 -8.02 5.75 6.75
N VAL A 181 -7.09 5.22 7.56
CA VAL A 181 -6.27 4.08 7.17
C VAL A 181 -6.60 2.90 8.08
N ASP A 182 -6.89 1.76 7.47
CA ASP A 182 -7.15 0.53 8.22
C ASP A 182 -5.85 0.04 8.87
N PHE A 183 -6.01 -0.63 10.01
CA PHE A 183 -4.85 -1.07 10.79
C PHE A 183 -4.35 -2.44 10.36
N ASP A 184 -5.27 -3.34 9.98
CA ASP A 184 -4.89 -4.70 9.65
C ASP A 184 -4.29 -4.82 8.26
N THR A 185 -4.71 -3.99 7.31
CA THR A 185 -4.24 -4.05 5.95
C THR A 185 -3.32 -2.92 5.55
N GLY A 186 -3.39 -1.77 6.23
CA GLY A 186 -2.52 -0.65 5.91
C GLY A 186 -2.93 0.13 4.68
N LYS A 187 -4.21 0.09 4.33
CA LYS A 187 -4.73 0.76 3.16
C LYS A 187 -5.91 1.64 3.56
N ALA A 188 -6.11 2.73 2.83
CA ALA A 188 -7.17 3.68 3.15
C ALA A 188 -8.55 3.09 2.87
N LYS A 189 -9.52 3.51 3.69
CA LYS A 189 -10.92 3.15 3.51
C LYS A 189 -11.74 4.24 2.83
N ASP A 190 -11.56 5.50 3.25
CA ASP A 190 -12.34 6.60 2.71
C ASP A 190 -11.55 7.89 2.90
N TYR A 191 -12.11 8.99 2.41
CA TYR A 191 -11.45 10.29 2.53
C TYR A 191 -12.49 11.38 2.67
N PHE A 192 -12.02 12.58 3.01
CA PHE A 192 -12.87 13.76 3.10
C PHE A 192 -12.00 15.00 2.96
N ARG A 193 -12.63 16.12 2.61
CA ARG A 193 -11.95 17.38 2.33
C ARG A 193 -12.16 18.39 3.45
N THR A 194 -11.38 19.47 3.40
CA THR A 194 -11.46 20.57 4.34
C THR A 194 -10.79 21.80 3.72
N TRP A 195 -11.00 22.95 4.35
CA TRP A 195 -10.31 24.19 4.01
C TRP A 195 -9.43 24.59 5.18
N GLU A 196 -8.13 24.77 4.92
CA GLU A 196 -7.19 25.23 5.92
C GLU A 196 -6.82 26.67 5.64
N ALA A 197 -6.82 27.50 6.69
CA ALA A 197 -6.59 28.93 6.54
C ALA A 197 -5.25 29.33 7.13
N ASP A 198 -4.74 30.47 6.65
CA ASP A 198 -3.44 30.97 7.10
C ASP A 198 -3.57 31.64 8.45
N TYR A 199 -2.53 31.47 9.28
CA TYR A 199 -2.48 32.10 10.59
C TYR A 199 -1.47 33.23 10.69
N GLU A 200 -0.57 33.36 9.71
CA GLU A 200 0.45 34.40 9.78
C GLU A 200 -0.15 35.78 9.49
N THR A 201 -1.08 35.85 8.54
CA THR A 201 -1.69 37.10 8.13
C THR A 201 -3.13 37.26 8.59
N TYR A 202 -3.87 36.17 8.69
CA TYR A 202 -5.32 36.22 8.85
C TYR A 202 -5.77 35.43 10.07
N GLY A 203 -5.16 35.67 11.22
CA GLY A 203 -5.48 34.91 12.41
C GLY A 203 -5.82 35.71 13.64
N THR A 204 -6.51 36.84 13.50
CA THR A 204 -6.91 37.66 14.64
C THR A 204 -8.38 38.02 14.52
N TYR A 205 -9.17 37.69 15.54
CA TYR A 205 -10.60 37.94 15.54
C TYR A 205 -10.98 38.74 16.77
N THR A 206 -11.90 39.69 16.60
CA THR A 206 -12.28 40.64 17.65
C THR A 206 -13.78 40.58 17.89
N GLY A 207 -14.18 40.49 19.16
CA GLY A 207 -15.58 40.43 19.53
C GLY A 207 -15.83 41.14 20.84
N ARG A 208 -17.10 41.10 21.26
CA ARG A 208 -17.53 41.75 22.49
C ARG A 208 -18.35 40.78 23.33
N ILE A 209 -18.10 40.78 24.64
CA ILE A 209 -18.90 40.03 25.61
C ILE A 209 -19.50 41.01 26.60
N THR A 210 -20.81 40.94 26.80
CA THR A 210 -21.49 41.83 27.72
C THR A 210 -22.05 41.05 28.90
N LEU A 211 -21.74 41.51 30.11
CA LEU A 211 -22.12 40.84 31.34
C LEU A 211 -22.81 41.84 32.25
N ARG A 212 -24.03 41.51 32.68
CA ARG A 212 -24.82 42.40 33.53
C ARG A 212 -24.96 41.87 34.95
N ASN A 213 -23.89 41.27 35.49
CA ASN A 213 -23.90 40.80 36.88
C ASN A 213 -22.46 40.75 37.37
N GLU A 214 -22.12 41.65 38.30
CA GLU A 214 -20.77 41.68 38.88
C GLU A 214 -20.73 40.72 40.08
N HIS A 215 -20.91 39.44 39.75
CA HIS A 215 -20.74 38.34 40.67
C HIS A 215 -20.05 37.16 40.04
N ALA A 216 -20.12 37.03 38.71
CA ALA A 216 -19.45 35.99 37.95
C ALA A 216 -18.41 36.55 36.99
N LYS A 217 -17.83 37.71 37.31
CA LYS A 217 -16.81 38.29 36.44
C LYS A 217 -15.47 37.58 36.60
N LYS A 218 -15.13 37.19 37.84
CA LYS A 218 -13.86 36.55 38.10
C LYS A 218 -13.78 35.17 37.45
N LEU A 219 -14.88 34.41 37.49
CA LEU A 219 -14.91 33.10 36.86
C LEU A 219 -14.81 33.20 35.35
N LEU A 220 -15.43 34.23 34.76
CA LEU A 220 -15.38 34.42 33.32
C LEU A 220 -13.98 34.83 32.85
N LEU A 221 -13.36 35.76 33.58
CA LEU A 221 -12.01 36.20 33.21
C LEU A 221 -10.98 35.10 33.46
N ALA A 222 -11.22 34.22 34.43
CA ALA A 222 -10.35 33.08 34.62
C ALA A 222 -10.55 32.03 33.53
N SER A 223 -11.80 31.82 33.12
CA SER A 223 -12.10 30.81 32.11
C SER A 223 -11.64 31.23 30.72
N LEU A 224 -11.48 32.53 30.50
CA LEU A 224 -10.98 32.98 29.20
C LEU A 224 -9.51 32.58 29.00
N GLY A 225 -8.76 32.38 30.07
CA GLY A 225 -7.39 31.93 29.99
C GLY A 225 -7.19 30.44 30.02
N PHE A 226 -8.25 29.65 30.11
CA PHE A 226 -8.17 28.19 30.14
C PHE A 226 -8.62 27.55 28.85
N VAL A 227 -9.08 28.34 27.88
CA VAL A 227 -9.44 27.80 26.57
C VAL A 227 -8.18 27.58 25.76
N ASP A 228 -7.99 26.34 25.31
CA ASP A 228 -6.76 25.94 24.64
C ASP A 228 -6.92 25.62 23.16
N LYS A 229 -8.10 25.20 22.71
CA LYS A 229 -8.32 24.85 21.32
C LYS A 229 -9.61 25.47 20.83
N LEU A 230 -9.61 25.90 19.57
CA LEU A 230 -10.78 26.42 18.90
C LEU A 230 -10.59 26.32 17.40
N CYS A 231 -11.60 25.79 16.70
CA CYS A 231 -11.61 25.64 15.24
C CYS A 231 -10.45 24.80 14.72
N GLY A 232 -10.00 23.83 15.50
CA GLY A 232 -8.93 22.95 15.06
C GLY A 232 -7.53 23.51 15.20
N ALA A 233 -7.33 24.51 16.04
CA ALA A 233 -6.05 25.18 16.16
C ALA A 233 -5.86 25.68 17.58
N LEU A 234 -4.60 25.75 18.01
CA LEU A 234 -4.29 26.36 19.29
C LEU A 234 -4.54 27.85 19.24
N CYS A 235 -4.99 28.41 20.35
CA CYS A 235 -5.45 29.80 20.36
C CYS A 235 -5.07 30.47 21.66
N ARG A 236 -5.10 31.79 21.65
CA ARG A 236 -4.92 32.61 22.84
C ARG A 236 -5.99 33.69 22.85
N ILE A 237 -6.68 33.81 23.99
CA ILE A 237 -7.80 34.72 24.14
C ILE A 237 -7.42 35.80 25.15
N GLU A 238 -7.49 37.05 24.73
CA GLU A 238 -7.05 38.18 25.56
C GLU A 238 -8.14 39.23 25.63
N VAL A 239 -8.10 40.01 26.72
CA VAL A 239 -9.05 41.08 26.97
C VAL A 239 -8.34 42.40 26.81
N ILE A 240 -8.85 43.25 25.91
CA ILE A 240 -8.25 44.54 25.64
C ILE A 240 -9.14 45.63 26.25
N LYS A 241 -8.60 46.84 26.31
CA LYS A 241 -9.30 47.95 26.95
C LYS A 241 -9.72 48.99 25.92
N SER A 266 -1.67 37.30 -11.97
CA SER A 266 -0.55 37.25 -12.91
C SER A 266 -0.92 36.47 -14.16
N GLU A 267 -2.07 36.83 -14.75
CA GLU A 267 -2.53 36.15 -15.95
C GLU A 267 -1.71 36.55 -17.17
N ASP A 268 -1.21 37.79 -17.20
CA ASP A 268 -0.47 38.28 -18.35
C ASP A 268 0.86 37.57 -18.51
N HIS A 269 1.51 37.25 -17.40
CA HIS A 269 2.79 36.54 -17.46
C HIS A 269 2.61 35.10 -17.94
N ASN A 270 1.51 34.46 -17.53
CA ASN A 270 1.19 33.13 -18.05
C ASN A 270 0.86 33.18 -19.53
N ASP A 271 0.19 34.25 -19.98
CA ASP A 271 -0.13 34.39 -21.40
C ASP A 271 1.13 34.60 -22.24
N GLU A 272 2.05 35.44 -21.74
CA GLU A 272 3.33 35.65 -22.42
C GLU A 272 4.15 34.38 -22.46
N LEU A 273 4.16 33.62 -21.37
CA LEU A 273 4.96 32.38 -21.35
C LEU A 273 4.34 31.31 -22.23
N ARG A 274 3.01 31.30 -22.36
CA ARG A 274 2.36 30.39 -23.30
C ARG A 274 2.70 30.74 -24.74
N LYS A 275 2.75 32.04 -25.06
CA LYS A 275 3.12 32.46 -26.41
C LYS A 275 4.56 32.11 -26.74
N GLN A 276 5.48 32.35 -25.80
CA GLN A 276 6.88 32.05 -26.06
C GLN A 276 7.16 30.55 -26.08
N ALA A 277 6.40 29.78 -25.28
CA ALA A 277 6.52 28.33 -25.34
C ALA A 277 5.97 27.78 -26.65
N GLU A 278 4.92 28.43 -27.20
CA GLU A 278 4.45 28.08 -28.54
C GLU A 278 5.51 28.35 -29.59
N VAL A 279 6.23 29.47 -29.45
CA VAL A 279 7.34 29.80 -30.36
C VAL A 279 8.42 28.71 -30.31
N ILE A 280 8.79 28.28 -29.10
CA ILE A 280 9.82 27.25 -28.94
C ILE A 280 9.36 25.91 -29.51
N VAL A 281 8.09 25.55 -29.31
CA VAL A 281 7.60 24.26 -29.80
C VAL A 281 7.52 24.24 -31.34
N GLU A 282 7.10 25.36 -31.96
CA GLU A 282 7.13 25.42 -33.42
C GLU A 282 8.54 25.40 -33.98
N ALA A 283 9.49 26.05 -33.28
CA ALA A 283 10.88 26.02 -33.72
C ALA A 283 11.47 24.62 -33.61
N PHE A 284 11.04 23.84 -32.62
CA PHE A 284 11.47 22.45 -32.54
C PHE A 284 10.79 21.60 -33.61
N LYS A 285 9.52 21.89 -33.91
CA LYS A 285 8.76 21.09 -34.87
C LYS A 285 9.24 21.29 -36.30
N GLN A 286 9.82 22.47 -36.60
CA GLN A 286 10.39 22.67 -37.93
C GLN A 286 11.62 21.80 -38.17
N ASN A 287 12.35 21.45 -37.12
CA ASN A 287 13.56 20.63 -37.22
C ASN A 287 13.29 19.14 -37.12
N ASP A 288 12.00 18.73 -37.03
CA ASP A 288 11.57 17.34 -36.82
C ASP A 288 12.19 16.77 -35.55
N LYS A 289 12.05 17.52 -34.45
CA LYS A 289 12.61 17.17 -33.16
C LYS A 289 11.61 17.43 -32.05
N LEU A 290 10.36 17.01 -32.26
CA LEU A 290 9.29 17.34 -31.31
C LEU A 290 9.42 16.54 -30.02
N GLU A 291 9.87 15.29 -30.12
CA GLU A 291 9.92 14.39 -28.96
C GLU A 291 10.96 14.80 -27.94
N LYS A 292 11.89 15.70 -28.30
CA LYS A 292 12.84 16.21 -27.33
C LYS A 292 12.19 17.21 -26.37
N ILE A 293 11.05 17.78 -26.77
CA ILE A 293 10.41 18.87 -26.02
C ILE A 293 10.06 18.42 -24.60
N ARG A 294 9.49 17.22 -24.49
CA ARG A 294 9.25 16.51 -23.24
C ARG A 294 10.48 16.51 -22.34
N ILE A 295 11.60 16.04 -22.90
CA ILE A 295 12.87 16.00 -22.17
C ILE A 295 13.29 17.40 -21.77
N LEU A 296 13.12 18.36 -22.69
CA LEU A 296 13.49 19.76 -22.44
C LEU A 296 12.71 20.32 -21.27
N ALA A 297 11.42 19.92 -21.16
CA ALA A 297 10.57 20.39 -20.08
C ALA A 297 11.16 20.00 -18.73
N ASP A 298 11.58 18.73 -18.62
CA ASP A 298 12.14 18.24 -17.36
C ASP A 298 13.43 18.96 -17.03
N ALA A 299 14.22 19.28 -18.07
CA ALA A 299 15.50 19.95 -17.86
C ALA A 299 15.29 21.34 -17.27
N ILE A 300 14.24 22.03 -17.72
CA ILE A 300 14.00 23.38 -17.23
C ILE A 300 13.57 23.33 -15.78
N ARG A 301 12.82 22.28 -15.41
CA ARG A 301 12.42 22.11 -14.03
C ARG A 301 13.63 21.82 -13.14
N THR A 302 14.62 21.10 -13.69
CA THR A 302 15.82 20.81 -12.92
C THR A 302 16.63 22.08 -12.68
N LEU A 303 16.45 23.10 -13.52
CA LEU A 303 17.13 24.37 -13.33
C LEU A 303 16.62 25.15 -12.13
N ARG A 304 15.53 24.70 -11.48
CA ARG A 304 15.16 25.34 -10.23
C ARG A 304 16.07 24.95 -9.08
N LEU A 305 16.86 23.88 -9.22
CA LEU A 305 17.76 23.48 -8.15
C LEU A 305 19.04 24.30 -8.14
N HIS A 306 19.44 24.85 -9.29
CA HIS A 306 20.59 25.73 -9.37
C HIS A 306 20.15 27.17 -9.14
N GLY A 307 21.12 28.08 -9.18
CA GLY A 307 20.83 29.49 -9.12
C GLY A 307 20.50 30.07 -10.48
N GLU A 308 20.41 31.39 -10.54
CA GLU A 308 20.14 32.05 -11.81
C GLU A 308 21.39 32.15 -12.68
N GLY A 309 22.58 31.96 -12.10
CA GLY A 309 23.82 32.14 -12.82
C GLY A 309 24.02 31.15 -13.95
N VAL A 310 23.36 30.00 -13.87
CA VAL A 310 23.41 28.98 -14.93
C VAL A 310 22.76 29.49 -16.22
N ILE A 311 21.96 30.55 -16.15
CA ILE A 311 21.49 31.22 -17.36
C ILE A 311 22.16 32.58 -17.55
N GLU A 312 22.86 33.10 -16.54
CA GLU A 312 23.47 34.42 -16.62
C GLU A 312 24.97 34.37 -16.88
N LYS A 313 25.67 33.42 -16.26
CA LYS A 313 27.10 33.23 -16.54
C LYS A 313 27.35 32.16 -17.60
N ASP A 314 26.28 31.61 -18.19
CA ASP A 314 26.33 30.61 -19.26
C ASP A 314 27.09 29.36 -18.85
N GLU A 315 26.57 28.68 -17.83
CA GLU A 315 27.17 27.46 -17.32
C GLU A 315 26.51 26.21 -17.88
N LEU A 316 25.60 26.36 -18.85
CA LEU A 316 25.06 25.22 -19.55
C LEU A 316 26.15 24.58 -20.41
N PRO A 317 26.12 23.26 -20.58
CA PRO A 317 27.27 22.57 -21.20
C PRO A 317 27.43 22.88 -22.67
N ASP A 318 28.67 23.15 -23.06
CA ASP A 318 29.06 23.37 -24.45
C ASP A 318 29.34 22.04 -25.11
N GLY A 319 29.25 22.03 -26.45
CA GLY A 319 29.41 20.81 -27.21
C GLY A 319 30.86 20.40 -27.38
N LYS A 320 31.04 19.41 -28.26
CA LYS A 320 32.38 18.94 -28.59
C LYS A 320 33.16 20.01 -29.34
N GLU A 321 34.48 19.89 -29.29
CA GLU A 321 35.35 20.88 -29.91
C GLU A 321 35.33 20.75 -31.43
N GLU A 322 35.42 21.92 -32.10
CA GLU A 322 35.50 22.04 -33.57
C GLU A 322 34.28 21.44 -34.26
N ARG A 323 33.13 21.53 -33.62
CA ARG A 323 31.88 21.00 -34.17
C ARG A 323 30.99 22.17 -34.56
N ASP A 324 30.43 22.11 -35.77
CA ASP A 324 29.58 23.19 -36.26
C ASP A 324 28.28 23.24 -35.47
N LYS A 325 27.64 22.08 -35.28
CA LYS A 325 26.55 21.99 -34.32
C LYS A 325 27.12 22.02 -32.91
N GLY A 326 26.35 22.57 -31.98
CA GLY A 326 26.81 22.69 -30.62
C GLY A 326 26.38 21.53 -29.75
N HIS A 327 25.52 21.82 -28.78
CA HIS A 327 25.02 20.79 -27.90
C HIS A 327 23.93 19.98 -28.61
N HIS A 328 23.56 18.87 -27.96
CA HIS A 328 22.47 18.01 -28.41
C HIS A 328 21.16 18.79 -28.55
N LEU A 329 20.80 19.60 -27.54
CA LEU A 329 19.56 20.36 -27.61
C LEU A 329 19.66 21.82 -27.15
N TRP A 330 20.74 22.24 -26.51
CA TRP A 330 20.85 23.64 -26.11
C TRP A 330 21.31 24.54 -27.25
N ASP A 331 21.48 24.03 -28.47
CA ASP A 331 21.93 24.83 -29.60
C ASP A 331 21.09 24.55 -30.83
N ILE A 332 19.77 24.55 -30.65
CA ILE A 332 18.82 24.44 -31.75
C ILE A 332 18.31 25.85 -32.07
N LYS A 333 18.29 26.19 -33.35
CA LYS A 333 17.95 27.54 -33.78
C LYS A 333 16.46 27.81 -33.59
N VAL A 334 16.15 28.85 -32.81
CA VAL A 334 14.77 29.28 -32.55
C VAL A 334 14.64 30.69 -33.11
N GLN A 335 13.99 30.80 -34.28
CA GLN A 335 13.77 32.06 -35.01
C GLN A 335 15.08 32.79 -35.32
N GLY A 336 16.17 32.05 -35.51
CA GLY A 336 17.44 32.62 -35.88
C GLY A 336 18.50 32.61 -34.80
N THR A 337 18.13 32.42 -33.54
CA THR A 337 19.08 32.45 -32.43
C THR A 337 19.09 31.12 -31.70
N ALA A 338 20.12 30.92 -30.89
CA ALA A 338 20.27 29.70 -30.11
C ALA A 338 19.28 29.68 -28.95
N LEU A 339 19.10 28.49 -28.38
CA LEU A 339 18.09 28.32 -27.34
C LEU A 339 18.53 28.94 -26.01
N ARG A 340 19.84 28.97 -25.75
CA ARG A 340 20.34 29.57 -24.52
C ARG A 340 20.16 31.08 -24.50
N THR A 341 20.39 31.74 -25.65
CA THR A 341 20.20 33.18 -25.72
C THR A 341 18.72 33.54 -25.71
N LYS A 342 17.88 32.68 -26.29
CA LYS A 342 16.43 32.85 -26.19
C LYS A 342 15.96 32.72 -24.75
N LEU A 343 16.55 31.79 -23.99
CA LEU A 343 16.20 31.66 -22.58
C LEU A 343 16.70 32.84 -21.77
N LYS A 344 17.85 33.42 -22.16
CA LYS A 344 18.34 34.64 -21.52
C LYS A 344 17.38 35.80 -21.73
N GLU A 345 16.90 35.96 -22.96
CA GLU A 345 15.93 37.02 -23.26
C GLU A 345 14.62 36.80 -22.52
N LEU A 346 14.19 35.54 -22.41
CA LEU A 346 12.96 35.23 -21.69
C LEU A 346 13.11 35.50 -20.19
N TRP A 347 14.30 35.28 -19.64
CA TRP A 347 14.51 35.56 -18.22
C TRP A 347 14.62 37.06 -17.97
N GLN A 348 15.15 37.81 -18.93
CA GLN A 348 15.15 39.27 -18.79
C GLN A 348 13.75 39.84 -18.93
N SER A 349 12.88 39.17 -19.69
CA SER A 349 11.51 39.65 -19.83
C SER A 349 10.64 39.33 -18.62
N ASN A 350 10.98 38.31 -17.84
CA ASN A 350 10.15 37.83 -16.74
C ASN A 350 10.95 37.71 -15.45
N LYS A 351 11.66 38.77 -15.08
CA LYS A 351 12.47 38.77 -13.87
C LYS A 351 11.66 39.03 -12.59
N ASP A 352 10.39 39.43 -12.71
CA ASP A 352 9.64 39.87 -11.54
C ASP A 352 8.89 38.74 -10.84
N ILE A 353 8.91 37.52 -11.37
CA ILE A 353 8.23 36.40 -10.72
C ILE A 353 9.20 35.47 -10.01
N GLY A 354 10.49 35.78 -10.00
CA GLY A 354 11.47 34.91 -9.38
C GLY A 354 11.96 33.82 -10.31
N TRP A 355 13.03 33.15 -9.88
CA TRP A 355 13.63 32.09 -10.70
C TRP A 355 12.80 30.82 -10.65
N ARG A 356 12.29 30.47 -9.46
CA ARG A 356 11.63 29.18 -9.25
C ARG A 356 10.30 29.11 -9.99
N LYS A 357 9.47 30.15 -9.86
CA LYS A 357 8.19 30.19 -10.55
C LYS A 357 8.36 30.27 -12.05
N PHE A 358 9.41 30.96 -12.52
CA PHE A 358 9.70 31.05 -13.95
C PHE A 358 10.03 29.69 -14.53
N THR A 359 10.91 28.94 -13.84
CA THR A 359 11.29 27.59 -14.32
C THR A 359 10.09 26.64 -14.29
N GLU A 360 9.31 26.66 -13.21
CA GLU A 360 8.17 25.75 -13.09
C GLU A 360 7.09 26.07 -14.11
N MET A 361 6.84 27.36 -14.36
CA MET A 361 5.80 27.75 -15.32
C MET A 361 6.23 27.44 -16.74
N LEU A 362 7.51 27.61 -17.07
CA LEU A 362 7.98 27.29 -18.42
C LEU A 362 7.93 25.79 -18.66
N GLY A 363 8.29 24.99 -17.65
CA GLY A 363 8.18 23.54 -17.78
C GLY A 363 6.74 23.06 -17.93
N SER A 364 5.83 23.64 -17.16
CA SER A 364 4.42 23.23 -17.25
C SER A 364 3.80 23.64 -18.59
N ASN A 365 4.15 24.83 -19.09
CA ASN A 365 3.62 25.28 -20.38
C ASN A 365 4.15 24.44 -21.53
N LEU A 366 5.46 24.11 -21.50
CA LEU A 366 6.03 23.26 -22.54
C LEU A 366 5.40 21.86 -22.51
N TYR A 367 5.14 21.32 -21.32
CA TYR A 367 4.48 20.02 -21.21
C TYR A 367 3.06 20.06 -21.73
N LEU A 368 2.32 21.13 -21.46
CA LEU A 368 0.93 21.23 -21.92
C LEU A 368 0.87 21.36 -23.45
N ILE A 369 1.77 22.13 -24.04
CA ILE A 369 1.77 22.28 -25.49
C ILE A 369 2.22 20.98 -26.17
N TYR A 370 3.15 20.24 -25.55
CA TYR A 370 3.53 18.93 -26.06
C TYR A 370 2.37 17.95 -26.02
N LYS A 371 1.60 17.95 -24.92
CA LYS A 371 0.46 17.05 -24.82
C LYS A 371 -0.65 17.43 -25.79
N LYS A 372 -0.79 18.72 -26.08
CA LYS A 372 -1.78 19.14 -27.07
C LYS A 372 -1.36 18.75 -28.48
N GLU A 373 -0.07 18.89 -28.79
CA GLU A 373 0.38 18.58 -30.16
C GLU A 373 0.46 17.08 -30.40
N THR A 374 0.72 16.29 -29.35
CA THR A 374 0.75 14.84 -29.50
C THR A 374 -0.65 14.30 -29.77
N GLY A 375 -1.63 14.71 -28.97
CA GLY A 375 -3.02 14.33 -29.17
C GLY A 375 -3.68 13.70 -27.98
N GLY A 376 -2.95 13.45 -26.90
CA GLY A 376 -3.52 12.80 -25.74
C GLY A 376 -3.38 13.62 -24.46
N VAL A 377 -4.51 13.96 -23.85
CA VAL A 377 -4.50 14.84 -22.68
C VAL A 377 -4.55 14.05 -21.37
N SER A 378 -4.37 12.72 -21.41
CA SER A 378 -4.19 11.84 -20.25
C SER A 378 -5.33 11.92 -19.24
N THR A 379 -6.48 11.34 -19.61
CA THR A 379 -7.80 11.60 -19.03
C THR A 379 -7.90 11.37 -17.52
N ARG A 380 -7.24 10.34 -16.98
CA ARG A 380 -7.21 10.03 -15.53
C ARG A 380 -8.62 9.78 -14.98
N PHE A 381 -9.17 8.63 -15.38
CA PHE A 381 -10.46 8.15 -14.86
C PHE A 381 -10.21 6.88 -14.06
N ARG A 382 -10.85 6.77 -12.90
CA ARG A 382 -10.65 5.64 -12.01
C ARG A 382 -11.98 4.91 -11.77
N ILE A 383 -11.95 3.60 -11.91
CA ILE A 383 -13.11 2.75 -11.65
C ILE A 383 -13.07 2.30 -10.19
N LEU A 384 -14.04 2.79 -9.40
CA LEU A 384 -14.36 2.30 -8.05
C LEU A 384 -13.18 2.44 -7.09
N GLY A 385 -12.74 3.68 -6.90
CA GLY A 385 -11.67 3.93 -5.96
C GLY A 385 -11.85 5.18 -5.13
N ASP A 386 -12.91 5.94 -5.39
CA ASP A 386 -13.07 7.23 -4.72
C ASP A 386 -13.46 7.05 -3.26
N THR A 387 -14.66 6.53 -3.02
CA THR A 387 -15.29 6.36 -1.69
C THR A 387 -15.11 7.57 -0.77
N GLU A 388 -15.67 8.70 -1.21
CA GLU A 388 -15.69 9.87 -0.34
C GLU A 388 -16.80 9.72 0.68
N TYR A 389 -16.44 9.78 1.96
CA TYR A 389 -17.38 9.50 3.04
C TYR A 389 -17.23 10.54 4.13
N TYR A 390 -18.34 11.19 4.47
CA TYR A 390 -18.44 12.10 5.60
C TYR A 390 -19.25 11.42 6.69
N SER A 391 -18.84 11.65 7.94
CA SER A 391 -19.56 11.10 9.07
C SER A 391 -20.93 11.74 9.18
N LYS A 392 -21.95 10.92 9.42
CA LYS A 392 -23.32 11.40 9.50
C LYS A 392 -23.49 12.17 10.79
N ALA A 393 -23.42 13.51 10.69
CA ALA A 393 -23.43 14.35 11.87
C ALA A 393 -24.81 14.46 12.49
N HIS A 394 -25.86 14.16 11.73
CA HIS A 394 -27.21 14.20 12.28
C HIS A 394 -27.41 13.06 13.27
N ASP A 395 -28.21 13.31 14.29
CA ASP A 395 -28.55 12.27 15.25
C ASP A 395 -29.76 11.50 14.73
N SER A 396 -29.57 10.21 14.48
CA SER A 396 -30.69 9.31 14.25
C SER A 396 -31.54 9.24 15.51
N GLU A 397 -32.84 9.04 15.33
CA GLU A 397 -33.81 9.31 16.40
C GLU A 397 -33.67 8.31 17.55
N GLY A 398 -33.73 8.84 18.76
CA GLY A 398 -33.36 8.10 19.95
C GLY A 398 -31.95 8.43 20.41
N SER A 399 -31.60 7.83 21.56
CA SER A 399 -30.29 7.93 22.19
C SER A 399 -29.93 9.38 22.54
N ASP A 400 -30.72 9.97 23.43
CA ASP A 400 -30.41 11.23 24.07
C ASP A 400 -30.03 10.93 25.52
N LEU A 401 -28.73 10.94 25.80
CA LEU A 401 -28.19 10.41 27.04
C LEU A 401 -27.49 11.51 27.84
N PHE A 402 -27.32 11.25 29.14
CA PHE A 402 -26.60 12.15 30.03
C PHE A 402 -25.73 11.29 30.95
N ILE A 403 -24.42 11.42 30.80
CA ILE A 403 -23.46 10.57 31.50
C ILE A 403 -22.61 11.46 32.41
N PRO A 404 -22.88 11.46 33.71
CA PRO A 404 -22.03 12.20 34.65
C PRO A 404 -20.81 11.41 35.08
N VAL A 405 -19.68 12.12 35.20
CA VAL A 405 -18.44 11.53 35.69
C VAL A 405 -18.02 12.28 36.95
N THR A 406 -17.77 11.53 38.02
CA THR A 406 -17.44 12.11 39.30
C THR A 406 -16.03 11.69 39.70
N PRO A 407 -15.05 12.59 39.68
CA PRO A 407 -13.71 12.24 40.14
C PRO A 407 -13.70 12.09 41.65
N PRO A 408 -12.79 11.28 42.18
CA PRO A 408 -12.59 11.21 43.64
C PRO A 408 -12.05 12.52 44.17
N GLU A 409 -12.47 12.88 45.39
CA GLU A 409 -12.14 14.13 46.06
C GLU A 409 -10.65 14.40 46.18
N GLY A 410 -9.88 13.40 46.55
CA GLY A 410 -8.46 13.54 46.78
C GLY A 410 -7.59 13.81 45.55
N ILE A 411 -7.97 13.26 44.41
CA ILE A 411 -7.17 13.07 43.19
C ILE A 411 -6.48 14.35 42.70
N GLU A 412 -5.30 14.17 42.09
CA GLU A 412 -4.48 15.27 41.59
C GLU A 412 -4.48 15.25 40.07
N THR A 413 -4.52 16.43 39.46
CA THR A 413 -4.50 16.58 38.01
C THR A 413 -3.27 17.40 37.62
N LYS A 414 -2.53 16.92 36.62
CA LYS A 414 -1.30 17.56 36.17
C LYS A 414 -1.31 17.65 34.65
N GLU A 415 -0.42 18.50 34.13
CA GLU A 415 -0.20 18.60 32.70
C GLU A 415 1.29 18.48 32.38
N TRP A 416 1.61 17.56 31.48
CA TRP A 416 2.98 17.30 31.07
C TRP A 416 3.20 17.82 29.66
N ILE A 417 4.35 18.46 29.43
CA ILE A 417 4.70 19.00 28.13
C ILE A 417 6.06 18.46 27.72
N ILE A 418 6.12 17.90 26.52
CA ILE A 418 7.32 17.28 25.96
C ILE A 418 7.75 18.09 24.75
N VAL A 419 8.98 18.59 24.78
CA VAL A 419 9.52 19.42 23.71
C VAL A 419 10.74 18.72 23.12
N GLY A 420 10.89 18.82 21.81
CA GLY A 420 12.03 18.21 21.15
C GLY A 420 12.07 18.55 19.68
N ARG A 421 12.89 17.81 18.95
CA ARG A 421 13.04 18.00 17.50
C ARG A 421 12.92 16.66 16.79
N LEU A 422 12.37 16.69 15.58
CA LEU A 422 12.31 15.53 14.69
C LEU A 422 13.36 15.67 13.61
N LYS A 423 14.05 14.58 13.30
CA LYS A 423 15.12 14.56 12.31
C LYS A 423 14.84 13.47 11.30
N ALA A 424 15.00 13.80 10.01
CA ALA A 424 14.76 12.84 8.95
C ALA A 424 16.02 12.01 8.72
N ALA A 425 15.92 10.71 9.00
CA ALA A 425 17.02 9.79 8.75
C ALA A 425 16.99 9.21 7.35
N THR A 426 15.96 9.51 6.57
CA THR A 426 15.80 9.04 5.20
C THR A 426 15.07 10.17 4.48
N PRO A 427 15.11 10.22 3.14
CA PRO A 427 14.21 11.13 2.43
C PRO A 427 12.75 10.89 2.73
N PHE A 428 11.99 11.95 2.93
CA PHE A 428 10.61 11.83 3.37
C PHE A 428 9.65 12.28 2.27
N TYR A 429 8.38 11.92 2.47
CA TYR A 429 7.33 12.21 1.50
C TYR A 429 6.00 12.32 2.25
N PHE A 430 5.37 13.48 2.13
CA PHE A 430 4.02 13.71 2.64
C PHE A 430 3.14 14.06 1.46
N GLY A 431 2.22 13.18 1.13
CA GLY A 431 1.49 13.30 -0.12
C GLY A 431 0.44 14.39 -0.09
N VAL A 432 0.19 14.97 -1.26
CA VAL A 432 -0.82 16.00 -1.42
C VAL A 432 -1.41 15.85 -2.81
N GLN A 433 -2.65 16.29 -2.97
CA GLN A 433 -3.29 16.30 -4.27
C GLN A 433 -2.66 17.36 -5.17
N GLN A 434 -2.92 17.25 -6.46
CA GLN A 434 -2.31 18.14 -7.43
C GLN A 434 -2.95 19.53 -7.36
N PRO A 435 -2.22 20.57 -7.76
CA PRO A 435 -2.84 21.88 -7.96
C PRO A 435 -3.84 21.83 -9.11
N SER A 436 -4.69 22.86 -9.14
CA SER A 436 -5.96 23.01 -9.87
C SER A 436 -7.05 22.07 -9.36
N ASP A 437 -6.77 21.25 -8.34
CA ASP A 437 -7.79 20.58 -7.56
C ASP A 437 -7.89 21.12 -6.14
N SER A 438 -6.82 21.71 -5.60
CA SER A 438 -6.82 22.32 -4.28
C SER A 438 -7.17 23.80 -4.36
N ILE A 439 -8.27 24.10 -5.03
CA ILE A 439 -8.83 25.44 -5.10
C ILE A 439 -10.10 25.43 -4.23
N PRO A 440 -10.21 26.33 -3.25
CA PRO A 440 -11.29 26.19 -2.26
C PRO A 440 -12.68 26.49 -2.79
N GLY A 441 -12.81 27.42 -3.73
CA GLY A 441 -14.14 27.75 -4.23
C GLY A 441 -14.69 26.72 -5.21
N LYS A 442 -13.85 26.24 -6.12
CA LYS A 442 -14.28 25.45 -7.27
C LYS A 442 -14.09 23.96 -7.07
N GLU A 443 -14.63 23.44 -5.97
CA GLU A 443 -14.53 21.98 -5.70
C GLU A 443 -15.66 21.23 -6.40
N LYS A 444 -16.61 21.95 -7.01
CA LYS A 444 -17.78 21.33 -7.69
C LYS A 444 -17.30 20.46 -8.85
N LYS A 445 -17.71 19.18 -8.85
CA LYS A 445 -17.29 18.20 -9.89
C LYS A 445 -18.37 17.11 -10.06
N SER A 446 -18.24 16.29 -11.11
CA SER A 446 -19.19 15.19 -11.42
C SER A 446 -18.44 13.87 -11.59
N GLU A 447 -19.13 12.73 -11.40
CA GLU A 447 -18.50 11.40 -11.49
C GLU A 447 -17.96 11.12 -12.90
N ASP A 448 -18.75 11.44 -13.92
CA ASP A 448 -18.39 11.18 -15.35
C ASP A 448 -17.17 11.98 -15.80
N SER A 449 -17.04 13.24 -15.38
CA SER A 449 -15.97 14.14 -15.88
C SER A 449 -14.57 13.59 -15.63
N LEU A 450 -13.70 13.71 -16.64
CA LEU A 450 -12.27 13.27 -16.56
C LEU A 450 -11.46 14.42 -15.96
N VAL A 451 -10.25 14.13 -15.46
CA VAL A 451 -9.44 15.08 -14.69
C VAL A 451 -8.08 15.21 -15.35
N ILE A 452 -7.75 16.42 -15.78
CA ILE A 452 -6.48 16.68 -16.45
C ILE A 452 -5.34 16.63 -15.44
N ASN A 453 -4.35 15.77 -15.71
CA ASN A 453 -3.19 15.73 -14.83
C ASN A 453 -2.15 16.75 -15.27
N GLU A 454 -1.12 16.89 -14.44
CA GLU A 454 -0.13 17.94 -14.57
C GLU A 454 1.24 17.31 -14.77
N HIS A 455 2.28 18.15 -14.67
CA HIS A 455 3.64 17.73 -14.98
C HIS A 455 4.15 16.70 -13.97
N THR A 456 3.98 16.97 -12.68
CA THR A 456 4.49 16.09 -11.63
C THR A 456 3.37 15.18 -11.16
N SER A 457 3.65 13.87 -11.11
CA SER A 457 2.63 12.90 -10.77
C SER A 457 2.37 12.85 -9.27
N PHE A 458 3.41 13.01 -8.46
CA PHE A 458 3.28 12.94 -7.01
C PHE A 458 3.94 14.17 -6.40
N ASN A 459 3.14 15.01 -5.76
CA ASN A 459 3.62 16.26 -5.18
C ASN A 459 3.83 16.11 -3.68
N ILE A 460 4.48 17.10 -3.09
CA ILE A 460 4.79 17.10 -1.67
C ILE A 460 4.08 18.28 -1.02
N LEU A 461 3.75 18.12 0.26
CA LEU A 461 3.06 19.16 0.99
C LEU A 461 4.03 20.27 1.37
N LEU A 462 3.64 21.51 1.10
CA LEU A 462 4.48 22.66 1.39
C LEU A 462 3.63 23.78 1.98
N ASP A 463 4.31 24.77 2.54
CA ASP A 463 3.67 25.92 3.15
C ASP A 463 3.46 27.00 2.09
N LYS A 464 2.94 28.16 2.52
CA LYS A 464 2.76 29.27 1.58
C LYS A 464 4.10 29.92 1.22
N GLU A 465 5.07 29.89 2.13
CA GLU A 465 6.41 30.37 1.86
C GLU A 465 7.35 29.25 1.40
N ASN A 466 6.79 28.17 0.85
CA ASN A 466 7.52 27.03 0.28
C ASN A 466 8.40 26.33 1.31
N ARG A 467 7.90 26.21 2.53
CA ARG A 467 8.58 25.51 3.60
C ARG A 467 8.00 24.11 3.77
N TYR A 468 8.83 23.19 4.24
CA TYR A 468 8.38 21.82 4.41
C TYR A 468 7.55 21.69 5.67
N ARG A 469 6.59 20.78 5.65
CA ARG A 469 5.56 20.72 6.67
C ARG A 469 5.28 19.29 7.08
N ILE A 470 5.18 19.06 8.39
CA ILE A 470 4.60 17.86 8.95
C ILE A 470 3.24 18.23 9.53
N PRO A 471 2.15 17.79 8.90
CA PRO A 471 0.82 18.14 9.40
C PRO A 471 0.50 17.43 10.70
N ARG A 472 -0.50 17.97 11.39
CA ARG A 472 -0.90 17.42 12.69
C ARG A 472 -1.54 16.04 12.55
N SER A 473 -2.31 15.85 11.47
CA SER A 473 -3.09 14.62 11.31
C SER A 473 -2.19 13.41 11.10
N ALA A 474 -1.06 13.58 10.41
CA ALA A 474 -0.15 12.45 10.20
C ALA A 474 0.54 12.05 11.49
N LEU A 475 0.95 13.04 12.29
CA LEU A 475 1.54 12.77 13.60
C LEU A 475 0.53 12.09 14.53
N ARG A 476 -0.73 12.54 14.50
CA ARG A 476 -1.74 11.95 15.36
C ARG A 476 -2.09 10.53 14.93
N GLY A 477 -2.12 10.27 13.62
CA GLY A 477 -2.38 8.93 13.13
C GLY A 477 -1.25 7.96 13.45
N ALA A 478 0.00 8.43 13.35
CA ALA A 478 1.14 7.58 13.69
C ALA A 478 1.19 7.30 15.19
N LEU A 479 0.85 8.30 16.01
CA LEU A 479 0.78 8.09 17.45
C LEU A 479 -0.33 7.12 17.82
N ARG A 480 -1.46 7.18 17.12
CA ARG A 480 -2.55 6.23 17.35
C ARG A 480 -2.15 4.81 16.97
N ARG A 481 -1.44 4.66 15.85
CA ARG A 481 -0.96 3.35 15.41
C ARG A 481 0.02 2.74 16.41
N ASP A 482 1.00 3.54 16.87
CA ASP A 482 1.98 3.02 17.81
C ASP A 482 1.36 2.77 19.19
N LEU A 483 0.35 3.55 19.56
CA LEU A 483 -0.33 3.31 20.83
C LEU A 483 -1.18 2.03 20.77
N ARG A 484 -1.81 1.76 19.62
CA ARG A 484 -2.55 0.51 19.47
C ARG A 484 -1.61 -0.69 19.47
N THR A 485 -0.41 -0.52 18.91
CA THR A 485 0.59 -1.59 19.01
C THR A 485 1.07 -1.79 20.44
N ALA A 486 1.27 -0.69 21.19
CA ALA A 486 1.77 -0.80 22.55
C ALA A 486 0.74 -1.37 23.51
N PHE A 487 -0.55 -1.06 23.29
CA PHE A 487 -1.58 -1.65 24.12
C PHE A 487 -1.88 -3.08 23.73
N GLY A 488 -1.69 -3.42 22.46
CA GLY A 488 -2.02 -4.73 21.95
C GLY A 488 -3.46 -4.89 21.49
N SER A 489 -4.30 -3.90 21.74
CA SER A 489 -5.71 -3.99 21.39
C SER A 489 -6.24 -2.58 21.16
N GLY A 490 -7.29 -2.49 20.36
CA GLY A 490 -7.88 -1.21 20.07
C GLY A 490 -9.08 -1.36 19.16
N CYS A 491 -9.79 -0.25 18.98
CA CYS A 491 -10.97 -0.21 18.14
C CYS A 491 -10.63 0.43 16.80
N ASN A 492 -11.25 -0.07 15.73
CA ASN A 492 -11.31 0.70 14.51
C ASN A 492 -12.26 1.87 14.71
N VAL A 493 -11.85 3.04 14.20
CA VAL A 493 -12.55 4.28 14.54
C VAL A 493 -13.89 4.34 13.82
N SER A 494 -14.95 4.48 14.60
CA SER A 494 -16.31 4.57 14.08
C SER A 494 -16.71 6.02 13.95
N LEU A 495 -17.39 6.36 12.86
CA LEU A 495 -17.66 7.75 12.51
C LEU A 495 -19.04 8.19 12.98
N GLY A 496 -20.08 7.45 12.63
CA GLY A 496 -21.40 7.81 13.10
C GLY A 496 -21.61 7.30 14.50
N GLY A 497 -21.51 8.19 15.49
CA GLY A 497 -21.49 7.73 16.87
C GLY A 497 -22.41 8.47 17.81
N GLN A 498 -23.08 7.73 18.69
CA GLN A 498 -23.92 8.31 19.72
C GLN A 498 -23.36 8.14 21.12
N ILE A 499 -22.42 7.23 21.30
CA ILE A 499 -21.81 6.92 22.59
C ILE A 499 -20.30 6.89 22.41
N LEU A 500 -19.59 7.61 23.28
CA LEU A 500 -18.14 7.68 23.23
C LEU A 500 -17.50 6.33 23.50
N CYS A 501 -16.49 5.98 22.71
CA CYS A 501 -15.81 4.70 22.86
C CYS A 501 -14.94 4.70 24.11
N ASN A 502 -14.99 3.60 24.86
CA ASN A 502 -14.23 3.48 26.09
C ASN A 502 -13.03 2.53 25.96
N CYS A 503 -12.57 2.25 24.75
CA CYS A 503 -11.33 1.51 24.59
C CYS A 503 -10.16 2.37 25.06
N LYS A 504 -9.09 1.71 25.52
CA LYS A 504 -7.94 2.32 26.16
C LYS A 504 -7.24 3.37 25.31
N VAL A 505 -7.02 3.04 24.04
CA VAL A 505 -6.41 3.92 23.04
C VAL A 505 -7.18 5.22 22.92
N CYS A 506 -8.51 5.14 22.88
CA CYS A 506 -9.32 6.34 22.71
C CYS A 506 -9.31 7.20 23.99
N ILE A 507 -9.32 6.55 25.16
CA ILE A 507 -9.26 7.26 26.43
C ILE A 507 -7.95 8.03 26.55
N GLU A 508 -6.84 7.41 26.15
CA GLU A 508 -5.56 8.12 26.22
C GLU A 508 -5.42 9.16 25.11
N MET A 509 -6.03 8.92 23.94
CA MET A 509 -5.89 9.89 22.86
C MET A 509 -6.83 11.07 23.00
N ARG A 510 -7.83 11.00 23.88
CA ARG A 510 -8.64 12.17 24.17
C ARG A 510 -7.97 13.11 25.17
N ARG A 511 -6.72 12.85 25.57
CA ARG A 511 -5.99 13.72 26.49
C ARG A 511 -4.69 14.24 25.89
N ILE A 512 -4.42 13.99 24.62
CA ILE A 512 -3.16 14.34 23.97
C ILE A 512 -3.40 15.46 22.97
N THR A 513 -2.60 16.52 23.06
CA THR A 513 -2.65 17.65 22.15
C THR A 513 -1.29 17.80 21.48
N LEU A 514 -1.28 18.00 20.16
CA LEU A 514 -0.07 18.14 19.36
C LEU A 514 -0.04 19.53 18.72
N LYS A 515 0.94 19.74 17.83
CA LYS A 515 1.10 21.01 17.13
C LYS A 515 1.81 20.75 15.80
N ASP A 516 1.38 21.45 14.76
CA ASP A 516 1.95 21.25 13.43
C ASP A 516 3.35 21.86 13.36
N SER A 517 4.11 21.39 12.37
CA SER A 517 5.53 21.72 12.28
C SER A 517 5.87 22.28 10.91
N VAL A 518 6.75 23.27 10.89
CA VAL A 518 7.33 23.83 9.67
C VAL A 518 8.82 24.00 9.89
N SER A 519 9.61 23.70 8.87
CA SER A 519 11.05 23.85 8.95
C SER A 519 11.46 25.29 8.68
N ASP A 520 12.77 25.54 8.78
CA ASP A 520 13.37 26.81 8.37
C ASP A 520 14.10 26.68 7.04
N PHE A 521 13.53 25.91 6.10
CA PHE A 521 14.20 25.52 4.88
C PHE A 521 13.21 25.66 3.73
N SER A 522 13.60 26.38 2.69
CA SER A 522 12.68 26.76 1.62
C SER A 522 13.30 26.54 0.24
N GLU A 523 14.00 25.43 0.08
CA GLU A 523 14.65 25.04 -1.16
C GLU A 523 13.82 23.99 -1.88
N PRO A 524 13.97 23.86 -3.20
CA PRO A 524 13.05 23.01 -3.97
C PRO A 524 13.30 21.54 -3.69
N PRO A 525 12.27 20.69 -3.90
CA PRO A 525 12.45 19.25 -3.68
C PRO A 525 13.21 18.58 -4.82
N GLU A 526 13.45 17.28 -4.67
CA GLU A 526 14.20 16.53 -5.67
C GLU A 526 13.28 15.54 -6.37
N ILE A 527 13.43 15.45 -7.68
CA ILE A 527 12.61 14.55 -8.49
C ILE A 527 13.31 13.19 -8.57
N ARG A 528 12.56 12.14 -8.32
CA ARG A 528 13.04 10.76 -8.39
C ARG A 528 12.12 9.98 -9.30
N TYR A 529 12.68 9.27 -10.26
CA TYR A 529 11.91 8.57 -11.26
C TYR A 529 11.77 7.09 -10.92
N ARG A 530 10.71 6.47 -11.44
CA ARG A 530 10.44 5.06 -11.23
C ARG A 530 9.84 4.45 -12.47
N ILE A 531 10.27 3.22 -12.79
CA ILE A 531 9.77 2.43 -13.90
C ILE A 531 9.28 1.09 -13.37
N ALA A 532 8.75 0.27 -14.27
CA ALA A 532 8.34 -1.10 -13.97
C ALA A 532 8.70 -1.99 -15.15
N LYS A 533 9.08 -3.22 -14.85
CA LYS A 533 9.66 -4.12 -15.83
C LYS A 533 8.70 -5.24 -16.21
N ASN A 534 8.74 -5.63 -17.48
CA ASN A 534 7.97 -6.76 -17.98
C ASN A 534 8.74 -8.04 -17.73
N PRO A 535 8.21 -8.97 -16.92
CA PRO A 535 9.03 -10.14 -16.53
C PRO A 535 9.27 -11.14 -17.64
N GLY A 536 8.46 -11.14 -18.68
CA GLY A 536 8.64 -12.11 -19.75
C GLY A 536 9.83 -11.78 -20.64
N THR A 537 9.98 -10.52 -21.00
CA THR A 537 11.02 -10.07 -21.92
C THR A 537 12.14 -9.29 -21.25
N ALA A 538 12.03 -9.04 -19.93
CA ALA A 538 13.02 -8.36 -19.10
C ALA A 538 13.34 -6.94 -19.58
N THR A 539 12.37 -6.30 -20.23
CA THR A 539 12.46 -4.91 -20.64
C THR A 539 11.36 -4.10 -19.95
N VAL A 540 11.25 -2.84 -20.30
CA VAL A 540 10.35 -1.92 -19.61
C VAL A 540 8.92 -2.14 -20.11
N GLU A 541 7.96 -2.11 -19.18
CA GLU A 541 6.56 -2.19 -19.54
C GLU A 541 6.11 -0.89 -20.20
N ASP A 542 5.06 -0.99 -21.01
CA ASP A 542 4.52 0.18 -21.68
C ASP A 542 3.69 1.01 -20.70
N GLY A 543 4.03 2.28 -20.56
CA GLY A 543 3.31 3.17 -19.68
C GLY A 543 3.59 2.93 -18.21
N SER A 544 4.85 2.98 -17.81
CA SER A 544 5.20 2.74 -16.42
C SER A 544 6.21 3.72 -15.85
N LEU A 545 6.52 4.81 -16.54
CA LEU A 545 7.36 5.85 -15.96
C LEU A 545 6.53 6.80 -15.11
N PHE A 546 7.08 7.17 -13.95
CA PHE A 546 6.48 8.26 -13.17
C PHE A 546 7.56 8.90 -12.31
N ASP A 547 7.22 10.05 -11.72
CA ASP A 547 8.16 10.86 -10.97
C ASP A 547 7.56 11.33 -9.65
N ILE A 548 8.38 11.33 -8.60
CA ILE A 548 7.98 11.64 -7.23
C ILE A 548 8.88 12.73 -6.70
N GLU A 549 8.30 13.68 -5.97
CA GLU A 549 9.07 14.70 -5.27
C GLU A 549 9.41 14.22 -3.87
N VAL A 550 10.68 14.29 -3.52
CA VAL A 550 11.14 13.90 -2.19
C VAL A 550 11.87 15.07 -1.56
N GLY A 551 11.92 15.06 -0.23
CA GLY A 551 12.62 16.06 0.53
C GLY A 551 13.97 15.57 1.00
N PRO A 552 14.81 16.47 1.47
CA PRO A 552 16.17 16.08 1.85
C PRO A 552 16.20 15.39 3.20
N GLU A 553 17.20 14.53 3.39
CA GLU A 553 17.42 13.92 4.69
C GLU A 553 18.31 14.80 5.55
N GLY A 554 18.12 14.71 6.85
CA GLY A 554 18.82 15.55 7.80
C GLY A 554 18.05 16.78 8.23
N LEU A 555 16.87 17.01 7.67
CA LEU A 555 16.06 18.16 8.04
C LEU A 555 15.52 18.00 9.44
N THR A 556 15.27 19.12 10.11
CA THR A 556 14.85 19.12 11.50
C THR A 556 13.58 19.96 11.66
N PHE A 557 12.67 19.47 12.49
CA PHE A 557 11.34 20.02 12.74
C PHE A 557 11.14 20.14 14.23
N PRO A 558 10.32 21.09 14.69
CA PRO A 558 9.97 21.12 16.11
C PRO A 558 8.92 20.08 16.47
N PHE A 559 8.88 19.72 17.75
CA PHE A 559 7.95 18.69 18.24
C PHE A 559 7.46 19.08 19.62
N VAL A 560 6.13 19.20 19.78
CA VAL A 560 5.48 19.55 21.04
C VAL A 560 4.37 18.56 21.31
N LEU A 561 4.33 18.00 22.52
CA LEU A 561 3.24 17.14 22.96
C LEU A 561 2.77 17.58 24.33
N ARG A 562 1.46 17.51 24.57
CA ARG A 562 0.87 17.84 25.86
C ARG A 562 -0.05 16.72 26.32
N TYR A 563 -0.05 16.44 27.62
CA TYR A 563 -0.90 15.42 28.21
C TYR A 563 -1.47 15.93 29.51
N ARG A 564 -2.78 15.96 29.64
CA ARG A 564 -3.44 16.43 30.85
C ARG A 564 -4.18 15.26 31.50
N GLY A 565 -3.76 14.89 32.71
CA GLY A 565 -4.38 13.75 33.36
C GLY A 565 -3.87 13.56 34.77
N HIS A 566 -4.15 12.36 35.30
CA HIS A 566 -3.85 12.05 36.70
C HIS A 566 -2.52 11.34 36.89
N LYS A 567 -2.07 10.58 35.89
CA LYS A 567 -0.75 9.97 35.94
C LYS A 567 -0.25 9.77 34.52
N PHE A 568 1.06 9.74 34.38
CA PHE A 568 1.69 9.59 33.07
C PHE A 568 1.64 8.12 32.66
N PRO A 569 1.12 7.80 31.48
CA PRO A 569 0.99 6.39 31.09
C PRO A 569 2.33 5.75 30.78
N GLU A 570 2.39 4.44 31.00
CA GLU A 570 3.58 3.66 30.66
C GLU A 570 3.67 3.39 29.17
N GLN A 571 2.52 3.29 28.50
CA GLN A 571 2.51 3.03 27.06
C GLN A 571 2.97 4.26 26.28
N LEU A 572 2.62 5.46 26.76
CA LEU A 572 3.10 6.68 26.13
C LEU A 572 4.61 6.82 26.29
N SER A 573 5.13 6.43 27.46
CA SER A 573 6.57 6.42 27.68
C SER A 573 7.26 5.41 26.77
N SER A 574 6.61 4.26 26.54
CA SER A 574 7.16 3.27 25.62
C SER A 574 7.20 3.77 24.18
N VAL A 575 6.17 4.49 23.75
CA VAL A 575 6.13 5.03 22.39
C VAL A 575 7.18 6.13 22.21
N ILE A 576 7.34 6.99 23.23
CA ILE A 576 8.33 8.06 23.15
C ILE A 576 9.75 7.50 23.15
N ARG A 577 10.01 6.47 23.95
CA ARG A 577 11.32 5.82 23.93
C ARG A 577 11.55 5.04 22.64
N TYR A 578 10.48 4.55 22.02
CA TYR A 578 10.59 3.91 20.72
C TYR A 578 10.98 4.91 19.64
N TRP A 579 10.41 6.11 19.70
CA TRP A 579 10.61 7.06 18.61
C TRP A 579 11.97 7.74 18.67
N GLU A 580 12.58 7.83 19.85
CA GLU A 580 13.81 8.58 19.98
C GLU A 580 15.02 7.72 19.64
N GLU A 581 16.16 8.37 19.44
CA GLU A 581 17.40 7.71 19.10
C GLU A 581 18.47 8.05 20.14
N ASN A 582 19.42 7.14 20.29
CA ASN A 582 20.52 7.30 21.23
C ASN A 582 21.72 6.57 20.66
N ASP A 583 22.70 6.26 21.50
CA ASP A 583 23.82 5.44 21.06
C ASP A 583 23.39 3.97 21.00
N GLY A 584 23.59 3.35 19.84
CA GLY A 584 23.17 1.98 19.63
C GLY A 584 21.78 1.85 19.05
N LYS A 585 20.79 2.39 19.75
CA LYS A 585 19.42 2.39 19.27
C LYS A 585 19.21 3.51 18.27
N ASN A 586 18.36 3.26 17.28
CA ASN A 586 17.97 4.29 16.32
C ASN A 586 16.46 4.44 16.33
N GLY A 587 16.01 5.61 15.88
CA GLY A 587 14.60 5.94 15.96
C GLY A 587 13.77 5.14 14.96
N MET A 588 12.50 4.96 15.31
CA MET A 588 11.58 4.13 14.53
C MET A 588 10.24 4.81 14.34
N ALA A 589 10.25 6.07 13.94
CA ALA A 589 9.03 6.85 13.72
C ALA A 589 8.74 6.91 12.23
N TRP A 590 7.81 6.07 11.77
CA TRP A 590 7.44 6.04 10.36
C TRP A 590 6.27 7.00 10.13
N LEU A 591 6.55 8.14 9.52
CA LEU A 591 5.52 9.08 9.10
C LEU A 591 5.55 9.19 7.58
N GLY A 592 4.39 9.37 6.98
CA GLY A 592 4.32 9.63 5.56
C GLY A 592 3.77 8.47 4.76
N GLY A 593 4.09 8.47 3.47
CA GLY A 593 3.40 7.60 2.54
C GLY A 593 4.18 6.91 1.44
N LEU A 594 5.44 6.57 1.67
CA LEU A 594 6.19 5.66 0.79
C LEU A 594 7.02 4.71 1.63
N ASP A 595 6.40 4.12 2.66
CA ASP A 595 7.15 3.45 3.73
C ASP A 595 7.80 2.15 3.25
N SER A 596 7.22 1.49 2.25
CA SER A 596 7.78 0.26 1.73
C SER A 596 9.09 0.49 1.01
N THR A 597 9.25 1.66 0.39
CA THR A 597 10.51 2.06 -0.21
C THR A 597 11.44 2.72 0.81
N GLY A 598 11.01 2.83 2.05
CA GLY A 598 11.85 3.33 3.11
C GLY A 598 11.80 4.81 3.32
N LYS A 599 10.77 5.49 2.83
CA LYS A 599 10.72 6.94 2.90
C LYS A 599 9.85 7.39 4.06
N GLY A 600 10.49 8.02 5.04
CA GLY A 600 9.75 8.63 6.12
C GLY A 600 10.05 8.11 7.52
N ARG A 601 11.25 7.62 7.74
CA ARG A 601 11.67 7.21 9.07
C ARG A 601 12.33 8.39 9.78
N PHE A 602 11.74 8.84 10.87
CA PHE A 602 12.22 9.98 11.62
C PHE A 602 12.79 9.52 12.96
N ALA A 603 13.57 10.39 13.57
CA ALA A 603 14.12 10.17 14.90
C ALA A 603 13.84 11.39 15.76
N LEU A 604 13.70 11.16 17.06
CA LEU A 604 13.34 12.21 18.00
C LEU A 604 14.55 12.52 18.87
N LYS A 605 14.91 13.79 18.93
CA LYS A 605 16.11 14.21 19.67
C LYS A 605 15.79 15.45 20.49
N ASP A 606 16.71 15.76 21.41
CA ASP A 606 16.65 16.90 22.32
C ASP A 606 15.37 16.92 23.15
N ILE A 607 15.04 15.77 23.73
CA ILE A 607 13.77 15.62 24.44
C ILE A 607 13.91 16.23 25.84
N LYS A 608 12.99 17.14 26.17
CA LYS A 608 12.83 17.64 27.52
C LYS A 608 11.38 17.48 27.93
N ILE A 609 11.16 17.09 29.19
CA ILE A 609 9.82 16.88 29.72
C ILE A 609 9.64 17.78 30.94
N PHE A 610 8.56 18.56 30.95
CA PHE A 610 8.23 19.47 32.03
C PHE A 610 6.86 19.14 32.58
N GLU A 611 6.66 19.44 33.86
CA GLU A 611 5.45 19.10 34.61
C GLU A 611 4.84 20.36 35.23
N TRP A 612 3.51 20.48 35.10
CA TRP A 612 2.75 21.57 35.69
C TRP A 612 1.70 20.98 36.62
N ASP A 613 1.70 21.39 37.88
CA ASP A 613 0.70 20.96 38.84
C ASP A 613 -0.46 21.94 38.78
N LEU A 614 -1.68 21.42 38.78
CA LEU A 614 -2.85 22.25 38.52
C LEU A 614 -3.67 22.56 39.76
N ASN A 615 -3.55 21.77 40.83
CA ASN A 615 -4.34 22.01 42.03
C ASN A 615 -3.81 23.17 42.86
N GLN A 616 -2.53 23.52 42.71
CA GLN A 616 -1.95 24.64 43.46
C GLN A 616 -1.39 25.74 42.59
N LYS A 617 -1.07 25.49 41.33
CA LYS A 617 -0.51 26.49 40.43
C LYS A 617 -1.45 26.80 39.27
N ILE A 618 -2.74 26.97 39.56
CA ILE A 618 -3.71 27.21 38.49
C ILE A 618 -3.69 28.68 38.06
N ASN A 619 -3.38 29.59 38.99
CA ASN A 619 -3.29 31.01 38.66
C ASN A 619 -2.09 31.28 37.76
N GLU A 620 -0.98 30.58 37.99
CA GLU A 620 0.20 30.75 37.15
C GLU A 620 -0.03 30.20 35.75
N TYR A 621 -0.77 29.09 35.66
CA TYR A 621 -1.17 28.55 34.36
C TYR A 621 -2.06 29.53 33.60
N ILE A 622 -3.04 30.11 34.29
CA ILE A 622 -3.93 31.10 33.68
C ILE A 622 -3.15 32.34 33.23
N LYS A 623 -2.17 32.77 34.05
CA LYS A 623 -1.42 33.99 33.73
C LYS A 623 -0.45 33.77 32.57
N GLU A 624 0.22 32.63 32.53
CA GLU A 624 1.16 32.35 31.47
C GLU A 624 0.54 31.74 30.23
N ARG A 625 -0.77 31.44 30.27
CA ARG A 625 -1.55 30.89 29.16
C ARG A 625 -1.01 29.55 28.69
N GLY A 626 -0.42 28.77 29.60
CA GLY A 626 0.04 27.43 29.29
C GLY A 626 1.24 27.33 28.38
N MET A 627 1.91 28.47 28.11
CA MET A 627 2.98 28.59 27.13
C MET A 627 2.54 28.09 25.75
N ARG A 628 1.35 28.49 25.34
CA ARG A 628 0.83 28.15 24.02
C ARG A 628 1.36 29.16 23.01
N GLY A 629 2.18 28.69 22.07
CA GLY A 629 2.80 29.57 21.10
C GLY A 629 4.18 30.05 21.48
N LYS A 630 4.70 29.67 22.65
CA LYS A 630 6.03 30.04 23.11
C LYS A 630 6.85 28.82 23.45
N GLU A 631 6.62 27.70 22.75
CA GLU A 631 7.35 26.48 23.03
C GLU A 631 8.74 26.47 22.40
N LYS A 632 9.00 27.38 21.44
CA LYS A 632 10.35 27.49 20.89
C LYS A 632 11.31 28.05 21.94
N GLU A 633 10.82 28.93 22.80
CA GLU A 633 11.66 29.47 23.87
C GLU A 633 11.99 28.41 24.92
N LEU A 634 11.12 27.41 25.10
CA LEU A 634 11.34 26.39 26.11
C LEU A 634 12.51 25.48 25.78
N LEU A 635 12.83 25.31 24.48
CA LEU A 635 13.91 24.42 24.10
C LEU A 635 15.27 24.99 24.45
N GLU A 636 15.43 26.31 24.34
CA GLU A 636 16.68 26.97 24.69
C GLU A 636 16.67 27.54 26.10
N MET A 637 15.55 27.45 26.81
CA MET A 637 15.47 28.00 28.16
C MET A 637 16.29 27.18 29.14
N GLY A 638 16.99 27.87 30.03
CA GLY A 638 17.72 27.21 31.10
C GLY A 638 16.81 26.75 32.21
N GLU A 639 17.43 26.14 33.22
CA GLU A 639 16.67 25.66 34.37
C GLU A 639 16.13 26.81 35.20
N SER A 640 16.86 27.92 35.27
CA SER A 640 16.54 29.01 36.17
C SER A 640 15.69 30.09 35.53
N SER A 641 15.34 29.96 34.25
CA SER A 641 14.49 30.94 33.59
C SER A 641 13.07 30.45 33.38
N LEU A 642 12.70 29.29 33.94
CA LEU A 642 11.36 28.77 33.82
C LEU A 642 10.37 29.65 34.58
N PRO A 643 9.12 29.71 34.14
CA PRO A 643 8.11 30.47 34.88
C PRO A 643 7.70 29.76 36.16
N ASP A 644 6.82 30.41 36.91
CA ASP A 644 6.35 29.85 38.16
C ASP A 644 5.35 28.73 37.90
N GLY A 645 5.55 27.61 38.58
CA GLY A 645 4.65 26.48 38.48
C GLY A 645 5.13 25.36 37.59
N LEU A 646 6.11 25.62 36.73
CA LEU A 646 6.61 24.63 35.78
C LEU A 646 7.93 24.07 36.31
N ILE A 647 7.94 22.77 36.59
CA ILE A 647 9.13 22.13 37.14
C ILE A 647 9.63 21.14 36.10
N PRO A 648 10.92 20.79 36.14
CA PRO A 648 11.39 19.67 35.33
C PRO A 648 10.87 18.36 35.89
N TYR A 649 10.53 17.45 34.98
CA TYR A 649 9.96 16.16 35.34
C TYR A 649 11.10 15.15 35.45
N LYS A 650 11.23 14.54 36.63
CA LYS A 650 12.38 13.70 36.91
C LYS A 650 12.08 12.21 36.88
N PHE A 651 10.84 11.81 37.08
CA PHE A 651 10.49 10.39 37.16
C PHE A 651 10.08 9.83 35.79
N PHE A 652 10.93 10.02 34.79
CA PHE A 652 10.70 9.48 33.46
C PHE A 652 11.40 8.13 33.36
N GLU A 653 10.63 7.08 33.08
CA GLU A 653 11.16 5.73 33.18
C GLU A 653 12.10 5.43 32.02
N GLU A 654 13.16 4.69 32.32
CA GLU A 654 14.17 4.36 31.33
C GLU A 654 13.66 3.24 30.42
N ARG A 655 14.43 2.97 29.36
CA ARG A 655 13.98 2.10 28.28
C ARG A 655 13.95 0.64 28.69
N GLU A 656 14.84 0.22 29.58
CA GLU A 656 14.90 -1.18 29.97
C GLU A 656 13.87 -1.57 31.03
N CYS A 657 13.13 -0.61 31.58
CA CYS A 657 12.15 -0.88 32.61
C CYS A 657 10.72 -0.83 32.10
N LEU A 658 10.50 -0.45 30.84
CA LEU A 658 9.17 -0.28 30.29
C LEU A 658 8.66 -1.62 29.78
N PHE A 659 7.55 -2.07 30.36
CA PHE A 659 6.98 -3.37 29.99
C PHE A 659 6.20 -3.37 28.67
N PRO A 660 5.49 -2.31 28.26
CA PRO A 660 5.01 -2.29 26.86
C PRO A 660 6.13 -2.25 25.84
N TYR A 661 7.24 -1.61 26.14
CA TYR A 661 8.45 -1.81 25.37
C TYR A 661 8.99 -3.21 25.63
N LYS A 662 9.79 -3.71 24.69
CA LYS A 662 10.51 -5.00 24.72
C LYS A 662 9.58 -6.22 24.73
N GLU A 663 8.28 -6.03 24.68
CA GLU A 663 7.28 -7.08 24.57
C GLU A 663 6.35 -6.87 23.38
N ASN A 664 6.08 -5.62 23.02
CA ASN A 664 5.18 -5.29 21.94
C ASN A 664 5.81 -4.43 20.84
N LEU A 665 6.66 -3.48 21.19
CA LEU A 665 7.19 -2.51 20.24
C LEU A 665 8.56 -2.86 19.70
N LYS A 666 9.47 -3.33 20.56
CA LYS A 666 10.81 -3.71 20.10
C LYS A 666 10.84 -4.91 19.13
N PRO A 667 10.10 -6.02 19.32
CA PRO A 667 10.14 -7.08 18.30
C PRO A 667 9.36 -6.80 17.03
N GLN A 668 8.88 -5.59 16.80
CA GLN A 668 7.97 -5.35 15.67
C GLN A 668 8.71 -5.35 14.34
N TRP A 669 9.80 -4.60 14.24
CA TRP A 669 10.63 -4.59 13.04
C TRP A 669 12.05 -4.98 13.41
N SER A 670 12.64 -5.87 12.62
CA SER A 670 14.01 -6.34 12.82
C SER A 670 14.86 -5.92 11.63
N GLU A 671 16.11 -5.58 11.89
CA GLU A 671 16.99 -4.97 10.90
C GLU A 671 18.03 -5.96 10.41
N VAL A 672 18.21 -6.03 9.09
CA VAL A 672 19.29 -6.79 8.47
C VAL A 672 20.15 -5.81 7.69
N GLN A 673 21.42 -5.73 8.04
CA GLN A 673 22.35 -4.77 7.46
C GLN A 673 23.51 -5.52 6.82
N TYR A 674 23.84 -5.17 5.58
CA TYR A 674 24.87 -5.91 4.85
C TYR A 674 25.64 -4.96 3.95
N THR A 675 26.70 -5.50 3.35
CA THR A 675 27.62 -4.74 2.51
C THR A 675 27.95 -5.52 1.26
N ILE A 676 27.76 -4.89 0.11
CA ILE A 676 28.00 -5.48 -1.20
C ILE A 676 29.31 -4.95 -1.74
N GLU A 677 30.12 -5.85 -2.30
CA GLU A 677 31.37 -5.48 -2.96
C GLU A 677 31.22 -5.73 -4.45
N VAL A 678 31.32 -4.65 -5.22
CA VAL A 678 31.19 -4.65 -6.68
C VAL A 678 32.57 -4.45 -7.28
N GLY A 679 32.99 -5.38 -8.13
CA GLY A 679 34.32 -5.31 -8.72
C GLY A 679 34.31 -4.96 -10.20
N SER A 680 33.31 -4.19 -10.60
CA SER A 680 33.12 -3.75 -11.98
C SER A 680 32.68 -2.30 -11.95
N PRO A 681 32.68 -1.61 -13.09
CA PRO A 681 32.01 -0.30 -13.16
C PRO A 681 30.52 -0.40 -12.85
N LEU A 682 30.01 0.64 -12.20
CA LEU A 682 28.62 0.68 -11.75
C LEU A 682 27.96 1.93 -12.29
N LEU A 683 26.83 1.76 -12.98
CA LEU A 683 26.13 2.87 -13.63
C LEU A 683 24.64 2.74 -13.39
N THR A 684 24.10 3.63 -12.55
CA THR A 684 22.67 3.86 -12.43
C THR A 684 22.40 5.25 -12.99
N ALA A 685 21.77 5.30 -14.17
CA ALA A 685 21.77 6.52 -14.97
C ALA A 685 20.83 7.58 -14.42
N ASP A 686 21.09 8.83 -14.80
CA ASP A 686 20.27 9.97 -14.42
C ASP A 686 19.62 10.66 -15.62
N THR A 687 20.40 11.00 -16.65
CA THR A 687 20.02 11.45 -18.00
C THR A 687 19.35 12.82 -18.07
N ILE A 688 19.08 13.46 -16.93
CA ILE A 688 18.65 14.86 -16.93
C ILE A 688 19.72 15.73 -16.30
N SER A 689 20.32 15.23 -15.21
CA SER A 689 21.48 15.89 -14.63
C SER A 689 22.66 15.89 -15.59
N ALA A 690 22.75 14.88 -16.45
CA ALA A 690 23.76 14.90 -17.50
C ALA A 690 23.48 15.98 -18.53
N LEU A 691 22.21 16.34 -18.72
CA LEU A 691 21.86 17.43 -19.62
C LEU A 691 22.16 18.79 -19.02
N THR A 692 21.96 18.96 -17.71
CA THR A 692 22.10 20.27 -17.11
C THR A 692 23.42 20.50 -16.39
N GLU A 693 24.42 19.63 -16.58
CA GLU A 693 25.71 19.82 -15.92
C GLU A 693 26.83 19.87 -16.95
N PRO A 694 27.91 20.60 -16.67
CA PRO A 694 29.02 20.69 -17.63
C PRO A 694 29.78 19.38 -17.77
N GLY A 695 30.32 19.18 -18.97
CA GLY A 695 31.02 17.95 -19.29
C GLY A 695 30.61 17.34 -20.62
N ASN A 696 29.36 17.57 -21.00
CA ASN A 696 28.74 17.05 -22.23
C ASN A 696 28.80 15.54 -22.29
N ARG A 697 28.12 14.90 -21.34
CA ARG A 697 28.12 13.45 -21.23
C ARG A 697 26.70 12.92 -21.30
N ASP A 698 26.58 11.67 -21.71
CA ASP A 698 25.27 11.08 -22.01
C ASP A 698 24.60 10.53 -20.76
N ALA A 699 25.26 9.61 -20.07
CA ALA A 699 24.72 8.99 -18.87
C ALA A 699 25.73 9.15 -17.74
N ILE A 700 25.29 9.76 -16.65
CA ILE A 700 26.13 9.95 -15.47
C ILE A 700 25.50 9.19 -14.31
N ALA A 701 26.24 9.11 -13.21
CA ALA A 701 25.80 8.35 -12.06
C ALA A 701 24.75 9.12 -11.25
N TYR A 702 24.16 8.43 -10.28
CA TYR A 702 23.10 8.98 -9.46
C TYR A 702 23.67 9.57 -8.18
N LYS A 703 23.15 10.74 -7.80
CA LYS A 703 23.61 11.48 -6.62
C LYS A 703 22.42 11.87 -5.76
N LYS A 704 22.72 12.13 -4.49
CA LYS A 704 21.72 12.53 -3.50
C LYS A 704 22.09 13.89 -2.92
N ARG A 705 21.09 14.60 -2.42
CA ARG A 705 21.28 15.86 -1.72
C ARG A 705 20.98 15.64 -0.24
N VAL A 706 21.99 15.82 0.60
CA VAL A 706 21.90 15.58 2.03
C VAL A 706 22.03 16.90 2.76
N TYR A 707 21.14 17.16 3.70
CA TYR A 707 21.14 18.40 4.46
C TYR A 707 21.92 18.24 5.75
N ASN A 708 22.63 19.29 6.15
CA ASN A 708 23.46 19.29 7.34
C ASN A 708 22.84 20.17 8.41
N ASP A 709 23.04 19.79 9.67
CA ASP A 709 22.39 20.48 10.78
C ASP A 709 23.30 21.39 11.58
N GLY A 710 24.60 21.09 11.62
CA GLY A 710 25.53 21.99 12.28
C GLY A 710 25.69 23.30 11.51
N ASN A 711 25.91 23.21 10.22
CA ASN A 711 25.84 24.35 9.31
C ASN A 711 24.55 24.26 8.50
N ASN A 712 23.82 25.37 8.44
CA ASN A 712 22.46 25.36 7.94
C ASN A 712 22.36 25.27 6.41
N ALA A 713 23.48 25.14 5.70
CA ALA A 713 23.43 24.84 4.28
C ALA A 713 23.14 23.36 4.07
N ILE A 714 23.03 22.95 2.80
CA ILE A 714 22.69 21.56 2.51
C ILE A 714 23.91 20.69 2.78
N GLU A 715 24.92 20.80 1.91
CA GLU A 715 26.21 20.11 1.92
C GLU A 715 26.98 20.65 0.73
N PRO A 716 28.32 20.64 0.75
CA PRO A 716 29.05 21.08 -0.45
C PRO A 716 29.07 20.05 -1.56
N GLU A 717 29.14 18.76 -1.23
CA GLU A 717 29.28 17.72 -2.22
C GLU A 717 28.23 16.64 -2.03
N PRO A 718 27.74 16.04 -3.12
CA PRO A 718 26.71 15.01 -3.01
C PRO A 718 27.29 13.67 -2.60
N ARG A 719 26.38 12.71 -2.39
CA ARG A 719 26.73 11.35 -2.01
C ARG A 719 26.17 10.38 -3.04
N PHE A 720 27.02 9.53 -3.60
CA PHE A 720 26.58 8.56 -4.58
C PHE A 720 25.84 7.42 -3.89
N ALA A 721 24.81 6.91 -4.57
CA ALA A 721 23.96 5.89 -3.96
C ALA A 721 23.30 5.05 -5.04
N VAL A 722 22.77 3.91 -4.61
CA VAL A 722 21.86 3.09 -5.39
C VAL A 722 20.49 3.19 -4.73
N LYS A 723 19.44 3.32 -5.54
CA LYS A 723 18.10 3.58 -5.03
C LYS A 723 17.55 2.38 -4.27
N SER A 724 16.56 2.66 -3.41
CA SER A 724 15.88 1.59 -2.69
C SER A 724 14.93 0.82 -3.59
N GLU A 725 14.36 1.48 -4.59
CA GLU A 725 13.49 0.83 -5.58
C GLU A 725 14.24 -0.26 -6.33
N THR A 726 15.51 -0.01 -6.64
CA THR A 726 16.28 -0.94 -7.46
C THR A 726 16.52 -2.27 -6.74
N HIS A 727 17.03 -2.23 -5.52
CA HIS A 727 17.33 -3.50 -4.87
C HIS A 727 16.10 -4.11 -4.22
N ARG A 728 15.04 -3.32 -3.97
CA ARG A 728 13.73 -3.90 -3.70
C ARG A 728 13.24 -4.74 -4.88
N GLY A 729 13.36 -4.20 -6.09
CA GLY A 729 12.98 -4.95 -7.28
C GLY A 729 13.87 -6.15 -7.54
N ILE A 730 15.14 -6.06 -7.16
CA ILE A 730 16.06 -7.21 -7.29
C ILE A 730 15.60 -8.36 -6.39
N PHE A 731 15.30 -8.05 -5.12
CA PHE A 731 14.79 -9.05 -4.19
C PHE A 731 13.47 -9.63 -4.66
N ARG A 732 12.58 -8.78 -5.17
CA ARG A 732 11.26 -9.23 -5.62
C ARG A 732 11.37 -10.14 -6.85
N THR A 733 12.26 -9.78 -7.79
CA THR A 733 12.46 -10.58 -8.99
C THR A 733 13.10 -11.92 -8.67
N ALA A 734 14.04 -11.94 -7.73
CA ALA A 734 14.69 -13.19 -7.32
C ALA A 734 13.69 -14.14 -6.66
N VAL A 735 12.88 -13.63 -5.73
CA VAL A 735 11.89 -14.46 -5.06
C VAL A 735 10.82 -14.95 -6.04
N GLY A 736 10.39 -14.07 -6.96
CA GLY A 736 9.37 -14.45 -7.92
C GLY A 736 9.85 -15.46 -8.94
N ARG A 737 11.14 -15.43 -9.27
CA ARG A 737 11.67 -16.43 -10.19
C ARG A 737 11.90 -17.77 -9.50
N ARG A 738 12.34 -17.75 -8.23
CA ARG A 738 12.57 -19.01 -7.53
C ARG A 738 11.27 -19.73 -7.20
N THR A 739 10.23 -18.98 -6.82
CA THR A 739 8.97 -19.64 -6.50
C THR A 739 8.15 -19.96 -7.75
N GLY A 740 8.10 -19.03 -8.68
CA GLY A 740 7.30 -19.19 -9.87
C GLY A 740 6.03 -18.37 -9.91
N ASP A 741 6.00 -17.23 -9.23
CA ASP A 741 4.80 -16.40 -9.15
C ASP A 741 4.81 -15.22 -10.10
N LEU A 742 5.93 -14.95 -10.78
CA LEU A 742 5.98 -13.85 -11.73
C LEU A 742 5.20 -14.14 -13.00
N GLY A 743 4.90 -15.40 -13.28
CA GLY A 743 4.22 -15.79 -14.50
C GLY A 743 2.72 -15.61 -14.49
N LYS A 744 2.13 -15.27 -13.35
CA LYS A 744 0.69 -15.09 -13.27
C LYS A 744 0.26 -13.80 -13.96
N GLU A 745 -0.87 -13.87 -14.68
CA GLU A 745 -1.29 -12.73 -15.49
C GLU A 745 -1.92 -11.64 -14.64
N ASP A 746 -2.51 -11.99 -13.49
CA ASP A 746 -3.11 -11.01 -12.60
C ASP A 746 -2.89 -11.42 -11.16
N HIS A 747 -2.76 -10.43 -10.29
CA HIS A 747 -2.55 -10.64 -8.86
C HIS A 747 -3.68 -10.06 -8.02
N GLU A 748 -4.87 -9.93 -8.59
CA GLU A 748 -6.02 -9.43 -7.85
C GLU A 748 -6.60 -10.54 -6.98
N ASP A 749 -6.73 -10.26 -5.68
CA ASP A 749 -7.16 -11.20 -4.65
C ASP A 749 -6.30 -12.46 -4.65
N CYS A 750 -5.01 -12.26 -4.39
CA CYS A 750 -4.02 -13.32 -4.48
C CYS A 750 -3.41 -13.59 -3.11
N THR A 751 -3.15 -14.87 -2.83
CA THR A 751 -2.52 -15.31 -1.60
C THR A 751 -1.18 -15.98 -1.85
N CYS A 752 -0.52 -15.66 -2.95
CA CYS A 752 0.78 -16.26 -3.26
C CYS A 752 1.86 -15.71 -2.34
N ASP A 753 3.03 -16.36 -2.37
CA ASP A 753 4.13 -15.98 -1.48
C ASP A 753 4.66 -14.59 -1.79
N MET A 754 4.77 -14.25 -3.07
CA MET A 754 5.30 -12.95 -3.46
C MET A 754 4.37 -11.82 -3.03
N CYS A 755 3.06 -12.04 -3.13
CA CYS A 755 2.11 -11.03 -2.68
C CYS A 755 2.02 -10.96 -1.17
N ILE A 756 2.38 -12.03 -0.46
CA ILE A 756 2.38 -12.00 0.99
C ILE A 756 3.57 -11.22 1.51
N ILE A 757 4.76 -11.48 0.95
CA ILE A 757 5.95 -10.77 1.44
C ILE A 757 5.98 -9.33 0.93
N PHE A 758 5.63 -9.11 -0.34
CA PHE A 758 5.86 -7.82 -0.97
C PHE A 758 4.58 -7.04 -1.26
N GLY A 759 3.44 -7.47 -0.74
CA GLY A 759 2.23 -6.68 -0.83
C GLY A 759 1.52 -6.66 -2.17
N ASN A 760 0.28 -6.17 -2.18
CA ASN A 760 -0.50 -6.04 -3.40
C ASN A 760 -1.41 -4.82 -3.24
N GLU A 761 -2.47 -4.77 -4.06
CA GLU A 761 -3.43 -3.66 -4.00
C GLU A 761 -4.19 -3.66 -2.67
N HIS A 762 -4.41 -4.83 -2.09
CA HIS A 762 -5.22 -4.96 -0.88
C HIS A 762 -4.42 -5.06 0.41
N GLU A 763 -3.09 -5.16 0.35
CA GLU A 763 -2.29 -5.36 1.55
C GLU A 763 -0.95 -4.66 1.40
N SER A 764 -0.44 -4.13 2.51
CA SER A 764 0.85 -3.47 2.53
C SER A 764 1.98 -4.50 2.60
N SER A 765 3.20 -4.02 2.34
CA SER A 765 4.35 -4.91 2.29
C SER A 765 4.83 -5.26 3.69
N LYS A 766 5.31 -6.49 3.85
CA LYS A 766 5.85 -6.97 5.11
C LYS A 766 7.35 -6.75 5.22
N ILE A 767 7.96 -6.09 4.25
CA ILE A 767 9.40 -5.86 4.23
C ILE A 767 9.64 -4.45 3.71
N ARG A 768 10.64 -3.77 4.28
CA ARG A 768 10.91 -2.38 3.94
C ARG A 768 12.38 -2.21 3.61
N PHE A 769 12.67 -1.53 2.51
CA PHE A 769 14.01 -1.45 1.96
C PHE A 769 14.54 -0.02 2.04
N GLU A 770 15.85 0.11 2.19
CA GLU A 770 16.51 1.41 2.19
C GLU A 770 17.63 1.43 1.16
N ASP A 771 18.24 2.59 1.00
CA ASP A 771 19.21 2.82 -0.07
C ASP A 771 20.53 2.12 0.22
N LEU A 772 21.31 1.93 -0.85
CA LEU A 772 22.68 1.43 -0.77
C LEU A 772 23.62 2.61 -1.02
N GLU A 773 24.39 2.99 -0.01
CA GLU A 773 25.24 4.16 -0.07
C GLU A 773 26.69 3.74 -0.21
N LEU A 774 27.44 4.48 -1.03
CA LEU A 774 28.86 4.23 -1.20
C LEU A 774 29.62 4.67 0.04
N ILE A 775 30.45 3.78 0.58
CA ILE A 775 31.14 4.05 1.84
C ILE A 775 32.65 4.18 1.70
N ASN A 776 33.24 3.92 0.53
CA ASN A 776 34.69 3.99 0.37
C ASN A 776 35.08 4.88 -0.81
N GLY A 777 34.36 5.97 -1.01
CA GLY A 777 34.62 6.83 -2.14
C GLY A 777 35.77 7.79 -1.99
N ASN A 778 36.45 7.80 -0.85
CA ASN A 778 37.58 8.69 -0.62
C ASN A 778 38.93 8.00 -0.79
N GLU A 779 38.94 6.67 -0.92
CA GLU A 779 40.16 5.94 -1.19
C GLU A 779 40.55 5.96 -2.67
N PHE A 780 39.74 6.59 -3.52
CA PHE A 780 39.98 6.68 -4.94
C PHE A 780 40.51 8.04 -5.32
N GLU A 781 41.40 8.06 -6.31
CA GLU A 781 41.62 9.24 -7.13
C GLU A 781 40.92 8.99 -8.46
N LYS A 782 40.19 10.01 -8.95
CA LYS A 782 39.35 9.93 -10.15
C LYS A 782 38.30 8.81 -10.02
N LEU A 783 37.34 9.06 -9.12
CA LEU A 783 36.25 8.13 -8.85
C LEU A 783 35.45 7.75 -10.10
N GLU A 784 35.22 8.70 -10.99
CA GLU A 784 34.46 8.43 -12.20
C GLU A 784 35.37 8.22 -13.40
N LYS A 785 34.97 7.32 -14.28
CA LYS A 785 35.73 6.92 -15.46
C LYS A 785 34.93 7.26 -16.70
N HIS A 786 35.61 7.64 -17.78
CA HIS A 786 34.96 7.97 -19.04
C HIS A 786 35.19 6.83 -20.03
N ILE A 787 34.10 6.17 -20.43
CA ILE A 787 34.18 5.04 -21.35
C ILE A 787 33.29 5.32 -22.55
N ASP A 788 33.86 5.29 -23.75
CA ASP A 788 33.08 5.56 -24.96
C ASP A 788 32.89 4.30 -25.80
N HIS A 789 31.74 4.24 -26.45
CA HIS A 789 31.29 3.08 -27.20
C HIS A 789 30.83 3.49 -28.59
N VAL A 790 30.83 2.52 -29.51
CA VAL A 790 30.50 2.74 -30.91
C VAL A 790 29.83 1.47 -31.44
N ALA A 791 29.12 1.62 -32.56
CA ALA A 791 28.51 0.50 -33.26
C ALA A 791 29.14 0.36 -34.64
N ILE A 792 29.48 -0.87 -35.01
CA ILE A 792 30.23 -1.14 -36.23
C ILE A 792 29.30 -1.79 -37.25
N ASP A 793 29.28 -1.24 -38.47
CA ASP A 793 28.44 -1.77 -39.53
C ASP A 793 28.95 -3.12 -39.98
N ARG A 794 28.03 -4.00 -40.37
CA ARG A 794 28.39 -5.36 -40.74
C ARG A 794 28.92 -5.45 -42.16
N PHE A 795 28.60 -4.49 -43.03
CA PHE A 795 29.05 -4.52 -44.41
C PHE A 795 30.33 -3.70 -44.60
N THR A 796 30.30 -2.42 -44.23
CA THR A 796 31.45 -1.56 -44.47
C THR A 796 32.58 -1.84 -43.50
N GLY A 797 32.26 -2.25 -42.28
CA GLY A 797 33.27 -2.52 -41.29
C GLY A 797 33.68 -1.35 -40.45
N GLY A 798 33.15 -0.15 -40.73
CA GLY A 798 33.44 1.03 -39.96
C GLY A 798 32.31 1.41 -39.03
N ALA A 799 32.47 2.56 -38.41
CA ALA A 799 31.48 3.05 -37.46
C ALA A 799 30.22 3.51 -38.19
N LEU A 800 29.07 3.29 -37.55
CA LEU A 800 27.81 3.70 -38.12
C LEU A 800 27.56 5.17 -37.85
N ASP A 801 26.74 5.79 -38.70
CA ASP A 801 26.39 7.19 -38.50
C ASP A 801 25.49 7.35 -37.29
N LYS A 802 25.71 8.45 -36.57
CA LYS A 802 25.11 8.82 -35.26
C LYS A 802 24.97 7.63 -34.31
N ALA A 803 26.06 6.88 -34.17
CA ALA A 803 26.10 5.70 -33.31
C ALA A 803 27.36 5.70 -32.46
N LYS A 804 27.69 6.85 -31.88
CA LYS A 804 28.81 6.97 -30.95
C LYS A 804 28.29 7.57 -29.66
N PHE A 805 28.67 7.00 -28.52
CA PHE A 805 28.20 7.53 -27.26
C PHE A 805 29.22 7.34 -26.15
N ASP A 806 28.94 7.97 -25.02
CA ASP A 806 29.81 7.96 -23.85
C ASP A 806 29.02 7.53 -22.63
N THR A 807 29.74 6.98 -21.65
CA THR A 807 29.20 6.65 -20.34
C THR A 807 30.20 7.08 -19.28
N TYR A 808 29.68 7.45 -18.12
CA TYR A 808 30.47 7.98 -17.01
C TYR A 808 30.11 7.24 -15.72
N PRO A 809 30.57 5.98 -15.55
CA PRO A 809 30.24 5.24 -14.33
C PRO A 809 31.25 5.44 -13.22
N LEU A 810 31.02 4.79 -12.08
CA LEU A 810 32.00 4.75 -11.01
C LEU A 810 33.07 3.71 -11.29
N ALA A 811 34.30 4.03 -10.94
CA ALA A 811 35.44 3.19 -11.34
C ALA A 811 35.67 2.11 -10.29
N GLY A 812 35.17 0.92 -10.55
CA GLY A 812 35.38 -0.24 -9.69
C GLY A 812 36.34 -1.21 -10.36
N SER A 813 37.14 -1.89 -9.55
CA SER A 813 38.21 -2.76 -10.01
C SER A 813 38.12 -4.09 -9.28
N PRO A 814 38.73 -5.15 -9.83
CA PRO A 814 38.84 -6.39 -9.06
C PRO A 814 39.76 -6.30 -7.86
N LYS A 815 40.74 -5.40 -7.90
CA LYS A 815 41.60 -5.18 -6.75
C LYS A 815 41.27 -3.90 -5.99
N LYS A 816 40.34 -3.09 -6.50
CA LYS A 816 39.81 -1.93 -5.79
C LYS A 816 38.29 -1.91 -5.92
N PRO A 817 37.59 -2.75 -5.16
CA PRO A 817 36.15 -2.86 -5.33
C PRO A 817 35.40 -1.72 -4.64
N LEU A 818 34.20 -1.45 -5.13
CA LEU A 818 33.29 -0.52 -4.48
C LEU A 818 32.49 -1.24 -3.40
N LYS A 819 32.30 -0.57 -2.27
CA LYS A 819 31.59 -1.13 -1.14
C LYS A 819 30.33 -0.31 -0.87
N LEU A 820 29.18 -0.97 -0.88
CA LEU A 820 27.89 -0.33 -0.70
C LEU A 820 27.18 -0.94 0.51
N LYS A 821 26.77 -0.10 1.45
CA LYS A 821 26.15 -0.56 2.68
C LYS A 821 24.64 -0.35 2.63
N GLY A 822 23.88 -1.41 2.92
CA GLY A 822 22.44 -1.35 2.82
C GLY A 822 21.76 -2.03 3.99
N ARG A 823 20.44 -1.82 4.04
CA ARG A 823 19.63 -2.17 5.20
C ARG A 823 18.22 -2.52 4.74
N PHE A 824 17.62 -3.52 5.38
CA PHE A 824 16.20 -3.76 5.18
C PHE A 824 15.57 -4.31 6.46
N TRP A 825 14.31 -3.94 6.68
CA TRP A 825 13.55 -4.26 7.88
C TRP A 825 12.50 -5.31 7.56
N ILE A 826 12.30 -6.21 8.52
CA ILE A 826 11.44 -7.38 8.38
C ILE A 826 10.47 -7.38 9.56
N LYS A 827 9.27 -7.91 9.35
CA LYS A 827 8.22 -7.80 10.35
C LYS A 827 8.11 -9.06 11.19
N LYS A 828 7.52 -8.91 12.39
CA LYS A 828 7.25 -10.04 13.27
C LYS A 828 6.04 -10.81 12.76
N GLY A 829 6.21 -12.11 12.56
CA GLY A 829 5.12 -12.94 12.10
C GLY A 829 5.54 -13.83 10.95
N PHE A 830 6.79 -13.70 10.54
CA PHE A 830 7.30 -14.45 9.39
C PHE A 830 7.50 -15.91 9.74
N SER A 831 7.18 -16.78 8.79
CA SER A 831 7.36 -18.21 8.95
C SER A 831 8.78 -18.60 8.50
N GLY A 832 9.07 -19.89 8.58
CA GLY A 832 10.39 -20.35 8.20
C GLY A 832 10.61 -20.36 6.70
N ASP A 833 9.55 -20.62 5.93
CA ASP A 833 9.67 -20.74 4.49
C ASP A 833 9.98 -19.39 3.85
N HIS A 834 9.39 -18.32 4.37
CA HIS A 834 9.64 -17.00 3.81
C HIS A 834 11.04 -16.51 4.17
N LYS A 835 11.52 -16.89 5.35
CA LYS A 835 12.92 -16.60 5.71
C LYS A 835 13.88 -17.38 4.83
N LEU A 836 13.51 -18.61 4.46
CA LEU A 836 14.31 -19.38 3.51
C LEU A 836 14.32 -18.72 2.14
N LEU A 837 13.20 -18.14 1.73
CA LEU A 837 13.12 -17.46 0.44
C LEU A 837 13.99 -16.21 0.42
N ILE A 838 13.98 -15.43 1.51
CA ILE A 838 14.81 -14.23 1.60
C ILE A 838 16.30 -14.60 1.63
N THR A 839 16.65 -15.67 2.35
CA THR A 839 18.04 -16.12 2.42
C THR A 839 18.52 -16.64 1.07
N THR A 840 17.64 -17.33 0.33
CA THR A 840 18.00 -17.82 -0.99
C THR A 840 18.15 -16.66 -1.98
N ALA A 841 17.36 -15.60 -1.83
CA ALA A 841 17.53 -14.41 -2.66
C ALA A 841 18.86 -13.72 -2.36
N LEU A 842 19.25 -13.66 -1.09
CA LEU A 842 20.54 -13.07 -0.74
C LEU A 842 21.71 -13.91 -1.28
N SER A 843 21.56 -15.23 -1.26
CA SER A 843 22.60 -16.10 -1.81
C SER A 843 22.67 -15.98 -3.33
N ASP A 844 21.53 -15.74 -3.99
CA ASP A 844 21.54 -15.54 -5.44
C ASP A 844 22.16 -14.20 -5.80
N ILE A 845 21.99 -13.19 -4.95
CA ILE A 845 22.69 -11.92 -5.17
C ILE A 845 24.19 -12.09 -4.96
N ARG A 846 24.58 -12.88 -3.95
CA ARG A 846 26.00 -13.09 -3.65
C ARG A 846 26.69 -13.89 -4.75
N ASP A 847 26.01 -14.88 -5.32
CA ASP A 847 26.63 -15.68 -6.39
C ASP A 847 26.77 -14.91 -7.70
N GLY A 848 25.97 -13.87 -7.91
CA GLY A 848 26.14 -13.00 -9.05
C GLY A 848 25.13 -13.13 -10.15
N LEU A 849 23.91 -13.59 -9.86
CA LEU A 849 22.91 -13.78 -10.90
C LEU A 849 22.21 -12.49 -11.30
N TYR A 850 22.19 -11.49 -10.43
CA TYR A 850 21.45 -10.25 -10.65
C TYR A 850 22.40 -9.07 -10.54
N PRO A 851 22.91 -8.55 -11.66
CA PRO A 851 23.81 -7.39 -11.59
C PRO A 851 23.05 -6.10 -11.34
N LEU A 852 23.72 -5.17 -10.65
CA LEU A 852 23.13 -3.89 -10.30
C LEU A 852 23.32 -2.89 -11.43
N GLY A 853 22.34 -2.01 -11.58
CA GLY A 853 22.46 -0.92 -12.52
C GLY A 853 22.18 -1.32 -13.95
N SER A 854 22.73 -0.53 -14.87
CA SER A 854 22.49 -0.68 -16.30
C SER A 854 23.71 -1.27 -16.99
N LYS A 855 23.50 -1.68 -18.25
CA LYS A 855 24.52 -2.25 -19.13
C LYS A 855 25.18 -3.48 -18.52
N GLY A 856 24.37 -4.35 -17.91
CA GLY A 856 24.88 -5.54 -17.26
C GLY A 856 25.41 -6.59 -18.21
N GLY A 857 24.94 -6.61 -19.44
CA GLY A 857 25.39 -7.57 -20.41
C GLY A 857 26.74 -7.29 -21.02
N VAL A 858 27.34 -6.14 -20.74
CA VAL A 858 28.69 -5.82 -21.17
C VAL A 858 29.64 -5.68 -19.98
N GLY A 859 29.21 -6.07 -18.79
CA GLY A 859 30.10 -6.19 -17.65
C GLY A 859 29.95 -5.15 -16.57
N TYR A 860 28.86 -4.40 -16.52
CA TYR A 860 28.70 -3.33 -15.55
C TYR A 860 27.93 -3.83 -14.33
N GLY A 861 28.41 -3.48 -13.15
CA GLY A 861 27.68 -3.73 -11.93
C GLY A 861 27.63 -5.19 -11.50
N TRP A 862 28.74 -5.90 -11.66
CA TRP A 862 28.80 -7.32 -11.32
C TRP A 862 29.20 -7.48 -9.87
N VAL A 863 28.35 -8.16 -9.09
CA VAL A 863 28.59 -8.29 -7.66
C VAL A 863 29.67 -9.34 -7.42
N ALA A 864 30.74 -8.93 -6.74
CA ALA A 864 31.84 -9.81 -6.42
C ALA A 864 31.73 -10.45 -5.05
N GLY A 865 31.14 -9.76 -4.08
CA GLY A 865 31.05 -10.38 -2.76
C GLY A 865 30.03 -9.74 -1.86
N ILE A 866 29.77 -10.39 -0.73
CA ILE A 866 28.82 -9.91 0.27
C ILE A 866 29.43 -10.07 1.65
N SER A 867 28.94 -9.24 2.58
CA SER A 867 29.36 -9.30 3.98
C SER A 867 28.18 -8.91 4.85
N ILE A 868 28.11 -9.51 6.04
CA ILE A 868 26.96 -9.35 6.93
C ILE A 868 27.45 -8.93 8.30
N ASP A 869 26.83 -7.89 8.86
CA ASP A 869 27.24 -7.34 10.15
C ASP A 869 26.88 -8.32 11.28
N ASP A 870 27.57 -8.17 12.41
CA ASP A 870 27.46 -9.13 13.51
C ASP A 870 26.24 -8.92 14.38
N ASN A 871 25.50 -7.82 14.22
CA ASN A 871 24.28 -7.59 14.97
C ASN A 871 23.03 -8.08 14.24
N VAL A 872 23.19 -8.72 13.09
CA VAL A 872 22.14 -9.43 12.36
C VAL A 872 21.69 -10.59 13.25
N PRO A 873 20.39 -10.93 13.29
CA PRO A 873 19.93 -12.05 14.13
C PRO A 873 20.58 -13.39 13.78
N ASP A 874 20.57 -14.29 14.76
CA ASP A 874 21.43 -15.47 14.70
C ASP A 874 20.91 -16.49 13.70
N ASP A 875 19.57 -16.62 13.59
CA ASP A 875 18.99 -17.57 12.64
C ASP A 875 19.33 -17.21 11.20
N PHE A 876 19.30 -15.90 10.88
CA PHE A 876 19.70 -15.44 9.56
C PHE A 876 21.16 -15.74 9.28
N LYS A 877 22.01 -15.62 10.30
CA LYS A 877 23.44 -15.93 10.15
C LYS A 877 23.65 -17.41 9.84
N GLU A 878 22.93 -18.30 10.54
CA GLU A 878 23.08 -19.72 10.27
C GLU A 878 22.53 -20.09 8.89
N MET A 879 21.45 -19.43 8.47
CA MET A 879 20.89 -19.73 7.14
C MET A 879 21.78 -19.22 6.01
N ILE A 880 22.45 -18.07 6.20
CA ILE A 880 23.33 -17.62 5.13
C ILE A 880 24.65 -18.38 5.16
N ASN A 881 25.05 -18.89 6.32
CA ASN A 881 26.31 -19.62 6.39
C ASN A 881 26.18 -21.04 5.88
N LYS A 882 25.02 -21.68 6.10
CA LYS A 882 24.82 -23.03 5.62
C LYS A 882 24.59 -23.10 4.11
N THR A 883 24.21 -21.99 3.48
CA THR A 883 23.97 -21.98 2.04
C THR A 883 25.26 -21.85 1.24
N GLU A 884 26.39 -21.60 1.87
CA GLU A 884 27.66 -21.48 1.17
C GLU A 884 28.16 -22.85 0.71
N GLY A 897 39.71 -30.21 -17.82
CA GLY A 897 40.76 -29.42 -17.22
C GLY A 897 41.45 -28.49 -18.21
N PRO A 898 42.38 -29.03 -18.99
CA PRO A 898 43.03 -28.22 -20.03
C PRO A 898 42.27 -28.19 -21.34
N ILE A 899 40.93 -28.11 -21.30
CA ILE A 899 39.98 -28.44 -22.37
C ILE A 899 40.34 -27.87 -23.74
N ASN A 900 40.47 -28.75 -24.73
CA ASN A 900 40.89 -28.40 -26.08
C ASN A 900 39.87 -28.89 -27.10
N ASN A 901 39.90 -28.29 -28.29
CA ASN A 901 38.99 -28.68 -29.35
C ASN A 901 39.61 -29.64 -30.35
N ASP A 902 40.95 -29.68 -30.43
CA ASP A 902 41.80 -30.56 -31.25
C ASP A 902 41.30 -30.82 -32.67
N TYR A 903 40.87 -29.77 -33.35
CA TYR A 903 40.38 -29.86 -34.73
C TYR A 903 41.26 -28.99 -35.62
N VAL A 904 41.63 -29.54 -36.78
CA VAL A 904 42.54 -28.89 -37.71
C VAL A 904 41.82 -28.74 -39.04
N HIS A 905 41.75 -27.49 -39.54
CA HIS A 905 41.12 -27.12 -40.80
C HIS A 905 42.15 -27.15 -41.91
N PRO A 906 41.86 -27.76 -43.05
CA PRO A 906 42.79 -27.73 -44.19
C PRO A 906 42.71 -26.38 -44.89
N GLY A 907 43.75 -25.58 -44.72
CA GLY A 907 43.75 -24.22 -45.22
C GLY A 907 43.86 -24.13 -46.72
N HIS A 908 43.78 -22.91 -47.22
CA HIS A 908 43.82 -22.65 -48.65
C HIS A 908 45.24 -22.86 -49.16
N GLN A 909 45.43 -23.91 -49.96
CA GLN A 909 46.77 -24.35 -50.33
C GLN A 909 47.31 -23.63 -51.56
N SER A 910 46.43 -23.06 -52.38
CA SER A 910 46.88 -22.33 -53.56
C SER A 910 47.56 -20.99 -53.26
N PRO A 911 47.11 -20.17 -52.28
CA PRO A 911 47.89 -18.94 -52.00
C PRO A 911 49.28 -19.17 -51.43
N LYS A 912 49.42 -19.88 -50.32
CA LYS A 912 50.70 -19.83 -49.63
C LYS A 912 51.42 -21.17 -49.53
N GLN A 913 50.68 -22.28 -49.60
CA GLN A 913 51.32 -23.58 -49.53
C GLN A 913 51.94 -23.99 -50.86
N ASP A 914 51.70 -23.23 -51.93
CA ASP A 914 52.37 -23.43 -53.21
C ASP A 914 53.51 -22.44 -53.40
N HIS A 915 53.20 -21.15 -53.34
CA HIS A 915 54.20 -20.09 -53.42
C HIS A 915 54.37 -19.46 -52.05
N LYS A 916 55.60 -19.52 -51.52
CA LYS A 916 55.83 -19.11 -50.14
C LYS A 916 55.78 -17.60 -49.95
N ASN A 917 56.64 -16.85 -50.65
CA ASN A 917 56.82 -15.43 -50.35
C ASN A 917 56.90 -14.59 -51.63
N LYS A 918 56.03 -14.85 -52.60
CA LYS A 918 56.04 -14.06 -53.82
C LYS A 918 54.65 -13.57 -54.23
N ASN A 919 53.69 -13.52 -53.30
CA ASN A 919 52.34 -13.12 -53.64
C ASN A 919 51.90 -11.98 -52.73
N ILE A 920 50.97 -11.17 -53.24
CA ILE A 920 50.35 -10.10 -52.47
C ILE A 920 48.84 -10.29 -52.49
N TYR A 921 48.22 -10.22 -51.32
CA TYR A 921 46.78 -10.40 -51.14
C TYR A 921 46.14 -9.09 -50.72
N TYR A 922 44.85 -9.16 -50.48
CA TYR A 922 44.03 -8.04 -50.03
C TYR A 922 43.72 -8.19 -48.55
N PRO A 923 43.78 -7.11 -47.77
CA PRO A 923 43.65 -7.25 -46.30
C PRO A 923 42.24 -7.59 -45.82
N HIS A 924 41.19 -7.26 -46.56
CA HIS A 924 39.84 -7.64 -46.16
C HIS A 924 39.14 -8.35 -47.29
N TYR A 925 38.31 -9.33 -46.94
CA TYR A 925 37.51 -10.07 -47.88
C TYR A 925 36.07 -10.09 -47.41
N PHE A 926 35.18 -10.61 -48.26
CA PHE A 926 33.76 -10.64 -47.98
C PHE A 926 33.25 -12.07 -47.92
N LEU A 927 32.41 -12.34 -46.92
CA LEU A 927 31.77 -13.62 -46.74
C LEU A 927 30.30 -13.51 -47.10
N ASP A 928 29.85 -14.40 -47.98
CA ASP A 928 28.50 -14.35 -48.54
C ASP A 928 27.79 -15.67 -48.25
N SER A 929 26.81 -15.63 -47.37
CA SER A 929 25.89 -16.74 -47.16
C SER A 929 24.79 -16.70 -48.23
N GLY A 930 23.60 -17.18 -47.90
CA GLY A 930 22.55 -17.06 -48.89
C GLY A 930 21.61 -15.91 -48.66
N SER A 931 20.34 -16.21 -48.39
CA SER A 931 19.36 -15.16 -48.10
C SER A 931 18.44 -15.57 -46.96
N LYS A 932 18.30 -16.88 -46.72
CA LYS A 932 17.28 -17.35 -45.81
C LYS A 932 17.75 -17.30 -44.37
N VAL A 933 16.83 -17.00 -43.46
CA VAL A 933 17.08 -16.97 -42.03
C VAL A 933 15.97 -17.74 -41.33
N TYR A 934 16.34 -18.51 -40.31
CA TYR A 934 15.35 -19.25 -39.53
C TYR A 934 14.87 -18.38 -38.39
N ARG A 935 13.60 -17.99 -38.42
CA ARG A 935 13.02 -17.11 -37.42
C ARG A 935 12.08 -17.90 -36.53
N GLU A 936 12.29 -17.77 -35.22
CA GLU A 936 11.54 -18.54 -34.23
C GLU A 936 10.53 -17.63 -33.54
N LYS A 937 9.34 -18.17 -33.28
CA LYS A 937 8.26 -17.38 -32.69
C LYS A 937 7.92 -17.77 -31.26
N ASP A 938 8.27 -18.97 -30.81
CA ASP A 938 8.15 -19.33 -29.40
C ASP A 938 9.42 -18.92 -28.67
N ILE A 939 9.42 -17.67 -28.23
CA ILE A 939 10.60 -17.03 -27.66
C ILE A 939 10.75 -17.47 -26.22
N ILE A 940 11.98 -17.79 -25.81
CA ILE A 940 12.25 -18.24 -24.45
C ILE A 940 12.10 -17.06 -23.49
N THR A 941 11.31 -17.26 -22.44
CA THR A 941 11.00 -16.21 -21.48
C THR A 941 12.05 -16.12 -20.39
N HIS A 942 12.01 -15.02 -19.65
CA HIS A 942 12.90 -14.77 -18.52
C HIS A 942 12.21 -14.93 -17.18
N GLU A 943 10.98 -15.44 -17.15
CA GLU A 943 10.15 -15.37 -15.96
C GLU A 943 10.32 -16.56 -15.02
N GLU A 944 11.05 -17.59 -15.41
CA GLU A 944 11.32 -18.71 -14.53
C GLU A 944 12.60 -19.39 -14.97
N PHE A 945 13.13 -20.25 -14.10
CA PHE A 945 14.23 -21.14 -14.44
C PHE A 945 13.62 -22.47 -14.87
N THR A 946 13.55 -22.69 -16.18
CA THR A 946 12.89 -23.84 -16.75
C THR A 946 13.72 -25.10 -16.49
N GLU A 947 13.06 -26.27 -16.51
CA GLU A 947 13.67 -27.50 -16.04
C GLU A 947 14.67 -28.06 -17.03
N GLU A 948 14.30 -28.13 -18.32
CA GLU A 948 15.16 -28.75 -19.30
C GLU A 948 16.32 -27.86 -19.77
N LEU A 949 16.22 -26.55 -19.56
CA LEU A 949 17.24 -25.64 -20.05
C LEU A 949 18.44 -25.60 -19.10
N LEU A 950 19.50 -24.93 -19.53
CA LEU A 950 20.77 -24.91 -18.81
C LEU A 950 21.14 -23.49 -18.40
N SER A 951 21.83 -23.36 -17.28
CA SER A 951 22.29 -22.07 -16.79
C SER A 951 23.60 -22.25 -16.04
N GLY A 952 24.50 -21.28 -16.20
CA GLY A 952 25.80 -21.38 -15.56
C GLY A 952 26.78 -20.34 -16.09
N LYS A 953 28.06 -20.70 -16.03
CA LYS A 953 29.12 -19.76 -16.39
C LYS A 953 30.32 -20.49 -16.98
N ILE A 954 31.07 -19.75 -17.79
CA ILE A 954 32.28 -20.23 -18.46
C ILE A 954 33.43 -19.33 -18.05
N ASN A 955 34.52 -19.94 -17.59
CA ASN A 955 35.78 -19.25 -17.32
C ASN A 955 36.69 -19.49 -18.51
N CYS A 956 37.13 -18.40 -19.16
CA CYS A 956 37.90 -18.47 -20.39
C CYS A 956 39.16 -17.62 -20.28
N LYS A 957 40.16 -18.02 -21.06
CA LYS A 957 41.44 -17.33 -21.15
C LYS A 957 41.72 -16.95 -22.60
N LEU A 958 42.43 -15.85 -22.77
CA LEU A 958 42.68 -15.23 -24.07
C LEU A 958 44.16 -14.95 -24.23
N GLU A 959 44.73 -15.42 -25.34
CA GLU A 959 46.16 -15.32 -25.60
C GLU A 959 46.39 -14.54 -26.89
N THR A 960 47.35 -13.62 -26.85
CA THR A 960 47.65 -12.76 -27.99
C THR A 960 48.74 -13.37 -28.86
N LEU A 961 48.45 -13.53 -30.15
CA LEU A 961 49.42 -14.05 -31.11
C LEU A 961 50.15 -12.95 -31.86
N THR A 962 49.55 -11.78 -32.01
CA THR A 962 50.12 -10.59 -32.60
C THR A 962 50.01 -9.48 -31.57
N PRO A 963 50.72 -8.37 -31.76
CA PRO A 963 50.51 -7.20 -30.89
C PRO A 963 49.08 -6.67 -30.91
N LEU A 964 48.65 -6.14 -29.77
CA LEU A 964 47.27 -5.73 -29.53
C LEU A 964 47.23 -4.26 -29.11
N ILE A 965 46.30 -3.51 -29.68
CA ILE A 965 46.13 -2.09 -29.39
C ILE A 965 44.69 -1.86 -28.91
N ILE A 966 44.54 -1.53 -27.63
CA ILE A 966 43.26 -1.11 -27.07
C ILE A 966 43.44 0.28 -26.47
N PRO A 967 42.94 1.33 -27.12
CA PRO A 967 43.21 2.69 -26.64
C PRO A 967 42.33 3.09 -25.47
N ASP A 968 42.78 4.11 -24.76
CA ASP A 968 42.03 4.73 -23.66
C ASP A 968 41.72 6.16 -24.09
N THR A 969 40.53 6.36 -24.64
CA THR A 969 40.16 7.64 -25.23
C THR A 969 39.60 8.63 -24.21
N SER A 970 39.79 8.37 -22.92
CA SER A 970 39.43 9.37 -21.91
C SER A 970 40.38 10.56 -21.96
N ASP A 971 41.64 10.33 -22.29
CA ASP A 971 42.68 11.35 -22.32
C ASP A 971 43.28 11.38 -23.72
N GLU A 972 42.97 12.44 -24.48
CA GLU A 972 43.53 12.59 -25.82
C GLU A 972 45.02 12.92 -25.76
N ASN A 973 45.45 13.63 -24.70
CA ASN A 973 46.87 13.87 -24.50
C ASN A 973 47.62 12.62 -24.09
N GLY A 974 47.07 11.84 -23.17
CA GLY A 974 47.60 10.51 -22.91
C GLY A 974 48.94 10.54 -22.20
N LEU A 975 49.99 10.20 -22.94
CA LEU A 975 51.34 10.20 -22.38
C LEU A 975 51.87 11.63 -22.26
N LYS A 976 52.15 12.24 -23.39
CA LYS A 976 52.81 13.53 -23.54
C LYS A 976 52.52 13.99 -24.97
N LEU A 977 53.40 14.83 -25.51
CA LEU A 977 53.63 15.10 -26.94
C LEU A 977 52.60 16.01 -27.58
N GLN A 978 51.56 16.43 -26.88
CA GLN A 978 50.62 17.36 -27.47
C GLN A 978 51.17 18.78 -27.46
N GLY A 979 51.96 19.12 -26.43
CA GLY A 979 52.51 20.45 -26.33
C GLY A 979 53.62 20.72 -27.33
N ASN A 980 54.40 19.69 -27.65
CA ASN A 980 55.50 19.87 -28.61
C ASN A 980 54.96 20.03 -30.03
N LYS A 981 54.06 19.15 -30.45
CA LYS A 981 53.44 19.23 -31.77
C LYS A 981 51.94 19.32 -31.62
N PRO A 982 51.30 20.38 -32.10
CA PRO A 982 49.84 20.46 -32.03
C PRO A 982 49.19 19.50 -33.02
N GLY A 983 47.93 19.21 -32.79
CA GLY A 983 47.32 18.15 -33.58
C GLY A 983 47.36 16.82 -32.86
N HIS A 984 48.45 16.09 -33.10
CA HIS A 984 48.72 14.67 -32.82
C HIS A 984 48.10 14.08 -31.56
N LYS A 985 47.36 13.00 -31.72
CA LYS A 985 46.72 12.29 -30.63
C LYS A 985 47.58 11.12 -30.19
N ASN A 986 47.64 10.91 -28.88
CA ASN A 986 48.37 9.78 -28.33
C ASN A 986 47.63 9.25 -27.13
N TYR A 987 47.47 7.93 -27.07
CA TYR A 987 46.67 7.26 -26.06
C TYR A 987 47.52 6.26 -25.30
N LYS A 988 46.99 5.83 -24.17
CA LYS A 988 47.56 4.74 -23.39
C LYS A 988 46.70 3.50 -23.55
N PHE A 989 47.08 2.44 -22.85
CA PHE A 989 46.27 1.24 -22.84
C PHE A 989 45.08 1.44 -21.91
N PHE A 990 44.02 0.68 -22.16
CA PHE A 990 42.80 0.80 -21.35
C PHE A 990 43.06 0.30 -19.94
N ASN A 991 42.71 1.12 -18.95
CA ASN A 991 42.98 0.76 -17.57
C ASN A 991 41.97 1.43 -16.65
N ILE A 992 41.61 0.71 -15.59
CA ILE A 992 40.89 1.26 -14.47
C ILE A 992 41.79 1.12 -13.24
N ASN A 993 42.20 2.26 -12.67
CA ASN A 993 43.03 2.35 -11.47
C ASN A 993 44.39 1.67 -11.67
N GLY A 994 44.95 1.73 -12.87
CA GLY A 994 46.26 1.19 -13.11
C GLY A 994 46.32 -0.30 -13.40
N GLU A 995 45.21 -0.91 -13.77
CA GLU A 995 45.17 -2.33 -14.13
C GLU A 995 44.69 -2.44 -15.57
N LEU A 996 45.50 -3.06 -16.42
CA LEU A 996 45.18 -3.18 -17.83
C LEU A 996 43.98 -4.12 -18.02
N MET A 997 43.04 -3.70 -18.85
CA MET A 997 41.77 -4.41 -19.01
C MET A 997 41.29 -4.32 -20.45
N ILE A 998 40.44 -5.27 -20.81
CA ILE A 998 39.73 -5.25 -22.08
C ILE A 998 38.24 -5.18 -21.74
N PRO A 999 37.48 -4.25 -22.33
CA PRO A 999 36.06 -4.14 -21.99
C PRO A 999 35.24 -5.30 -22.54
N GLY A 1000 34.10 -5.54 -21.90
CA GLY A 1000 33.23 -6.62 -22.31
C GLY A 1000 32.45 -6.33 -23.59
N SER A 1001 32.35 -5.06 -23.97
CA SER A 1001 31.60 -4.70 -25.17
C SER A 1001 32.32 -5.14 -26.43
N GLU A 1002 33.66 -5.05 -26.43
CA GLU A 1002 34.45 -5.50 -27.57
C GLU A 1002 34.37 -7.01 -27.76
N LEU A 1003 34.46 -7.76 -26.65
CA LEU A 1003 34.34 -9.21 -26.70
C LEU A 1003 32.94 -9.62 -27.14
N ARG A 1004 31.91 -8.92 -26.65
CA ARG A 1004 30.54 -9.22 -27.05
C ARG A 1004 30.30 -8.95 -28.53
N GLY A 1005 30.86 -7.84 -29.04
CA GLY A 1005 30.69 -7.54 -30.45
C GLY A 1005 31.42 -8.52 -31.36
N MET A 1006 32.63 -8.92 -30.98
CA MET A 1006 33.40 -9.90 -31.75
C MET A 1006 32.70 -11.25 -31.77
N LEU A 1007 32.24 -11.73 -30.61
CA LEU A 1007 31.56 -13.01 -30.55
C LEU A 1007 30.19 -12.95 -31.23
N ARG A 1008 29.54 -11.79 -31.23
CA ARG A 1008 28.25 -11.65 -31.90
C ARG A 1008 28.42 -11.70 -33.41
N THR A 1009 29.46 -11.03 -33.94
CA THR A 1009 29.73 -11.09 -35.37
C THR A 1009 30.08 -12.51 -35.80
N HIS A 1010 30.87 -13.22 -34.98
CA HIS A 1010 31.21 -14.61 -35.30
C HIS A 1010 29.99 -15.53 -35.25
N PHE A 1011 29.14 -15.37 -34.23
CA PHE A 1011 27.96 -16.22 -34.11
C PHE A 1011 26.96 -15.96 -35.22
N GLU A 1012 26.78 -14.68 -35.60
CA GLU A 1012 25.83 -14.36 -36.65
C GLU A 1012 26.34 -14.80 -38.01
N ALA A 1013 27.66 -14.79 -38.21
CA ALA A 1013 28.20 -15.31 -39.46
C ALA A 1013 28.17 -16.83 -39.49
N LEU A 1014 28.25 -17.47 -38.33
CA LEU A 1014 28.21 -18.94 -38.28
C LEU A 1014 26.81 -19.48 -38.48
N THR A 1015 25.80 -18.83 -37.88
CA THR A 1015 24.45 -19.37 -37.86
C THR A 1015 23.54 -18.81 -38.94
N LYS A 1016 24.08 -18.02 -39.87
CA LYS A 1016 23.34 -17.35 -40.96
C LYS A 1016 22.20 -16.50 -40.40
N SER A 1017 22.57 -15.49 -39.62
CA SER A 1017 21.60 -14.61 -38.99
C SER A 1017 21.43 -13.34 -39.82
N CYS A 1018 20.67 -12.40 -39.29
CA CYS A 1018 20.43 -11.15 -40.00
C CYS A 1018 21.56 -10.17 -39.76
N PHE A 1019 21.61 -9.14 -40.59
CA PHE A 1019 22.56 -8.04 -40.42
C PHE A 1019 22.04 -7.18 -39.30
N ALA A 1020 22.69 -7.24 -38.13
CA ALA A 1020 22.16 -6.61 -36.94
C ALA A 1020 22.29 -5.09 -37.00
N ILE A 1021 23.47 -4.59 -37.33
CA ILE A 1021 23.75 -3.16 -37.38
C ILE A 1021 24.01 -2.79 -38.83
N PHE A 1022 23.14 -1.94 -39.39
CA PHE A 1022 23.20 -1.60 -40.80
C PHE A 1022 22.76 -0.16 -40.99
N GLY A 1023 23.19 0.44 -42.10
CA GLY A 1023 22.87 1.82 -42.39
C GLY A 1023 22.38 2.03 -43.80
N GLU A 1024 21.48 2.99 -43.98
CA GLU A 1024 20.87 3.27 -45.27
C GLU A 1024 21.19 4.70 -45.68
N ASP A 1025 21.94 4.85 -46.76
CA ASP A 1025 22.45 6.14 -47.21
C ASP A 1025 22.90 6.03 -48.66
N SER A 1026 23.57 7.09 -49.13
CA SER A 1026 23.97 7.37 -50.51
C SER A 1026 24.80 6.23 -51.12
N THR A 1027 24.88 6.23 -52.45
CA THR A 1027 25.44 5.18 -53.32
C THR A 1027 26.71 4.46 -52.87
N LYS A 1393 19.99 4.74 -55.90
CA LYS A 1393 19.19 4.55 -54.69
C LYS A 1393 20.08 4.24 -53.51
N THR A 1394 19.46 4.01 -52.36
CA THR A 1394 20.19 3.76 -51.12
C THR A 1394 20.55 2.29 -51.01
N LEU A 1395 21.59 2.01 -50.23
CA LEU A 1395 22.08 0.64 -50.10
C LEU A 1395 21.29 -0.17 -49.07
N GLY A 1396 20.17 0.35 -48.57
CA GLY A 1396 19.23 -0.49 -47.85
C GLY A 1396 18.35 -1.29 -48.80
N GLY A 1397 18.06 -0.73 -49.97
CA GLY A 1397 17.26 -1.42 -50.95
C GLY A 1397 17.96 -2.55 -51.65
N LYS A 1398 19.30 -2.49 -51.74
CA LYS A 1398 20.07 -3.55 -52.38
C LYS A 1398 20.19 -4.79 -51.51
N LEU A 1399 19.81 -4.72 -50.23
CA LEU A 1399 19.83 -5.87 -49.36
C LEU A 1399 18.55 -6.67 -49.52
N ASP A 1400 18.66 -7.98 -49.32
CA ASP A 1400 17.48 -8.83 -49.30
C ASP A 1400 16.64 -8.55 -48.07
N LYS A 1401 15.33 -8.79 -48.19
CA LYS A 1401 14.40 -8.39 -47.14
C LYS A 1401 14.49 -9.29 -45.92
N ALA A 1402 15.02 -10.49 -46.08
CA ALA A 1402 15.19 -11.39 -44.93
C ALA A 1402 16.41 -11.05 -44.09
N LEU A 1403 17.39 -10.34 -44.64
CA LEU A 1403 18.60 -9.97 -43.92
C LEU A 1403 18.47 -8.62 -43.23
N HIS A 1404 17.32 -7.96 -43.32
CA HIS A 1404 17.07 -6.74 -42.59
C HIS A 1404 16.99 -7.03 -41.08
N PRO A 1405 17.31 -6.04 -40.23
CA PRO A 1405 17.27 -6.30 -38.78
C PRO A 1405 15.87 -6.58 -38.26
N CYS A 1406 15.80 -7.46 -37.26
CA CYS A 1406 14.52 -7.91 -36.71
C CYS A 1406 13.90 -6.80 -35.87
N THR A 1407 12.76 -6.30 -36.32
CA THR A 1407 12.01 -5.28 -35.60
C THR A 1407 10.69 -5.88 -35.15
N GLY A 1408 10.41 -5.81 -33.85
CA GLY A 1408 9.20 -6.37 -33.31
C GLY A 1408 9.28 -7.87 -33.06
N LEU A 1409 8.39 -8.37 -32.22
CA LEU A 1409 8.34 -9.80 -31.90
C LEU A 1409 7.26 -10.54 -32.66
N SER A 1410 6.56 -9.88 -33.59
CA SER A 1410 5.50 -10.55 -34.34
C SER A 1410 6.07 -11.48 -35.39
N ASP A 1411 7.03 -11.01 -36.17
CA ASP A 1411 7.60 -11.82 -37.24
C ASP A 1411 8.60 -12.86 -36.75
N GLY A 1412 9.12 -12.72 -35.53
CA GLY A 1412 10.07 -13.66 -34.99
C GLY A 1412 11.45 -13.07 -34.86
N LEU A 1413 12.37 -13.91 -34.38
CA LEU A 1413 13.74 -13.50 -34.13
C LEU A 1413 14.72 -14.48 -34.75
N CYS A 1414 15.80 -13.94 -35.31
CA CYS A 1414 16.92 -14.72 -35.80
C CYS A 1414 17.66 -15.36 -34.62
N PRO A 1415 18.53 -16.35 -34.87
CA PRO A 1415 19.31 -16.93 -33.76
C PRO A 1415 20.23 -15.95 -33.03
N GLY A 1416 20.83 -15.02 -33.76
CA GLY A 1416 21.64 -14.00 -33.10
C GLY A 1416 20.82 -13.04 -32.27
N CYS A 1417 19.64 -12.67 -32.77
CA CYS A 1417 18.77 -11.79 -31.99
C CYS A 1417 18.04 -12.55 -30.90
N HIS A 1418 17.99 -13.87 -30.98
CA HIS A 1418 17.42 -14.66 -29.89
C HIS A 1418 18.42 -14.90 -28.78
N LEU A 1419 19.71 -15.04 -29.12
CA LEU A 1419 20.72 -15.30 -28.11
C LEU A 1419 21.26 -14.00 -27.50
N PHE A 1420 21.58 -13.02 -28.34
CA PHE A 1420 22.21 -11.80 -27.87
C PHE A 1420 21.22 -10.67 -27.62
N GLY A 1421 20.01 -10.74 -28.15
CA GLY A 1421 18.96 -9.83 -27.78
C GLY A 1421 18.70 -8.74 -28.81
N THR A 1422 17.57 -8.08 -28.64
CA THR A 1422 17.17 -6.96 -29.46
C THR A 1422 16.62 -5.87 -28.55
N THR A 1423 15.94 -4.88 -29.13
CA THR A 1423 15.44 -3.76 -28.36
C THR A 1423 14.28 -4.17 -27.44
N ASP A 1424 13.41 -5.04 -27.91
CA ASP A 1424 12.26 -5.48 -27.13
C ASP A 1424 12.42 -6.90 -26.59
N TYR A 1425 13.65 -7.37 -26.46
CA TYR A 1425 13.91 -8.68 -25.86
C TYR A 1425 15.33 -8.68 -25.31
N LYS A 1426 15.47 -8.84 -24.01
CA LYS A 1426 16.79 -8.92 -23.39
C LYS A 1426 17.46 -10.25 -23.75
N GLY A 1427 18.79 -10.21 -23.85
CA GLY A 1427 19.53 -11.39 -24.23
C GLY A 1427 19.75 -12.34 -23.07
N ARG A 1428 20.34 -13.50 -23.40
CA ARG A 1428 20.58 -14.55 -22.44
C ARG A 1428 22.06 -14.84 -22.23
N VAL A 1429 22.95 -13.95 -22.66
CA VAL A 1429 24.39 -14.09 -22.46
C VAL A 1429 24.93 -12.79 -21.89
N LYS A 1430 25.88 -12.90 -20.96
CA LYS A 1430 26.49 -11.74 -20.31
C LYS A 1430 28.00 -11.89 -20.35
N PHE A 1431 28.68 -10.88 -20.88
CA PHE A 1431 30.13 -10.85 -21.01
C PHE A 1431 30.71 -9.88 -20.00
N GLY A 1432 31.83 -10.25 -19.39
CA GLY A 1432 32.45 -9.45 -18.36
C GLY A 1432 33.78 -8.84 -18.78
N PHE A 1433 34.30 -7.98 -17.91
CA PHE A 1433 35.58 -7.33 -18.16
C PHE A 1433 36.72 -8.34 -17.99
N ALA A 1434 37.71 -8.24 -18.88
CA ALA A 1434 38.85 -9.15 -18.89
C ALA A 1434 40.01 -8.54 -18.13
N LYS A 1435 40.66 -9.36 -17.31
CA LYS A 1435 41.78 -8.89 -16.49
C LYS A 1435 43.08 -9.53 -16.95
N TYR A 1436 44.14 -8.73 -16.92
CA TYR A 1436 45.47 -9.19 -17.28
C TYR A 1436 46.01 -10.13 -16.21
N GLU A 1437 46.65 -11.22 -16.64
CA GLU A 1437 47.09 -12.23 -15.68
C GLU A 1437 48.59 -12.45 -15.67
N ASN A 1438 49.19 -12.70 -16.83
CA ASN A 1438 50.52 -13.31 -16.86
C ASN A 1438 51.18 -13.01 -18.19
N GLY A 1439 52.51 -13.10 -18.21
CA GLY A 1439 53.27 -13.05 -19.44
C GLY A 1439 54.13 -11.81 -19.56
N PRO A 1440 54.64 -11.55 -20.76
CA PRO A 1440 55.41 -10.32 -21.00
C PRO A 1440 54.52 -9.09 -21.09
N GLU A 1441 55.10 -7.95 -21.43
CA GLU A 1441 54.34 -6.74 -21.70
C GLU A 1441 55.19 -5.81 -22.56
N TRP A 1442 54.55 -4.82 -23.17
CA TRP A 1442 55.19 -3.61 -23.68
C TRP A 1442 56.25 -3.85 -24.74
N LEU A 1443 55.84 -4.17 -25.97
CA LEU A 1443 56.71 -4.36 -27.12
C LEU A 1443 57.61 -3.13 -27.32
N ILE A 1444 58.92 -3.36 -27.32
CA ILE A 1444 59.92 -2.29 -27.21
C ILE A 1444 60.51 -2.00 -28.59
N THR A 1445 60.34 -0.77 -29.05
CA THR A 1445 61.05 -0.25 -30.21
C THR A 1445 62.06 0.77 -29.71
N ARG A 1446 63.25 0.78 -30.33
CA ARG A 1446 64.40 1.46 -29.74
C ARG A 1446 64.29 2.98 -29.83
N GLY A 1447 64.22 3.53 -31.04
CA GLY A 1447 64.20 4.96 -31.16
C GLY A 1447 62.80 5.54 -31.20
N ASN A 1448 62.28 5.90 -30.03
CA ASN A 1448 60.93 6.43 -29.90
C ASN A 1448 60.87 7.20 -28.59
N ASN A 1449 60.01 8.22 -28.55
CA ASN A 1449 60.03 9.15 -27.42
C ASN A 1449 59.44 8.54 -26.16
N PRO A 1450 58.38 7.73 -26.19
CA PRO A 1450 58.24 6.69 -25.17
C PRO A 1450 58.77 5.38 -25.69
N GLU A 1451 59.26 4.54 -24.77
CA GLU A 1451 59.87 3.29 -25.20
C GLU A 1451 58.83 2.27 -25.64
N ARG A 1452 57.68 2.25 -24.99
CA ARG A 1452 56.60 1.33 -25.32
C ARG A 1452 55.51 2.07 -26.11
N SER A 1453 55.71 2.10 -27.44
CA SER A 1453 54.91 2.95 -28.30
C SER A 1453 55.10 2.64 -29.78
N LEU A 1454 54.18 3.11 -30.61
CA LEU A 1454 54.18 2.91 -32.06
C LEU A 1454 53.34 4.00 -32.69
N THR A 1455 53.90 4.65 -33.70
CA THR A 1455 53.19 5.65 -34.48
C THR A 1455 52.67 4.98 -35.74
N LEU A 1456 51.35 4.84 -35.84
CA LEU A 1456 50.71 4.06 -36.88
C LEU A 1456 50.55 4.86 -38.16
N GLY A 1457 50.19 4.15 -39.23
CA GLY A 1457 49.94 4.80 -40.49
C GLY A 1457 48.58 5.46 -40.55
N VAL A 1458 48.37 6.21 -41.63
CA VAL A 1458 47.12 6.92 -41.83
C VAL A 1458 46.03 5.92 -42.21
N LEU A 1459 44.89 6.00 -41.54
CA LEU A 1459 43.80 5.04 -41.75
C LEU A 1459 42.48 5.81 -41.79
N GLU A 1460 41.73 5.61 -42.87
CA GLU A 1460 40.54 6.41 -43.12
C GLU A 1460 39.40 5.51 -43.59
N SER A 1461 38.24 6.13 -43.79
CA SER A 1461 36.95 5.45 -43.82
C SER A 1461 36.80 4.54 -45.04
N PRO A 1462 36.05 3.45 -44.90
CA PRO A 1462 35.88 2.52 -46.03
C PRO A 1462 34.97 3.08 -47.10
N ARG A 1463 35.27 2.70 -48.34
CA ARG A 1463 34.52 3.16 -49.51
C ARG A 1463 33.71 2.01 -50.10
N PRO A 1464 32.38 2.01 -49.98
CA PRO A 1464 31.60 0.95 -50.62
C PRO A 1464 31.47 1.08 -52.13
N ALA A 1465 32.00 2.14 -52.74
CA ALA A 1465 31.95 2.26 -54.19
C ALA A 1465 32.86 1.26 -54.88
N PHE A 1466 33.92 0.83 -54.19
CA PHE A 1466 34.81 -0.19 -54.74
C PHE A 1466 34.16 -1.57 -54.67
N SER A 1467 33.46 -1.85 -53.58
CA SER A 1467 32.91 -3.20 -53.38
C SER A 1467 31.68 -3.43 -54.26
N ILE A 1468 30.85 -2.41 -54.47
CA ILE A 1468 29.69 -2.56 -55.34
C ILE A 1468 29.58 -1.44 -56.37
N PRO A 1469 30.34 -1.48 -57.46
CA PRO A 1469 30.06 -0.60 -58.59
C PRO A 1469 28.96 -1.20 -59.45
N ASP A 1470 28.66 -0.50 -60.56
CA ASP A 1470 27.90 -1.06 -61.68
C ASP A 1470 26.50 -1.52 -61.28
N ASP A 1471 25.56 -0.55 -61.22
CA ASP A 1471 24.29 -0.56 -60.46
C ASP A 1471 23.61 -1.94 -60.39
N GLU A 1472 23.66 -2.72 -61.46
CA GLU A 1472 23.21 -4.12 -61.40
C GLU A 1472 24.24 -4.97 -60.65
N SER A 1473 24.29 -4.75 -59.34
CA SER A 1473 25.15 -5.51 -58.44
C SER A 1473 24.57 -5.40 -57.04
N GLU A 1474 25.00 -6.30 -56.16
CA GLU A 1474 24.38 -6.45 -54.86
C GLU A 1474 25.44 -6.61 -53.77
N ILE A 1475 25.04 -6.34 -52.54
CA ILE A 1475 25.92 -6.31 -51.37
C ILE A 1475 26.47 -7.70 -51.09
N PRO A 1476 27.79 -7.90 -51.15
CA PRO A 1476 28.38 -9.24 -50.98
C PRO A 1476 28.65 -9.64 -49.52
N GLY A 1477 27.67 -9.43 -48.66
CA GLY A 1477 27.78 -9.97 -47.31
C GLY A 1477 28.73 -9.25 -46.38
N ARG A 1478 29.18 -9.99 -45.38
CA ARG A 1478 29.97 -9.46 -44.28
C ARG A 1478 31.43 -9.25 -44.67
N LYS A 1479 32.14 -8.47 -43.87
CA LYS A 1479 33.52 -8.10 -44.12
C LYS A 1479 34.41 -8.67 -43.02
N PHE A 1480 35.47 -9.36 -43.43
CA PHE A 1480 36.41 -9.97 -42.47
C PHE A 1480 37.83 -9.62 -42.89
N TYR A 1481 38.73 -9.69 -41.90
CA TYR A 1481 40.13 -9.33 -42.07
C TYR A 1481 41.02 -10.57 -41.97
N LEU A 1482 42.25 -10.42 -42.44
CA LEU A 1482 43.17 -11.54 -42.61
C LEU A 1482 44.28 -11.50 -41.57
N HIS A 1483 44.78 -12.68 -41.22
CA HIS A 1483 45.82 -12.82 -40.20
C HIS A 1483 47.18 -12.80 -40.86
N HIS A 1484 48.01 -11.82 -40.48
CA HIS A 1484 49.35 -11.69 -41.03
C HIS A 1484 50.19 -10.83 -40.11
N ASN A 1485 51.51 -10.92 -40.29
CA ASN A 1485 52.47 -10.14 -39.53
C ASN A 1485 52.88 -8.89 -40.31
N GLY A 1486 51.91 -8.03 -40.57
CA GLY A 1486 52.16 -6.77 -41.24
C GLY A 1486 52.59 -5.64 -40.34
N TRP A 1487 52.74 -5.91 -39.05
CA TRP A 1487 53.17 -4.88 -38.10
C TRP A 1487 54.67 -4.64 -38.12
N ARG A 1488 55.45 -5.56 -38.68
CA ARG A 1488 56.89 -5.36 -38.73
C ARG A 1488 57.27 -4.27 -39.72
N ILE A 1489 56.48 -4.12 -40.79
CA ILE A 1489 56.68 -3.03 -41.74
C ILE A 1489 56.41 -1.69 -41.07
N ILE A 1490 55.36 -1.61 -40.25
CA ILE A 1490 55.05 -0.38 -39.53
C ILE A 1490 56.13 -0.09 -38.48
N ARG A 1491 56.69 -1.14 -37.88
CA ARG A 1491 57.69 -0.96 -36.85
C ARG A 1491 59.02 -0.47 -37.42
N GLN A 1492 59.48 -1.09 -38.50
CA GLN A 1492 60.80 -0.73 -39.04
C GLN A 1492 60.76 0.59 -39.80
N LYS A 1493 59.62 0.94 -40.39
CA LYS A 1493 59.48 2.20 -41.11
C LYS A 1493 58.90 3.28 -40.19
N GLN A 1494 59.59 3.50 -39.07
CA GLN A 1494 59.08 4.41 -38.06
C GLN A 1494 59.56 5.85 -38.26
N LEU A 1495 60.77 6.02 -38.78
CA LEU A 1495 61.28 7.36 -39.03
C LEU A 1495 60.58 8.00 -40.22
N GLU A 1496 60.23 7.20 -41.23
CA GLU A 1496 59.57 7.73 -42.41
C GLU A 1496 58.08 8.01 -42.17
N ILE A 1497 57.55 7.63 -41.01
CA ILE A 1497 56.19 7.98 -40.65
C ILE A 1497 56.15 9.27 -39.84
N ARG A 1498 57.12 9.49 -38.95
CA ARG A 1498 57.12 10.72 -38.17
C ARG A 1498 57.53 11.95 -38.99
N GLU A 1499 58.18 11.76 -40.14
CA GLU A 1499 58.25 12.73 -41.20
C GLU A 1499 57.36 12.26 -42.36
N THR A 1500 57.28 13.08 -43.40
CA THR A 1500 56.55 12.83 -44.66
C THR A 1500 55.05 12.59 -44.50
N VAL A 1501 54.47 12.81 -43.31
CA VAL A 1501 53.02 12.87 -43.17
C VAL A 1501 52.74 13.80 -41.99
N GLN A 1502 51.58 14.44 -42.01
CA GLN A 1502 51.27 15.44 -41.01
C GLN A 1502 50.93 14.77 -39.69
N PRO A 1503 51.32 15.36 -38.55
CA PRO A 1503 50.97 14.77 -37.25
C PRO A 1503 49.49 14.77 -36.94
N GLU A 1504 48.67 15.57 -37.63
CA GLU A 1504 47.24 15.59 -37.37
C GLU A 1504 46.55 14.32 -37.87
N ARG A 1505 47.17 13.60 -38.81
CA ARG A 1505 46.52 12.45 -39.40
C ARG A 1505 46.66 11.21 -38.54
N ASN A 1506 47.88 10.89 -38.12
CA ASN A 1506 48.16 9.61 -37.49
C ASN A 1506 47.97 9.70 -35.97
N VAL A 1507 48.11 8.55 -35.31
CA VAL A 1507 47.86 8.37 -33.88
C VAL A 1507 49.04 7.64 -33.28
N THR A 1508 49.43 8.02 -32.06
CA THR A 1508 50.43 7.30 -31.28
C THR A 1508 49.75 6.57 -30.13
N THR A 1509 50.17 5.33 -29.88
CA THR A 1509 49.54 4.47 -28.88
C THR A 1509 50.56 3.54 -28.27
N GLU A 1510 50.21 2.97 -27.12
CA GLU A 1510 50.98 1.89 -26.52
C GLU A 1510 50.51 0.55 -27.05
N VAL A 1511 51.44 -0.41 -27.10
CA VAL A 1511 51.15 -1.74 -27.61
C VAL A 1511 51.58 -2.79 -26.59
N MET A 1512 50.99 -3.98 -26.71
CA MET A 1512 51.35 -5.13 -25.90
C MET A 1512 51.95 -6.21 -26.79
N ASP A 1513 52.91 -6.96 -26.27
CA ASP A 1513 53.59 -7.96 -27.07
C ASP A 1513 52.78 -9.24 -27.14
N LYS A 1514 53.29 -10.20 -27.91
CA LYS A 1514 52.63 -11.50 -28.01
C LYS A 1514 52.96 -12.36 -26.80
N GLY A 1515 52.00 -13.20 -26.43
CA GLY A 1515 52.16 -14.08 -25.29
C GLY A 1515 51.42 -13.65 -24.04
N ASN A 1516 50.68 -12.55 -24.07
CA ASN A 1516 49.94 -12.10 -22.91
C ASN A 1516 48.72 -12.98 -22.68
N VAL A 1517 48.32 -13.12 -21.42
CA VAL A 1517 47.15 -13.91 -21.06
C VAL A 1517 46.16 -13.01 -20.31
N PHE A 1518 44.92 -13.03 -20.76
CA PHE A 1518 43.81 -12.36 -20.09
C PHE A 1518 42.80 -13.40 -19.66
N SER A 1519 42.00 -13.06 -18.67
CA SER A 1519 40.99 -13.96 -18.14
C SER A 1519 39.65 -13.25 -18.05
N PHE A 1520 38.57 -13.94 -18.42
CA PHE A 1520 37.24 -13.36 -18.35
C PHE A 1520 36.18 -14.46 -18.21
N ASP A 1521 34.94 -14.03 -18.01
CA ASP A 1521 33.82 -14.90 -17.67
C ASP A 1521 32.63 -14.60 -18.56
N VAL A 1522 31.93 -15.65 -18.98
CA VAL A 1522 30.69 -15.53 -19.75
C VAL A 1522 29.59 -16.25 -18.99
N ARG A 1523 28.52 -15.53 -18.64
CA ARG A 1523 27.41 -16.12 -17.90
C ARG A 1523 26.20 -16.30 -18.80
N PHE A 1524 25.42 -17.33 -18.52
CA PHE A 1524 24.28 -17.66 -19.38
C PHE A 1524 23.17 -18.27 -18.57
N GLU A 1525 21.94 -18.04 -19.03
CA GLU A 1525 20.74 -18.64 -18.44
C GLU A 1525 19.80 -19.06 -19.55
N ASN A 1526 19.11 -20.19 -19.32
CA ASN A 1526 18.04 -20.72 -20.17
C ASN A 1526 18.52 -20.98 -21.61
N LEU A 1527 19.59 -21.76 -21.72
CA LEU A 1527 20.16 -22.13 -23.00
C LEU A 1527 19.79 -23.56 -23.36
N ARG A 1528 19.39 -23.76 -24.61
CA ARG A 1528 19.27 -25.10 -25.15
C ARG A 1528 20.65 -25.72 -25.36
N GLU A 1529 20.67 -27.02 -25.62
CA GLU A 1529 21.94 -27.73 -25.73
C GLU A 1529 22.68 -27.35 -27.00
N TRP A 1530 21.95 -27.12 -28.10
CA TRP A 1530 22.61 -26.76 -29.34
C TRP A 1530 23.07 -25.31 -29.34
N GLU A 1531 22.37 -24.42 -28.63
CA GLU A 1531 22.83 -23.04 -28.50
C GLU A 1531 24.11 -22.96 -27.69
N LEU A 1532 24.19 -23.75 -26.61
CA LEU A 1532 25.42 -23.82 -25.83
C LEU A 1532 26.54 -24.47 -26.62
N GLY A 1533 26.21 -25.45 -27.46
CA GLY A 1533 27.22 -26.06 -28.31
C GLY A 1533 27.78 -25.11 -29.35
N LEU A 1534 26.90 -24.35 -30.01
CA LEU A 1534 27.36 -23.36 -30.97
C LEU A 1534 28.14 -22.23 -30.30
N LEU A 1535 27.78 -21.89 -29.05
CA LEU A 1535 28.53 -20.88 -28.31
C LEU A 1535 29.93 -21.38 -27.94
N LEU A 1536 30.04 -22.63 -27.48
CA LEU A 1536 31.33 -23.20 -27.13
C LEU A 1536 32.19 -23.40 -28.37
N GLN A 1537 31.57 -23.66 -29.52
CA GLN A 1537 32.33 -23.75 -30.77
C GLN A 1537 32.79 -22.37 -31.24
N SER A 1538 31.95 -21.35 -31.05
CA SER A 1538 32.32 -19.99 -31.47
C SER A 1538 33.40 -19.41 -30.56
N LEU A 1539 33.47 -19.87 -29.31
CA LEU A 1539 34.55 -19.42 -28.44
C LEU A 1539 35.87 -20.07 -28.82
N ASP A 1540 35.90 -21.40 -28.98
CA ASP A 1540 37.11 -22.14 -29.33
C ASP A 1540 36.85 -22.93 -30.61
N PRO A 1541 37.10 -22.32 -31.77
CA PRO A 1541 36.83 -23.02 -33.03
C PRO A 1541 37.85 -24.10 -33.38
N GLY A 1542 38.95 -24.19 -32.66
CA GLY A 1542 39.86 -25.31 -32.82
C GLY A 1542 41.28 -24.83 -32.91
N LYS A 1543 42.17 -25.75 -33.26
CA LYS A 1543 43.54 -25.40 -33.56
C LYS A 1543 43.61 -24.66 -34.89
N ASN A 1544 44.64 -23.81 -35.02
CA ASN A 1544 44.94 -22.90 -36.14
C ASN A 1544 43.73 -22.12 -36.66
N ILE A 1545 42.78 -21.77 -35.79
CA ILE A 1545 41.71 -20.83 -36.09
C ILE A 1545 41.60 -19.86 -34.92
N ALA A 1546 41.59 -18.56 -35.21
CA ALA A 1546 41.60 -17.55 -34.16
C ALA A 1546 40.76 -16.36 -34.58
N HIS A 1547 40.67 -15.38 -33.69
CA HIS A 1547 39.80 -14.21 -33.86
C HIS A 1547 40.61 -12.95 -34.12
N LYS A 1548 39.91 -11.82 -34.22
CA LYS A 1548 40.52 -10.52 -34.45
C LYS A 1548 39.88 -9.47 -33.54
N LEU A 1549 40.71 -8.72 -32.82
CA LEU A 1549 40.23 -7.77 -31.84
C LEU A 1549 41.15 -6.55 -31.81
N GLY A 1550 40.57 -5.36 -31.71
CA GLY A 1550 41.33 -4.16 -31.43
C GLY A 1550 41.48 -3.25 -32.63
N LYS A 1551 42.47 -2.37 -32.52
CA LYS A 1551 42.78 -1.38 -33.53
C LYS A 1551 43.85 -1.90 -34.48
N GLY A 1552 43.79 -1.44 -35.72
CA GLY A 1552 44.79 -1.82 -36.71
C GLY A 1552 44.63 -3.22 -37.26
N LYS A 1553 43.39 -3.66 -37.47
CA LYS A 1553 43.16 -4.97 -38.07
C LYS A 1553 43.60 -5.11 -39.53
N PRO A 1554 43.53 -4.09 -40.40
CA PRO A 1554 44.19 -4.24 -41.71
C PRO A 1554 45.70 -4.38 -41.65
N TYR A 1555 46.35 -3.85 -40.61
CA TYR A 1555 47.80 -3.92 -40.50
C TYR A 1555 48.28 -5.19 -39.79
N GLY A 1556 47.36 -6.00 -39.26
CA GLY A 1556 47.73 -7.25 -38.64
C GLY A 1556 47.80 -7.25 -37.14
N PHE A 1557 47.23 -6.26 -36.47
CA PHE A 1557 47.26 -6.21 -35.02
C PHE A 1557 46.06 -6.95 -34.44
N GLY A 1558 46.31 -7.67 -33.35
CA GLY A 1558 45.24 -8.18 -32.52
C GLY A 1558 44.63 -9.50 -32.93
N SER A 1559 45.46 -10.52 -33.11
CA SER A 1559 44.97 -11.87 -33.32
C SER A 1559 44.96 -12.57 -31.96
N VAL A 1560 43.78 -13.01 -31.54
CA VAL A 1560 43.59 -13.57 -30.20
C VAL A 1560 43.06 -14.98 -30.31
N LYS A 1561 43.52 -15.84 -29.42
CA LYS A 1561 43.07 -17.23 -29.32
C LYS A 1561 42.38 -17.41 -27.97
N ILE A 1562 41.14 -17.92 -28.00
CA ILE A 1562 40.35 -18.10 -26.80
C ILE A 1562 40.34 -19.59 -26.45
N LYS A 1563 40.78 -19.92 -25.25
CA LYS A 1563 40.85 -21.29 -24.76
C LYS A 1563 39.97 -21.42 -23.53
N ILE A 1564 39.07 -22.39 -23.54
CA ILE A 1564 38.09 -22.54 -22.48
C ILE A 1564 38.71 -23.27 -21.30
N ASP A 1565 38.61 -22.68 -20.12
CA ASP A 1565 39.21 -23.27 -18.93
C ASP A 1565 38.19 -24.06 -18.11
N SER A 1566 37.01 -23.50 -17.85
CA SER A 1566 36.05 -24.22 -17.02
C SER A 1566 34.64 -23.90 -17.46
N LEU A 1567 33.75 -24.88 -17.27
CA LEU A 1567 32.32 -24.72 -17.50
C LEU A 1567 31.56 -25.25 -16.30
N HIS A 1568 30.63 -24.45 -15.79
CA HIS A 1568 29.84 -24.82 -14.62
C HIS A 1568 28.38 -24.61 -14.93
N THR A 1569 27.55 -25.61 -14.65
CA THR A 1569 26.10 -25.49 -14.82
C THR A 1569 25.41 -25.82 -13.50
N PHE A 1570 24.35 -25.07 -13.22
CA PHE A 1570 23.60 -25.24 -11.98
C PHE A 1570 22.11 -25.38 -12.30
N LYS A 1571 21.44 -26.22 -11.51
CA LYS A 1571 20.01 -26.50 -11.66
C LYS A 1571 19.33 -26.29 -10.31
N ILE A 1572 18.63 -25.16 -10.18
CA ILE A 1572 18.00 -24.82 -8.91
C ILE A 1572 16.55 -25.27 -8.82
N ASN A 1573 15.98 -25.83 -9.89
CA ASN A 1573 14.67 -26.45 -9.78
C ASN A 1573 14.74 -27.77 -9.02
N SER A 1574 15.77 -28.57 -9.31
CA SER A 1574 16.12 -29.71 -8.47
C SER A 1574 16.67 -29.16 -7.16
N ASN A 1575 16.48 -29.93 -6.07
CA ASN A 1575 16.46 -29.45 -4.68
C ASN A 1575 17.56 -28.48 -4.24
N ASN A 1576 18.81 -28.94 -4.12
CA ASN A 1576 19.98 -28.09 -3.89
C ASN A 1576 21.24 -28.93 -4.07
N ASP A 1577 22.34 -28.26 -4.47
CA ASP A 1577 23.74 -28.63 -4.29
C ASP A 1577 24.60 -27.50 -4.81
N LYS A 1578 25.91 -27.57 -4.61
CA LYS A 1578 26.83 -26.62 -5.22
C LYS A 1578 26.92 -26.89 -6.73
N ILE A 1579 27.54 -25.98 -7.45
CA ILE A 1579 27.52 -26.00 -8.91
C ILE A 1579 28.48 -27.08 -9.40
N LYS A 1580 28.09 -27.75 -10.48
CA LYS A 1580 28.76 -28.95 -10.98
C LYS A 1580 30.05 -28.62 -11.72
N ARG A 1581 30.56 -29.62 -12.44
CA ARG A 1581 31.84 -29.56 -13.12
C ARG A 1581 31.73 -29.74 -14.63
N VAL A 1582 30.72 -30.49 -15.10
CA VAL A 1582 30.38 -30.74 -16.51
C VAL A 1582 31.58 -31.25 -17.31
N PRO A 1583 31.91 -32.55 -17.21
CA PRO A 1583 33.11 -33.07 -17.86
C PRO A 1583 33.09 -33.07 -19.39
N GLN A 1584 34.17 -33.60 -19.97
CA GLN A 1584 34.46 -33.46 -21.40
C GLN A 1584 33.45 -34.18 -22.28
N SER A 1585 32.87 -35.28 -21.80
CA SER A 1585 31.99 -36.10 -22.62
C SER A 1585 30.68 -35.37 -22.96
N ASP A 1586 30.08 -34.73 -21.94
CA ASP A 1586 28.82 -34.04 -22.19
C ASP A 1586 29.00 -32.75 -22.98
N ILE A 1587 30.16 -32.09 -22.87
CA ILE A 1587 30.35 -30.90 -23.68
C ILE A 1587 30.66 -31.29 -25.12
N ARG A 1588 31.29 -32.45 -25.33
CA ARG A 1588 31.43 -32.95 -26.70
C ARG A 1588 30.08 -33.36 -27.27
N GLU A 1589 29.18 -33.84 -26.41
CA GLU A 1589 27.81 -34.14 -26.85
C GLU A 1589 27.05 -32.87 -27.21
N TYR A 1590 27.32 -31.77 -26.49
CA TYR A 1590 26.73 -30.47 -26.85
C TYR A 1590 27.25 -29.97 -28.20
N ILE A 1591 28.55 -30.13 -28.45
CA ILE A 1591 29.11 -29.74 -29.75
C ILE A 1591 28.51 -30.59 -30.87
N ASN A 1592 28.28 -31.88 -30.61
CA ASN A 1592 27.66 -32.74 -31.61
C ASN A 1592 26.21 -32.35 -31.88
N LYS A 1593 25.48 -31.94 -30.83
CA LYS A 1593 24.10 -31.48 -31.03
C LYS A 1593 24.06 -30.18 -31.82
N GLY A 1594 25.02 -29.28 -31.58
CA GLY A 1594 25.10 -28.06 -32.37
C GLY A 1594 25.43 -28.32 -33.82
N TYR A 1595 26.33 -29.28 -34.08
CA TYR A 1595 26.67 -29.65 -35.45
C TYR A 1595 25.48 -30.28 -36.16
N GLN A 1596 24.70 -31.11 -35.46
CA GLN A 1596 23.52 -31.70 -36.06
C GLN A 1596 22.44 -30.65 -36.32
N LYS A 1597 22.34 -29.64 -35.46
CA LYS A 1597 21.39 -28.55 -35.70
C LYS A 1597 21.79 -27.74 -36.93
N LEU A 1598 23.08 -27.50 -37.10
CA LEU A 1598 23.54 -26.79 -38.30
C LEU A 1598 23.31 -27.62 -39.57
N ILE A 1599 23.51 -28.94 -39.48
CA ILE A 1599 23.24 -29.82 -40.62
C ILE A 1599 21.76 -29.82 -40.96
N GLU A 1600 20.88 -29.84 -39.94
CA GLU A 1600 19.45 -29.79 -40.17
C GLU A 1600 19.02 -28.44 -40.75
N TRP A 1601 19.69 -27.36 -40.35
CA TRP A 1601 19.38 -26.05 -40.90
C TRP A 1601 19.82 -25.91 -42.35
N SER A 1602 20.90 -26.60 -42.72
CA SER A 1602 21.37 -26.54 -44.10
C SER A 1602 20.39 -27.19 -45.05
N GLY A 1603 19.83 -28.33 -44.67
CA GLY A 1603 18.87 -29.04 -45.49
C GLY A 1603 19.40 -30.31 -46.12
N ASN A 1604 20.72 -30.45 -46.25
CA ASN A 1604 21.34 -31.64 -46.83
C ASN A 1604 21.46 -32.69 -45.74
N ASN A 1605 20.43 -33.55 -45.65
CA ASN A 1605 20.38 -34.59 -44.63
C ASN A 1605 21.03 -35.90 -45.07
N SER A 1606 21.79 -35.88 -46.17
CA SER A 1606 22.42 -37.11 -46.65
C SER A 1606 23.60 -37.55 -45.78
N ILE A 1607 24.20 -36.61 -45.04
CA ILE A 1607 25.29 -36.97 -44.13
C ILE A 1607 24.71 -37.66 -42.91
N GLN A 1608 25.37 -38.74 -42.48
CA GLN A 1608 24.82 -39.61 -41.45
C GLN A 1608 24.96 -38.97 -40.06
N LYS A 1609 24.37 -39.64 -39.07
CA LYS A 1609 24.45 -39.25 -37.68
C LYS A 1609 25.25 -40.28 -36.91
N GLY A 1610 26.01 -39.82 -35.92
CA GLY A 1610 26.77 -40.74 -35.10
C GLY A 1610 27.67 -39.97 -34.15
N ASN A 1611 28.42 -40.73 -33.35
CA ASN A 1611 29.38 -40.14 -32.41
C ASN A 1611 30.75 -40.09 -33.07
N VAL A 1612 30.82 -39.33 -34.17
CA VAL A 1612 32.06 -39.06 -34.88
C VAL A 1612 32.39 -37.59 -34.69
N LEU A 1613 33.67 -37.26 -34.66
CA LEU A 1613 34.08 -35.87 -34.54
C LEU A 1613 33.70 -35.11 -35.80
N PRO A 1614 33.07 -33.95 -35.69
CA PRO A 1614 32.55 -33.27 -36.88
C PRO A 1614 33.64 -32.62 -37.69
N GLN A 1615 33.56 -32.81 -39.00
CA GLN A 1615 34.38 -32.10 -39.97
C GLN A 1615 33.52 -30.95 -40.47
N TRP A 1616 33.84 -29.73 -40.03
CA TRP A 1616 32.96 -28.59 -40.24
C TRP A 1616 32.98 -28.10 -41.68
N HIS A 1617 34.02 -28.45 -42.45
CA HIS A 1617 34.16 -27.89 -43.79
C HIS A 1617 33.30 -28.58 -44.84
N VAL A 1618 32.36 -29.44 -44.45
CA VAL A 1618 31.41 -30.00 -45.42
C VAL A 1618 30.40 -28.94 -45.82
N ILE A 1619 29.91 -28.17 -44.86
CA ILE A 1619 29.03 -27.03 -45.14
C ILE A 1619 29.86 -25.94 -45.81
N PRO A 1620 29.33 -25.26 -46.85
CA PRO A 1620 30.16 -24.29 -47.58
C PRO A 1620 30.53 -23.03 -46.82
N HIS A 1621 29.56 -22.39 -46.15
CA HIS A 1621 29.85 -21.09 -45.54
C HIS A 1621 30.71 -21.23 -44.30
N ILE A 1622 30.64 -22.38 -43.62
CA ILE A 1622 31.57 -22.65 -42.53
C ILE A 1622 32.99 -22.79 -43.07
N ASP A 1623 33.15 -23.36 -44.26
CA ASP A 1623 34.46 -23.49 -44.87
C ASP A 1623 35.03 -22.14 -45.29
N LYS A 1624 34.19 -21.27 -45.87
CA LYS A 1624 34.63 -19.92 -46.22
C LYS A 1624 35.00 -19.11 -44.98
N LEU A 1625 34.18 -19.23 -43.92
CA LEU A 1625 34.46 -18.54 -42.66
C LEU A 1625 35.74 -19.02 -42.03
N TYR A 1626 35.98 -20.32 -42.05
CA TYR A 1626 37.14 -20.86 -41.36
C TYR A 1626 38.40 -20.68 -42.20
N LYS A 1627 38.26 -20.46 -43.50
CA LYS A 1627 39.39 -20.02 -44.31
C LYS A 1627 39.72 -18.56 -44.04
N LEU A 1628 38.69 -17.74 -43.79
CA LEU A 1628 38.95 -16.34 -43.45
C LEU A 1628 39.61 -16.17 -42.10
N LEU A 1629 39.35 -17.06 -41.15
CA LEU A 1629 39.88 -16.95 -39.79
C LEU A 1629 40.99 -17.97 -39.52
N TRP A 1630 41.80 -18.29 -40.52
CA TRP A 1630 42.84 -19.30 -40.38
C TRP A 1630 44.19 -18.63 -40.26
N VAL A 1631 44.97 -19.04 -39.25
CA VAL A 1631 46.26 -18.44 -38.91
C VAL A 1631 47.35 -19.26 -39.57
N PRO A 1632 48.06 -18.74 -40.58
CA PRO A 1632 49.07 -19.52 -41.30
C PRO A 1632 50.48 -19.50 -40.69
N PHE A 1633 50.66 -19.06 -39.45
CA PHE A 1633 52.00 -18.98 -38.87
C PHE A 1633 52.03 -19.53 -37.44
N LEU A 1634 51.19 -20.52 -37.13
CA LEU A 1634 50.99 -20.91 -35.75
C LEU A 1634 51.69 -22.21 -35.36
N ASN A 1635 51.75 -23.19 -36.27
CA ASN A 1635 52.24 -24.53 -35.95
C ASN A 1635 53.72 -24.70 -36.19
N ASP A 1636 54.50 -23.62 -35.99
CA ASP A 1636 55.91 -23.51 -36.40
C ASP A 1636 56.09 -23.82 -37.89
N SER A 1637 55.18 -23.30 -38.70
CA SER A 1637 55.35 -23.35 -40.14
C SER A 1637 56.36 -22.30 -40.58
N LYS A 1638 56.83 -22.43 -41.82
CA LYS A 1638 57.86 -21.57 -42.36
C LYS A 1638 57.35 -20.65 -43.46
N LEU A 1639 56.07 -20.29 -43.43
CA LEU A 1639 55.49 -19.41 -44.43
C LEU A 1639 54.91 -18.18 -43.76
N GLU A 1640 55.04 -17.04 -44.43
CA GLU A 1640 54.37 -15.82 -44.05
C GLU A 1640 53.83 -15.17 -45.32
N PRO A 1641 52.59 -14.70 -45.31
CA PRO A 1641 52.07 -14.01 -46.49
C PRO A 1641 52.54 -12.58 -46.54
N ASP A 1642 52.09 -11.87 -47.57
CA ASP A 1642 52.37 -10.45 -47.75
C ASP A 1642 51.06 -9.77 -48.10
N VAL A 1643 50.40 -9.18 -47.10
CA VAL A 1643 49.05 -8.65 -47.27
C VAL A 1643 49.10 -7.15 -47.01
N ARG A 1644 48.79 -6.37 -48.05
CA ARG A 1644 48.88 -4.92 -47.96
C ARG A 1644 47.98 -4.31 -49.03
N TYR A 1645 47.69 -3.02 -48.86
CA TYR A 1645 46.83 -2.29 -49.77
C TYR A 1645 47.60 -1.82 -51.01
N PRO A 1646 46.90 -1.56 -52.11
CA PRO A 1646 47.54 -0.93 -53.27
C PRO A 1646 48.01 0.52 -53.04
N VAL A 1647 48.60 1.13 -54.06
CA VAL A 1647 49.44 2.30 -53.88
C VAL A 1647 48.81 3.61 -54.36
N LEU A 1648 47.81 3.55 -55.26
CA LEU A 1648 47.10 4.73 -55.80
C LEU A 1648 47.99 5.72 -56.55
N ASN A 1649 48.16 5.48 -57.86
CA ASN A 1649 48.76 6.45 -58.80
C ASN A 1649 50.24 6.63 -58.55
N GLU A 1650 51.01 5.73 -59.18
CA GLU A 1650 52.47 5.58 -59.10
C GLU A 1650 53.25 6.90 -59.08
N GLU A 1651 54.45 6.82 -58.49
CA GLU A 1651 55.13 7.91 -57.80
C GLU A 1651 54.24 8.44 -56.67
N SER A 1652 54.08 7.61 -55.63
CA SER A 1652 53.31 7.96 -54.44
C SER A 1652 54.02 7.31 -53.26
N LYS A 1653 53.39 7.23 -52.10
CA LYS A 1653 54.03 6.71 -50.90
C LYS A 1653 54.25 5.20 -51.00
N GLY A 1654 55.50 4.79 -50.78
CA GLY A 1654 55.91 3.40 -50.66
C GLY A 1654 55.58 2.47 -51.82
N TYR A 1655 55.86 2.92 -53.04
CA TYR A 1655 55.65 2.09 -54.22
C TYR A 1655 56.90 1.26 -54.49
N ILE A 1656 56.72 -0.06 -54.56
CA ILE A 1656 57.79 -0.97 -54.93
C ILE A 1656 57.92 -0.94 -56.45
N GLU A 1657 59.17 -1.05 -56.91
CA GLU A 1657 59.73 -0.62 -58.21
C GLU A 1657 58.85 -1.05 -59.38
N GLY A 1658 58.60 -2.34 -59.59
CA GLY A 1658 57.90 -2.78 -60.78
C GLY A 1658 56.75 -3.72 -60.53
N SER A 1659 55.97 -3.46 -59.48
CA SER A 1659 54.93 -4.38 -59.05
C SER A 1659 53.62 -4.22 -59.82
N ASP A 1660 53.35 -3.02 -60.37
CA ASP A 1660 52.08 -2.68 -61.03
C ASP A 1660 50.88 -2.94 -60.13
N TYR A 1661 50.93 -2.37 -58.92
CA TYR A 1661 49.92 -2.63 -57.90
C TYR A 1661 49.23 -1.34 -57.49
N THR A 1662 48.83 -0.54 -58.46
CA THR A 1662 48.19 0.74 -58.18
C THR A 1662 46.70 0.64 -58.47
N TYR A 1663 45.94 1.61 -57.96
CA TYR A 1663 44.51 1.65 -58.23
C TYR A 1663 44.20 2.17 -59.63
N LYS A 1664 45.19 2.77 -60.30
CA LYS A 1664 45.02 3.15 -61.69
C LYS A 1664 44.92 1.93 -62.59
N LYS A 1665 45.81 0.96 -62.39
CA LYS A 1665 45.84 -0.25 -63.20
C LYS A 1665 45.01 -1.38 -62.61
N LEU A 1666 44.10 -1.07 -61.68
CA LEU A 1666 43.29 -2.09 -61.06
C LEU A 1666 41.84 -1.66 -60.98
N GLY A 1667 41.47 -0.53 -61.58
CA GLY A 1667 40.11 -0.04 -61.55
C GLY A 1667 39.70 0.63 -62.85
N ASP A 1668 40.29 0.25 -63.97
CA ASP A 1668 40.14 1.01 -65.20
C ASP A 1668 39.44 0.23 -66.31
N LYS A 1669 38.91 -0.97 -66.00
CA LYS A 1669 38.07 -1.83 -66.85
C LYS A 1669 38.73 -2.40 -68.09
N ASP A 1670 39.96 -2.02 -68.42
CA ASP A 1670 40.63 -2.68 -69.54
C ASP A 1670 41.23 -4.01 -69.09
N ASN A 1671 41.64 -4.09 -67.83
CA ASN A 1671 41.94 -5.36 -67.20
C ASN A 1671 41.12 -5.46 -65.92
N LEU A 1672 40.77 -6.70 -65.56
CA LEU A 1672 39.85 -7.09 -64.50
C LEU A 1672 38.54 -6.28 -64.56
N PRO A 1673 37.60 -6.68 -65.42
CA PRO A 1673 36.28 -6.06 -65.37
C PRO A 1673 35.55 -6.34 -64.07
N TYR A 1674 34.42 -5.65 -63.90
CA TYR A 1674 33.74 -5.51 -62.62
C TYR A 1674 33.33 -6.83 -61.97
N LYS A 1675 32.88 -7.79 -62.77
CA LYS A 1675 32.46 -9.07 -62.21
C LYS A 1675 33.63 -9.86 -61.67
N THR A 1676 34.78 -9.78 -62.35
CA THR A 1676 36.00 -10.42 -61.83
C THR A 1676 36.50 -9.72 -60.57
N ARG A 1677 36.27 -8.41 -60.48
CA ARG A 1677 36.68 -7.67 -59.30
C ARG A 1677 35.83 -8.02 -58.09
N VAL A 1678 34.52 -8.16 -58.28
CA VAL A 1678 33.64 -8.55 -57.17
C VAL A 1678 33.87 -10.02 -56.81
N LYS A 1679 34.19 -10.85 -57.79
CA LYS A 1679 34.49 -12.25 -57.49
C LYS A 1679 35.85 -12.40 -56.80
N GLY A 1680 36.76 -11.47 -57.03
CA GLY A 1680 38.05 -11.53 -56.35
C GLY A 1680 38.00 -11.15 -54.88
N LEU A 1681 36.93 -10.47 -54.46
CA LEU A 1681 36.76 -10.10 -53.07
C LEU A 1681 35.91 -11.10 -52.29
N THR A 1682 35.30 -12.07 -52.96
CA THR A 1682 34.42 -13.04 -52.31
C THR A 1682 35.11 -14.37 -52.05
N THR A 1683 36.20 -14.66 -52.74
CA THR A 1683 36.96 -15.87 -52.49
C THR A 1683 38.11 -15.56 -51.55
N PRO A 1684 38.18 -16.17 -50.37
CA PRO A 1684 39.24 -15.84 -49.41
C PRO A 1684 40.61 -16.32 -49.85
N TRP A 1685 41.62 -15.49 -49.55
CA TRP A 1685 43.04 -15.75 -49.81
C TRP A 1685 43.32 -15.96 -51.29
N SER A 1686 42.80 -15.07 -52.12
CA SER A 1686 43.10 -15.14 -53.54
C SER A 1686 44.15 -14.10 -53.88
N PRO A 1687 45.18 -14.46 -54.66
CA PRO A 1687 46.26 -13.51 -54.91
C PRO A 1687 45.83 -12.40 -55.87
N TRP A 1688 46.38 -11.21 -55.64
CA TRP A 1688 46.01 -10.02 -56.39
C TRP A 1688 47.13 -9.46 -57.25
N ASN A 1689 48.39 -9.65 -56.87
CA ASN A 1689 49.47 -9.05 -57.65
C ASN A 1689 49.74 -9.76 -58.98
N PRO A 1690 49.72 -11.10 -59.08
CA PRO A 1690 49.53 -11.70 -60.40
C PRO A 1690 48.08 -11.93 -60.78
N PHE A 1691 47.16 -11.70 -59.85
CA PHE A 1691 45.70 -11.75 -60.06
C PHE A 1691 45.23 -13.12 -60.57
N GLN A 1692 45.41 -14.14 -59.72
CA GLN A 1692 45.18 -15.59 -59.95
C GLN A 1692 45.41 -16.10 -61.38
N THR B 15 -17.11 -4.58 -38.91
CA THR B 15 -16.48 -3.42 -38.28
C THR B 15 -15.92 -3.82 -36.92
N ARG B 16 -14.75 -3.26 -36.56
CA ARG B 16 -14.04 -3.69 -35.36
C ARG B 16 -14.78 -3.28 -34.09
N GLU B 17 -15.54 -2.19 -34.14
CA GLU B 17 -16.30 -1.74 -32.98
C GLU B 17 -17.39 -2.74 -32.61
N ASP B 18 -18.03 -3.33 -33.62
CA ASP B 18 -19.04 -4.35 -33.37
C ASP B 18 -18.41 -5.64 -32.85
N ILE B 19 -17.18 -5.96 -33.28
CA ILE B 19 -16.46 -7.11 -32.73
C ILE B 19 -16.14 -6.90 -31.26
N ASP B 20 -15.68 -5.69 -30.90
CA ASP B 20 -15.42 -5.38 -29.49
C ASP B 20 -16.70 -5.43 -28.67
N ARG B 21 -17.81 -4.91 -29.21
CA ARG B 21 -19.08 -4.93 -28.49
C ARG B 21 -19.59 -6.35 -28.30
N LYS B 22 -19.50 -7.20 -29.34
CA LYS B 22 -20.00 -8.55 -29.18
C LYS B 22 -19.07 -9.38 -28.29
N GLU B 23 -17.78 -9.04 -28.23
CA GLU B 23 -16.89 -9.65 -27.27
C GLU B 23 -17.29 -9.29 -25.84
N ALA B 24 -17.63 -8.02 -25.61
CA ALA B 24 -18.09 -7.59 -24.29
C ALA B 24 -19.40 -8.26 -23.91
N GLU B 25 -20.34 -8.37 -24.85
CA GLU B 25 -21.61 -9.02 -24.55
C GLU B 25 -21.43 -10.52 -24.34
N ARG B 26 -20.48 -11.14 -25.05
CA ARG B 26 -20.16 -12.55 -24.81
C ARG B 26 -19.60 -12.75 -23.41
N LEU B 27 -18.77 -11.82 -22.94
CA LEU B 27 -18.25 -11.89 -21.58
C LEU B 27 -19.36 -11.71 -20.55
N LEU B 28 -20.28 -10.77 -20.79
CA LEU B 28 -21.36 -10.53 -19.83
C LEU B 28 -22.34 -11.70 -19.79
N ASP B 29 -22.61 -12.34 -20.93
CA ASP B 29 -23.45 -13.53 -20.92
C ASP B 29 -22.73 -14.74 -20.36
N GLU B 30 -21.40 -14.76 -20.41
CA GLU B 30 -20.64 -15.76 -19.66
C GLU B 30 -20.80 -15.53 -18.16
N ALA B 31 -20.89 -14.26 -17.75
CA ALA B 31 -21.14 -13.96 -16.35
C ALA B 31 -22.57 -14.29 -15.94
N PHE B 32 -23.52 -14.20 -16.88
CA PHE B 32 -24.93 -14.42 -16.54
C PHE B 32 -25.24 -15.88 -16.24
N ASN B 33 -24.44 -16.80 -16.75
CA ASN B 33 -24.76 -18.24 -16.63
C ASN B 33 -24.54 -18.72 -15.21
N PRO B 34 -25.54 -19.36 -14.57
CA PRO B 34 -25.32 -19.91 -13.23
C PRO B 34 -24.45 -21.17 -13.20
N ARG B 35 -23.23 -21.07 -13.72
CA ARG B 35 -22.23 -22.13 -13.60
C ARG B 35 -20.86 -21.61 -13.20
N THR B 36 -20.64 -20.30 -13.22
CA THR B 36 -19.35 -19.73 -12.89
C THR B 36 -19.24 -19.42 -11.40
N LYS B 37 -18.01 -19.43 -10.91
CA LYS B 37 -17.69 -19.08 -9.54
C LYS B 37 -17.63 -17.57 -9.39
N PRO B 38 -17.76 -17.05 -8.15
CA PRO B 38 -17.69 -15.59 -7.95
C PRO B 38 -16.37 -14.93 -8.36
N VAL B 39 -15.24 -15.62 -8.19
CA VAL B 39 -13.96 -15.04 -8.57
C VAL B 39 -13.85 -14.92 -10.09
N ASP B 40 -14.33 -15.95 -10.81
CA ASP B 40 -14.40 -15.88 -12.26
C ASP B 40 -15.33 -14.79 -12.72
N ARG B 41 -16.44 -14.58 -12.00
CA ARG B 41 -17.37 -13.51 -12.33
C ARG B 41 -16.72 -12.14 -12.17
N LYS B 42 -15.96 -11.95 -11.08
CA LYS B 42 -15.26 -10.70 -10.83
C LYS B 42 -14.25 -10.41 -11.94
N LYS B 43 -13.46 -11.41 -12.31
CA LYS B 43 -12.45 -11.24 -13.36
C LYS B 43 -13.08 -10.94 -14.72
N ILE B 44 -14.15 -11.65 -15.08
CA ILE B 44 -14.78 -11.46 -16.38
C ILE B 44 -15.44 -10.09 -16.48
N ILE B 45 -16.19 -9.67 -15.46
CA ILE B 45 -16.90 -8.40 -15.58
C ILE B 45 -15.94 -7.21 -15.45
N ASN B 46 -14.86 -7.34 -14.66
CA ASN B 46 -13.96 -6.18 -14.63
C ASN B 46 -13.08 -6.12 -15.89
N SER B 47 -12.83 -7.26 -16.56
CA SER B 47 -12.18 -7.21 -17.86
C SER B 47 -13.08 -6.57 -18.93
N ALA B 48 -14.37 -6.92 -18.92
CA ALA B 48 -15.32 -6.30 -19.84
C ALA B 48 -15.45 -4.81 -19.58
N LEU B 49 -15.42 -4.41 -18.30
CA LEU B 49 -15.46 -2.99 -17.98
C LEU B 49 -14.18 -2.28 -18.40
N LYS B 50 -13.04 -2.98 -18.34
CA LYS B 50 -11.78 -2.39 -18.79
C LYS B 50 -11.81 -2.12 -20.29
N ILE B 51 -12.29 -3.08 -21.09
CA ILE B 51 -12.32 -2.88 -22.53
C ILE B 51 -13.37 -1.83 -22.92
N LEU B 52 -14.49 -1.76 -22.17
CA LEU B 52 -15.49 -0.74 -22.48
C LEU B 52 -15.03 0.66 -22.07
N ILE B 53 -14.27 0.77 -20.98
CA ILE B 53 -13.77 2.08 -20.56
C ILE B 53 -12.66 2.53 -21.49
N GLY B 54 -11.86 1.59 -22.01
CA GLY B 54 -10.91 1.94 -23.06
C GLY B 54 -11.58 2.40 -24.35
N LEU B 55 -12.69 1.77 -24.72
CA LEU B 55 -13.45 2.22 -25.88
C LEU B 55 -14.08 3.59 -25.65
N TYR B 56 -14.48 3.88 -24.40
CA TYR B 56 -14.96 5.20 -24.05
C TYR B 56 -13.86 6.25 -24.18
N LYS B 57 -12.68 5.95 -23.64
CA LYS B 57 -11.54 6.86 -23.73
C LYS B 57 -11.11 7.10 -25.17
N GLU B 58 -11.28 6.11 -26.04
CA GLU B 58 -10.97 6.32 -27.45
C GLU B 58 -12.04 7.16 -28.15
N LYS B 59 -13.32 6.81 -27.97
CA LYS B 59 -14.41 7.42 -28.73
C LYS B 59 -15.27 8.38 -27.91
N LYS B 60 -14.66 9.12 -26.97
CA LYS B 60 -15.26 9.95 -25.87
C LYS B 60 -16.57 10.65 -26.24
N ASP B 61 -16.64 11.42 -27.32
CA ASP B 61 -17.92 12.07 -27.64
C ASP B 61 -18.58 11.48 -28.87
N ASP B 62 -17.82 10.82 -29.74
CA ASP B 62 -18.41 10.11 -30.87
C ASP B 62 -18.95 8.73 -30.49
N LEU B 63 -19.02 8.40 -29.20
CA LEU B 63 -19.60 7.14 -28.76
C LEU B 63 -21.10 7.08 -29.08
N THR B 64 -21.54 5.90 -29.52
CA THR B 64 -22.95 5.64 -29.71
C THR B 64 -23.66 5.53 -28.38
N SER B 65 -25.01 5.56 -28.43
CA SER B 65 -25.81 5.45 -27.22
C SER B 65 -25.75 4.05 -26.62
N ALA B 66 -25.68 3.02 -27.47
CA ALA B 66 -25.74 1.64 -27.02
C ALA B 66 -24.50 1.24 -26.24
N SER B 67 -23.36 1.88 -26.55
CA SER B 67 -22.14 1.66 -25.76
C SER B 67 -22.29 2.18 -24.34
N PHE B 68 -22.95 3.34 -24.18
CA PHE B 68 -23.23 3.86 -22.85
C PHE B 68 -24.22 2.98 -22.11
N ILE B 69 -25.19 2.41 -22.84
CA ILE B 69 -26.11 1.45 -22.26
C ILE B 69 -25.38 0.21 -21.77
N SER B 70 -24.39 -0.25 -22.55
CA SER B 70 -23.60 -1.41 -22.15
C SER B 70 -22.71 -1.09 -20.95
N ILE B 71 -22.23 0.15 -20.86
CA ILE B 71 -21.48 0.61 -19.68
C ILE B 71 -22.34 0.54 -18.43
N ALA B 72 -23.59 1.01 -18.53
CA ALA B 72 -24.50 0.99 -17.37
C ALA B 72 -24.88 -0.44 -16.99
N ARG B 73 -25.07 -1.31 -17.98
CA ARG B 73 -25.38 -2.72 -17.71
C ARG B 73 -24.20 -3.43 -17.05
N ALA B 74 -22.98 -3.13 -17.50
CA ALA B 74 -21.79 -3.69 -16.88
C ALA B 74 -21.59 -3.18 -15.46
N TYR B 75 -21.96 -1.91 -15.21
CA TYR B 75 -21.90 -1.40 -13.86
C TYR B 75 -22.95 -2.03 -12.94
N TYR B 76 -24.12 -2.38 -13.48
CA TYR B 76 -25.10 -3.11 -12.68
C TYR B 76 -24.59 -4.51 -12.31
N LEU B 77 -23.96 -5.19 -13.27
CA LEU B 77 -23.40 -6.51 -12.98
C LEU B 77 -22.22 -6.43 -12.01
N VAL B 78 -21.45 -5.32 -12.05
CA VAL B 78 -20.41 -5.11 -11.05
C VAL B 78 -21.03 -4.88 -9.67
N SER B 79 -22.09 -4.07 -9.62
CA SER B 79 -22.74 -3.74 -8.36
C SER B 79 -23.44 -4.92 -7.73
N ILE B 80 -23.75 -5.95 -8.51
CA ILE B 80 -24.29 -7.19 -7.94
C ILE B 80 -23.25 -7.90 -7.08
N THR B 81 -22.03 -8.06 -7.60
CA THR B 81 -21.04 -8.95 -7.01
C THR B 81 -20.20 -8.31 -5.91
N ILE B 82 -20.65 -7.23 -5.27
CA ILE B 82 -19.92 -6.63 -4.16
C ILE B 82 -20.56 -7.09 -2.86
N LEU B 83 -19.81 -7.83 -2.06
CA LEU B 83 -20.31 -8.39 -0.82
C LEU B 83 -20.36 -7.32 0.26
N PRO B 84 -21.38 -7.32 1.12
CA PRO B 84 -21.45 -6.30 2.17
C PRO B 84 -20.61 -6.65 3.38
N LYS B 85 -19.58 -5.85 3.64
CA LYS B 85 -18.69 -6.05 4.78
C LYS B 85 -19.09 -5.09 5.89
N GLY B 86 -19.25 -5.60 7.10
CA GLY B 86 -19.71 -4.80 8.20
C GLY B 86 -21.23 -4.76 8.29
N THR B 87 -21.71 -4.12 9.34
CA THR B 87 -23.14 -3.97 9.58
C THR B 87 -23.69 -2.70 8.94
N THR B 88 -23.37 -2.49 7.67
CA THR B 88 -23.75 -1.31 6.92
C THR B 88 -23.56 -1.65 5.44
N ILE B 89 -23.99 -0.73 4.59
CA ILE B 89 -23.87 -0.87 3.14
C ILE B 89 -22.52 -0.32 2.72
N PRO B 90 -21.70 -1.07 1.98
CA PRO B 90 -20.44 -0.52 1.49
C PRO B 90 -20.66 0.55 0.44
N GLU B 91 -19.77 1.54 0.43
CA GLU B 91 -19.94 2.67 -0.47
C GLU B 91 -19.52 2.35 -1.90
N LYS B 92 -18.86 1.21 -2.12
CA LYS B 92 -18.52 0.78 -3.48
C LYS B 92 -19.77 0.45 -4.27
N LYS B 93 -20.76 -0.16 -3.61
CA LYS B 93 -22.02 -0.50 -4.28
C LYS B 93 -22.79 0.77 -4.65
N LYS B 94 -22.85 1.73 -3.73
CA LYS B 94 -23.52 2.99 -4.02
C LYS B 94 -22.79 3.78 -5.10
N GLU B 95 -21.46 3.70 -5.10
CA GLU B 95 -20.66 4.37 -6.14
C GLU B 95 -20.92 3.77 -7.51
N ALA B 96 -20.96 2.44 -7.60
CA ALA B 96 -21.25 1.77 -8.86
C ALA B 96 -22.66 2.08 -9.35
N LEU B 97 -23.63 2.12 -8.43
CA LEU B 97 -25.00 2.41 -8.80
C LEU B 97 -25.15 3.85 -9.29
N ARG B 98 -24.51 4.81 -8.60
CA ARG B 98 -24.67 6.20 -9.00
C ARG B 98 -23.91 6.51 -10.29
N LYS B 99 -22.80 5.82 -10.53
CA LYS B 99 -22.11 5.99 -11.81
C LYS B 99 -22.91 5.37 -12.95
N GLY B 100 -23.60 4.28 -12.69
CA GLY B 100 -24.39 3.67 -13.75
C GLY B 100 -25.63 4.49 -14.01
N ILE B 101 -26.04 5.31 -13.05
CA ILE B 101 -27.23 6.16 -13.23
C ILE B 101 -26.81 7.34 -14.07
N GLU B 102 -25.66 7.92 -13.75
CA GLU B 102 -25.08 9.07 -14.47
C GLU B 102 -24.79 8.64 -15.90
N PHE B 103 -24.25 7.46 -16.08
CA PHE B 103 -23.90 6.96 -17.41
C PHE B 103 -25.15 6.75 -18.25
N ILE B 104 -26.20 6.16 -17.69
CA ILE B 104 -27.44 5.96 -18.43
C ILE B 104 -28.20 7.27 -18.61
N ASP B 105 -27.93 8.28 -17.79
CA ASP B 105 -28.53 9.59 -18.00
C ASP B 105 -27.96 10.25 -19.26
N ARG B 106 -26.64 10.22 -19.40
CA ARG B 106 -26.06 10.75 -20.64
C ARG B 106 -26.25 9.80 -21.81
N ALA B 107 -26.67 8.55 -21.57
CA ALA B 107 -27.14 7.70 -22.65
C ALA B 107 -28.50 8.14 -23.15
N ILE B 108 -29.46 8.36 -22.24
CA ILE B 108 -30.81 8.71 -22.66
C ILE B 108 -30.93 10.16 -23.10
N ASN B 109 -29.93 11.00 -22.82
CA ASN B 109 -29.91 12.31 -23.46
C ASN B 109 -29.28 12.26 -24.86
N LYS B 110 -28.89 11.08 -25.33
CA LYS B 110 -28.29 10.89 -26.64
C LYS B 110 -29.20 10.15 -27.61
N PHE B 111 -30.34 10.73 -27.96
CA PHE B 111 -31.49 10.08 -28.58
C PHE B 111 -31.30 9.54 -30.00
N ASN B 112 -32.40 9.04 -30.58
CA ASN B 112 -32.56 8.60 -31.97
C ASN B 112 -31.93 7.21 -32.21
N GLY B 113 -31.91 6.37 -31.19
CA GLY B 113 -31.76 4.95 -31.39
C GLY B 113 -33.04 4.30 -31.90
N SER B 114 -33.02 2.98 -31.96
CA SER B 114 -34.23 2.24 -32.32
C SER B 114 -35.20 2.20 -31.15
N ILE B 115 -36.34 1.54 -31.36
CA ILE B 115 -37.32 1.37 -30.28
C ILE B 115 -36.77 0.44 -29.19
N LEU B 116 -36.03 -0.60 -29.61
CA LEU B 116 -35.47 -1.56 -28.66
C LEU B 116 -34.41 -0.91 -27.78
N ASP B 117 -33.62 -0.01 -28.36
CA ASP B 117 -32.57 0.69 -27.60
C ASP B 117 -33.18 1.63 -26.58
N SER B 118 -34.26 2.33 -26.95
CA SER B 118 -34.92 3.25 -26.04
C SER B 118 -35.57 2.51 -24.87
N GLN B 119 -36.30 1.43 -25.16
CA GLN B 119 -36.94 0.68 -24.08
C GLN B 119 -35.90 -0.05 -23.22
N ARG B 120 -34.76 -0.43 -23.81
CA ARG B 120 -33.70 -1.06 -23.05
C ARG B 120 -33.03 -0.06 -22.11
N ALA B 121 -32.83 1.18 -22.57
CA ALA B 121 -32.28 2.22 -21.72
C ALA B 121 -33.22 2.54 -20.57
N PHE B 122 -34.52 2.58 -20.84
CA PHE B 122 -35.48 2.87 -19.78
C PHE B 122 -35.57 1.73 -18.76
N ARG B 123 -35.44 0.47 -19.21
CA ARG B 123 -35.51 -0.64 -18.25
C ARG B 123 -34.23 -0.74 -17.42
N ILE B 124 -33.07 -0.40 -18.00
CA ILE B 124 -31.82 -0.38 -17.23
C ILE B 124 -31.85 0.73 -16.19
N LYS B 125 -32.37 1.91 -16.57
CA LYS B 125 -32.50 3.00 -15.61
C LYS B 125 -33.50 2.66 -14.51
N SER B 126 -34.55 1.91 -14.84
CA SER B 126 -35.54 1.49 -13.85
C SER B 126 -34.94 0.56 -12.82
N VAL B 127 -34.19 -0.45 -13.27
CA VAL B 127 -33.64 -1.42 -12.31
C VAL B 127 -32.52 -0.78 -11.48
N LEU B 128 -31.77 0.16 -12.06
CA LEU B 128 -30.74 0.86 -11.29
C LEU B 128 -31.36 1.74 -10.23
N SER B 129 -32.45 2.45 -10.57
CA SER B 129 -33.11 3.30 -9.59
C SER B 129 -33.79 2.47 -8.51
N ILE B 130 -34.29 1.28 -8.85
CA ILE B 130 -34.90 0.39 -7.87
C ILE B 130 -33.87 -0.07 -6.84
N GLU B 131 -32.71 -0.54 -7.33
CA GLU B 131 -31.68 -1.03 -6.41
C GLU B 131 -31.07 0.09 -5.58
N PHE B 132 -30.93 1.28 -6.18
CA PHE B 132 -30.36 2.40 -5.45
C PHE B 132 -31.34 2.95 -4.41
N ASN B 133 -32.64 2.85 -4.68
CA ASN B 133 -33.63 3.25 -3.69
C ASN B 133 -33.72 2.24 -2.57
N ARG B 134 -33.55 0.95 -2.88
CA ARG B 134 -33.53 -0.07 -1.85
C ARG B 134 -32.32 0.08 -0.94
N ILE B 135 -31.16 0.43 -1.50
CA ILE B 135 -29.95 0.49 -0.70
C ILE B 135 -29.78 1.83 -0.01
N ASP B 136 -30.44 2.90 -0.49
CA ASP B 136 -30.29 4.23 0.05
C ASP B 136 -31.61 4.97 -0.12
N ARG B 137 -32.08 5.62 0.94
CA ARG B 137 -33.39 6.25 0.94
C ARG B 137 -33.35 7.76 0.75
N GLU B 138 -32.41 8.45 1.42
CA GLU B 138 -32.41 9.91 1.41
C GLU B 138 -32.01 10.47 0.06
N LYS B 139 -31.13 9.78 -0.67
CA LYS B 139 -30.71 10.26 -1.98
C LYS B 139 -31.80 10.06 -3.02
N CYS B 140 -32.39 8.86 -3.06
CA CYS B 140 -33.40 8.53 -4.07
C CYS B 140 -34.74 8.37 -3.37
N ASP B 141 -35.59 9.38 -3.50
CA ASP B 141 -36.88 9.38 -2.81
C ASP B 141 -37.88 8.51 -3.57
N ASN B 142 -39.02 8.27 -2.93
CA ASN B 142 -40.05 7.43 -3.54
C ASN B 142 -40.79 8.15 -4.66
N ILE B 143 -40.86 9.48 -4.62
CA ILE B 143 -41.58 10.23 -5.65
C ILE B 143 -40.80 10.22 -6.96
N LYS B 144 -39.47 10.28 -6.89
CA LYS B 144 -38.64 10.17 -8.09
C LYS B 144 -38.75 8.78 -8.69
N LEU B 145 -38.83 7.74 -7.85
CA LEU B 145 -39.04 6.39 -8.32
C LEU B 145 -40.40 6.25 -9.00
N LYS B 146 -41.43 6.88 -8.42
CA LYS B 146 -42.77 6.84 -8.99
C LYS B 146 -42.81 7.48 -10.37
N ASN B 147 -42.20 8.66 -10.50
CA ASN B 147 -42.19 9.37 -11.78
C ASN B 147 -41.37 8.61 -12.83
N LEU B 148 -40.22 8.07 -12.42
CA LEU B 148 -39.35 7.36 -13.35
C LEU B 148 -39.99 6.07 -13.85
N LEU B 149 -40.57 5.28 -12.95
CA LEU B 149 -41.23 4.05 -13.38
C LEU B 149 -42.51 4.34 -14.16
N ASN B 150 -43.18 5.46 -13.88
CA ASN B 150 -44.37 5.81 -14.64
C ASN B 150 -44.01 6.20 -16.07
N GLU B 151 -42.90 6.92 -16.25
CA GLU B 151 -42.43 7.20 -17.61
C GLU B 151 -41.93 5.94 -18.30
N ALA B 152 -41.32 5.02 -17.54
CA ALA B 152 -40.82 3.78 -18.14
C ALA B 152 -41.95 2.88 -18.61
N VAL B 153 -43.06 2.84 -17.87
CA VAL B 153 -44.21 2.09 -18.36
C VAL B 153 -45.06 2.90 -19.33
N ASP B 154 -44.83 4.22 -19.41
CA ASP B 154 -45.44 5.01 -20.47
C ASP B 154 -44.76 4.70 -21.80
N LYS B 155 -43.47 4.39 -21.79
CA LYS B 155 -42.82 3.92 -23.00
C LYS B 155 -43.30 2.54 -23.41
N GLY B 156 -43.62 1.68 -22.45
CA GLY B 156 -44.20 0.40 -22.79
C GLY B 156 -43.33 -0.82 -22.53
N CYS B 157 -42.55 -0.79 -21.45
CA CYS B 157 -41.78 -1.96 -21.03
C CYS B 157 -42.70 -2.92 -20.29
N THR B 158 -43.51 -3.64 -21.07
CA THR B 158 -44.56 -4.50 -20.51
C THR B 158 -44.48 -5.92 -21.07
N ASP B 159 -43.32 -6.32 -21.58
CA ASP B 159 -43.12 -7.69 -22.07
C ASP B 159 -42.90 -8.60 -20.86
N PHE B 160 -44.01 -9.00 -20.23
CA PHE B 160 -43.92 -9.84 -19.04
C PHE B 160 -43.66 -11.31 -19.37
N ASP B 161 -43.62 -11.67 -20.65
CA ASP B 161 -43.29 -13.02 -21.07
C ASP B 161 -41.84 -13.18 -21.48
N THR B 162 -41.05 -12.11 -21.44
CA THR B 162 -39.65 -12.16 -21.83
C THR B 162 -38.69 -11.89 -20.69
N TYR B 163 -38.85 -10.79 -19.97
CA TYR B 163 -37.88 -10.32 -18.99
C TYR B 163 -38.52 -10.24 -17.61
N GLU B 164 -37.75 -10.63 -16.59
CA GLU B 164 -38.22 -10.52 -15.21
C GLU B 164 -38.11 -9.10 -14.68
N TRP B 165 -37.35 -8.24 -15.37
CA TRP B 165 -37.14 -6.88 -14.88
C TRP B 165 -38.41 -6.05 -15.01
N ASP B 166 -39.21 -6.31 -16.04
CA ASP B 166 -40.53 -5.70 -16.17
C ASP B 166 -41.44 -6.15 -15.04
N ILE B 167 -41.31 -7.40 -14.61
CA ILE B 167 -42.09 -7.92 -13.49
C ILE B 167 -41.70 -7.21 -12.20
N GLN B 168 -40.39 -6.95 -12.03
CA GLN B 168 -39.93 -6.21 -10.85
C GLN B 168 -40.44 -4.77 -10.87
N ILE B 169 -40.46 -4.13 -12.05
CA ILE B 169 -41.05 -2.81 -12.21
C ILE B 169 -42.53 -2.84 -11.83
N ALA B 170 -43.24 -3.88 -12.26
CA ALA B 170 -44.67 -4.00 -11.99
C ALA B 170 -44.96 -4.16 -10.50
N ILE B 171 -44.21 -5.03 -9.82
CA ILE B 171 -44.39 -5.26 -8.40
C ILE B 171 -44.03 -4.00 -7.60
N ARG B 172 -42.99 -3.28 -8.03
CA ARG B 172 -42.62 -2.06 -7.33
C ARG B 172 -43.67 -0.95 -7.53
N LEU B 173 -44.29 -0.91 -8.71
CA LEU B 173 -45.33 0.08 -8.95
C LEU B 173 -46.60 -0.24 -8.17
N CYS B 174 -46.93 -1.52 -8.03
CA CYS B 174 -48.06 -1.89 -7.18
C CYS B 174 -47.77 -1.64 -5.70
N GLU B 175 -46.48 -1.72 -5.32
CA GLU B 175 -46.11 -1.29 -3.97
C GLU B 175 -46.28 0.22 -3.81
N LEU B 176 -45.92 0.99 -4.82
CA LEU B 176 -46.05 2.44 -4.74
C LEU B 176 -47.50 2.89 -4.81
N GLY B 177 -48.28 2.29 -5.70
CA GLY B 177 -49.70 2.56 -5.72
C GLY B 177 -50.31 2.84 -7.08
N VAL B 178 -49.48 2.85 -8.13
CA VAL B 178 -49.99 3.00 -9.49
C VAL B 178 -50.75 1.74 -9.88
N ASP B 179 -52.05 1.89 -10.14
CA ASP B 179 -52.93 0.75 -10.33
C ASP B 179 -52.65 0.08 -11.66
N MET B 180 -52.44 -1.24 -11.62
CA MET B 180 -52.15 -2.04 -12.80
C MET B 180 -53.07 -3.24 -12.86
N GLU B 181 -54.36 -3.00 -12.66
CA GLU B 181 -55.35 -4.07 -12.84
C GLU B 181 -55.53 -4.39 -14.32
N GLY B 182 -55.16 -3.47 -15.21
CA GLY B 182 -55.16 -3.77 -16.63
C GLY B 182 -54.10 -4.76 -17.01
N HIS B 183 -53.01 -4.81 -16.25
CA HIS B 183 -51.89 -5.69 -16.54
C HIS B 183 -51.90 -6.97 -15.73
N PHE B 184 -53.01 -7.28 -15.05
CA PHE B 184 -53.02 -8.32 -14.04
C PHE B 184 -52.93 -9.71 -14.64
N ASP B 185 -53.60 -9.94 -15.78
CA ASP B 185 -53.64 -11.27 -16.38
C ASP B 185 -52.28 -11.67 -16.92
N ASN B 186 -51.56 -10.72 -17.53
CA ASN B 186 -50.21 -10.97 -17.99
C ASN B 186 -49.25 -11.20 -16.82
N LEU B 187 -49.52 -10.54 -15.68
CA LEU B 187 -48.66 -10.71 -14.51
C LEU B 187 -48.83 -12.09 -13.89
N ILE B 188 -50.07 -12.58 -13.81
CA ILE B 188 -50.29 -13.89 -13.21
C ILE B 188 -49.87 -15.01 -14.17
N LYS B 189 -50.15 -14.85 -15.47
CA LYS B 189 -49.91 -15.94 -16.41
C LYS B 189 -48.43 -16.17 -16.72
N SER B 190 -47.56 -15.25 -16.34
CA SER B 190 -46.13 -15.41 -16.60
C SER B 190 -45.54 -16.42 -15.62
N ASN B 191 -44.75 -17.35 -16.12
CA ASN B 191 -44.15 -18.37 -15.26
C ASN B 191 -42.82 -17.94 -14.65
N LYS B 192 -42.17 -16.91 -15.21
CA LYS B 192 -40.89 -16.46 -14.67
C LYS B 192 -41.07 -15.73 -13.35
N ALA B 193 -42.24 -15.17 -13.10
CA ALA B 193 -42.55 -14.57 -11.81
C ALA B 193 -42.83 -15.66 -10.79
N ASN B 194 -42.08 -15.66 -9.70
CA ASN B 194 -42.25 -16.66 -8.65
C ASN B 194 -43.46 -16.33 -7.78
N ASP B 195 -43.64 -17.13 -6.73
CA ASP B 195 -44.89 -17.11 -5.98
C ASP B 195 -45.03 -15.87 -5.12
N LEU B 196 -43.91 -15.28 -4.68
CA LEU B 196 -43.97 -14.11 -3.80
C LEU B 196 -44.51 -12.90 -4.55
N GLN B 197 -44.10 -12.71 -5.81
CA GLN B 197 -44.66 -11.63 -6.63
C GLN B 197 -46.11 -11.89 -6.95
N LYS B 198 -46.52 -13.17 -7.04
CA LYS B 198 -47.92 -13.48 -7.27
C LYS B 198 -48.78 -13.16 -6.07
N ALA B 199 -48.28 -13.46 -4.87
CA ALA B 199 -49.01 -13.11 -3.65
C ALA B 199 -49.06 -11.60 -3.44
N LYS B 200 -47.97 -10.91 -3.80
CA LYS B 200 -47.95 -9.46 -3.69
C LYS B 200 -48.88 -8.81 -4.70
N ALA B 201 -49.00 -9.39 -5.89
CA ALA B 201 -49.94 -8.89 -6.89
C ALA B 201 -51.38 -9.13 -6.47
N TYR B 202 -51.66 -10.31 -5.92
CA TYR B 202 -53.02 -10.61 -5.47
C TYR B 202 -53.43 -9.75 -4.28
N TYR B 203 -52.50 -9.45 -3.38
CA TYR B 203 -52.84 -8.59 -2.24
C TYR B 203 -52.95 -7.13 -2.66
N PHE B 204 -52.02 -6.65 -3.48
CA PHE B 204 -51.89 -5.21 -3.71
C PHE B 204 -52.89 -4.68 -4.74
N ILE B 205 -53.33 -5.52 -5.68
CA ILE B 205 -54.22 -5.03 -6.74
C ILE B 205 -55.64 -5.54 -6.51
N LYS B 206 -55.81 -6.86 -6.54
CA LYS B 206 -57.12 -7.48 -6.60
C LYS B 206 -57.83 -7.52 -5.26
N LYS B 207 -57.10 -7.35 -4.15
CA LYS B 207 -57.60 -7.50 -2.78
C LYS B 207 -58.23 -8.87 -2.55
N ASP B 208 -57.67 -9.90 -3.18
CA ASP B 208 -58.04 -11.28 -2.93
C ASP B 208 -56.98 -11.89 -2.01
N ASP B 209 -57.42 -12.40 -0.87
CA ASP B 209 -56.50 -12.79 0.19
C ASP B 209 -56.18 -14.27 0.19
N HIS B 210 -57.05 -15.10 -0.38
CA HIS B 210 -56.89 -16.55 -0.24
C HIS B 210 -55.72 -17.07 -1.08
N LYS B 211 -55.64 -16.63 -2.33
CA LYS B 211 -54.50 -17.01 -3.17
C LYS B 211 -53.20 -16.42 -2.63
N ALA B 212 -53.29 -15.26 -1.97
CA ALA B 212 -52.13 -14.66 -1.32
C ALA B 212 -51.63 -15.54 -0.18
N LYS B 213 -52.56 -16.08 0.63
CA LYS B 213 -52.19 -16.99 1.70
C LYS B 213 -51.59 -18.28 1.16
N GLU B 214 -52.15 -18.81 0.06
CA GLU B 214 -51.60 -20.00 -0.58
C GLU B 214 -50.18 -19.79 -1.08
N HIS B 215 -49.95 -18.71 -1.83
CA HIS B 215 -48.64 -18.50 -2.42
C HIS B 215 -47.61 -18.07 -1.38
N MET B 216 -48.05 -17.42 -0.31
CA MET B 216 -47.13 -17.13 0.79
C MET B 216 -46.75 -18.40 1.53
N ASP B 217 -47.70 -19.36 1.65
CA ASP B 217 -47.36 -20.65 2.23
C ASP B 217 -46.36 -21.41 1.36
N LYS B 218 -46.52 -21.33 0.03
CA LYS B 218 -45.54 -21.94 -0.87
C LYS B 218 -44.17 -21.28 -0.75
N CYS B 219 -44.13 -19.95 -0.57
CA CYS B 219 -42.86 -19.24 -0.47
C CYS B 219 -42.13 -19.58 0.84
N THR B 220 -42.86 -19.59 1.96
CA THR B 220 -42.24 -19.97 3.23
C THR B 220 -41.86 -21.45 3.26
N ALA B 221 -42.56 -22.29 2.49
CA ALA B 221 -42.13 -23.67 2.35
C ALA B 221 -40.88 -23.76 1.48
N SER B 222 -40.74 -22.84 0.52
CA SER B 222 -39.59 -22.88 -0.38
C SER B 222 -38.32 -22.40 0.31
N LEU B 223 -38.47 -21.52 1.32
CA LEU B 223 -37.30 -20.97 1.99
C LEU B 223 -36.59 -21.97 2.91
N LYS B 224 -37.16 -23.14 3.16
CA LYS B 224 -36.60 -24.07 4.15
C LYS B 224 -35.33 -24.75 3.67
N TYR B 225 -35.04 -24.73 2.37
CA TYR B 225 -33.76 -25.19 1.85
C TYR B 225 -32.89 -24.06 1.33
N THR B 226 -33.45 -22.88 1.11
CA THR B 226 -32.69 -21.75 0.59
C THR B 226 -31.80 -21.19 1.70
N PRO B 227 -30.53 -20.89 1.43
CA PRO B 227 -29.67 -20.31 2.46
C PRO B 227 -30.06 -18.89 2.81
N CYS B 228 -29.47 -18.39 3.91
CA CYS B 228 -29.90 -17.13 4.49
C CYS B 228 -29.44 -15.93 3.66
N SER B 229 -28.39 -16.09 2.87
CA SER B 229 -27.86 -14.97 2.09
C SER B 229 -28.66 -14.69 0.83
N HIS B 230 -29.78 -15.36 0.61
CA HIS B 230 -30.59 -15.15 -0.57
C HIS B 230 -31.42 -13.87 -0.43
N ARG B 231 -31.95 -13.41 -1.57
CA ARG B 231 -32.73 -12.18 -1.57
C ARG B 231 -34.13 -12.40 -1.04
N LEU B 232 -34.65 -13.62 -1.20
CA LEU B 232 -36.05 -13.91 -0.89
C LEU B 232 -36.35 -13.77 0.59
N TRP B 233 -35.36 -14.04 1.44
CA TRP B 233 -35.49 -13.80 2.88
C TRP B 233 -35.73 -12.33 3.16
N ASP B 234 -34.91 -11.46 2.56
CA ASP B 234 -34.99 -10.02 2.76
C ASP B 234 -36.33 -9.48 2.27
N GLU B 235 -36.74 -9.86 1.05
CA GLU B 235 -38.00 -9.37 0.52
C GLU B 235 -39.21 -9.94 1.25
N THR B 236 -39.12 -11.17 1.78
CA THR B 236 -40.23 -11.76 2.52
C THR B 236 -40.43 -11.05 3.85
N VAL B 237 -39.35 -10.80 4.59
CA VAL B 237 -39.47 -10.09 5.87
C VAL B 237 -39.90 -8.64 5.65
N GLY B 238 -39.46 -8.03 4.54
CA GLY B 238 -39.93 -6.69 4.21
C GLY B 238 -41.41 -6.65 3.89
N PHE B 239 -41.91 -7.67 3.18
CA PHE B 239 -43.34 -7.76 2.89
C PHE B 239 -44.15 -7.99 4.16
N ILE B 240 -43.62 -8.79 5.10
CA ILE B 240 -44.29 -9.01 6.38
C ILE B 240 -44.35 -7.72 7.18
N GLU B 241 -43.28 -6.92 7.16
CA GLU B 241 -43.27 -5.65 7.89
C GLU B 241 -44.21 -4.63 7.25
N ARG B 242 -44.32 -4.64 5.93
CA ARG B 242 -45.27 -3.77 5.25
C ARG B 242 -46.71 -4.18 5.56
N LEU B 243 -46.97 -5.50 5.63
CA LEU B 243 -48.30 -5.98 6.02
C LEU B 243 -48.61 -5.64 7.48
N LYS B 244 -47.60 -5.63 8.33
CA LYS B 244 -47.81 -5.23 9.73
C LYS B 244 -48.08 -3.75 9.84
N GLY B 245 -47.46 -2.93 8.98
CA GLY B 245 -47.60 -1.50 9.06
C GLY B 245 -48.99 -0.97 8.70
N ASP B 246 -49.74 -1.69 7.88
CA ASP B 246 -51.09 -1.25 7.52
C ASP B 246 -52.18 -1.96 8.32
N SER B 247 -51.79 -2.72 9.35
CA SER B 247 -52.70 -3.46 10.25
C SER B 247 -53.58 -4.46 9.48
N SER B 248 -52.94 -5.44 8.86
CA SER B 248 -53.64 -6.54 8.24
C SER B 248 -53.88 -7.64 9.28
N THR B 249 -54.37 -8.80 8.83
CA THR B 249 -54.64 -9.93 9.70
C THR B 249 -53.85 -11.17 9.30
N LEU B 250 -52.91 -11.04 8.36
CA LEU B 250 -52.18 -12.19 7.84
C LEU B 250 -50.73 -12.24 8.28
N TRP B 251 -50.21 -11.18 8.91
CA TRP B 251 -48.81 -11.16 9.31
C TRP B 251 -48.54 -12.09 10.50
N ARG B 252 -49.55 -12.36 11.32
CA ARG B 252 -49.36 -13.15 12.53
C ARG B 252 -49.04 -14.60 12.20
N ASP B 253 -49.56 -15.11 11.08
CA ASP B 253 -49.19 -16.45 10.65
C ASP B 253 -47.86 -16.43 9.91
N PHE B 254 -47.61 -15.38 9.12
CA PHE B 254 -46.47 -15.36 8.22
C PHE B 254 -45.17 -15.21 8.99
N ALA B 255 -45.20 -14.46 10.11
CA ALA B 255 -44.02 -14.32 10.95
C ALA B 255 -43.63 -15.65 11.59
N ILE B 256 -44.61 -16.42 12.05
CA ILE B 256 -44.33 -17.72 12.67
C ILE B 256 -43.85 -18.71 11.63
N LYS B 257 -44.40 -18.65 10.41
CA LYS B 257 -43.95 -19.54 9.34
C LYS B 257 -42.51 -19.23 8.93
N THR B 258 -42.16 -17.96 8.83
CA THR B 258 -40.79 -17.59 8.48
C THR B 258 -39.82 -17.89 9.60
N TYR B 259 -40.27 -17.79 10.85
CA TYR B 259 -39.44 -18.19 11.99
C TYR B 259 -39.17 -19.68 11.97
N ARG B 260 -40.18 -20.49 11.67
CA ARG B 260 -39.99 -21.94 11.60
C ARG B 260 -39.06 -22.33 10.45
N SER B 261 -39.20 -21.65 9.31
CA SER B 261 -38.30 -21.90 8.18
C SER B 261 -36.86 -21.51 8.51
N CYS B 262 -36.67 -20.38 9.19
CA CYS B 262 -35.31 -19.95 9.54
C CYS B 262 -34.69 -20.87 10.59
N ARG B 263 -35.51 -21.40 11.50
CA ARG B 263 -35.02 -22.35 12.48
C ARG B 263 -34.59 -23.67 11.83
N VAL B 264 -35.43 -24.21 10.94
CA VAL B 264 -35.10 -25.48 10.30
C VAL B 264 -33.94 -25.32 9.30
N GLN B 265 -33.74 -24.10 8.79
CA GLN B 265 -32.57 -23.86 7.94
C GLN B 265 -31.31 -23.71 8.77
N GLU B 266 -31.40 -23.01 9.90
CA GLU B 266 -30.24 -22.78 10.77
C GLU B 266 -29.87 -24.02 11.57
N LYS B 267 -30.75 -25.05 11.57
CA LYS B 267 -30.44 -26.35 12.14
C LYS B 267 -29.20 -27.02 11.52
N GLU B 268 -28.85 -26.68 10.28
CA GLU B 268 -27.87 -27.43 9.50
C GLU B 268 -26.43 -27.00 9.76
N THR B 269 -26.12 -26.48 10.94
CA THR B 269 -24.77 -26.04 11.30
C THR B 269 -24.21 -27.01 12.34
N GLY B 270 -22.96 -26.80 12.75
CA GLY B 270 -22.28 -27.69 13.68
C GLY B 270 -21.90 -27.06 14.99
N THR B 271 -20.75 -27.46 15.55
CA THR B 271 -20.35 -26.97 16.87
C THR B 271 -19.72 -25.58 16.81
N LEU B 272 -19.20 -25.18 15.65
CA LEU B 272 -18.79 -23.80 15.44
C LEU B 272 -20.05 -23.00 15.16
N ARG B 273 -20.63 -22.44 16.22
CA ARG B 273 -21.94 -21.81 16.13
C ARG B 273 -21.87 -20.47 15.41
N LEU B 274 -22.14 -20.49 14.11
CA LEU B 274 -22.13 -19.28 13.30
C LEU B 274 -23.43 -19.17 12.53
N ARG B 275 -23.79 -17.94 12.19
CA ARG B 275 -24.89 -17.68 11.28
C ARG B 275 -24.55 -16.47 10.43
N TRP B 276 -25.16 -16.39 9.27
CA TRP B 276 -24.92 -15.27 8.37
C TRP B 276 -25.56 -14.01 8.92
N TYR B 277 -24.84 -12.89 8.84
CA TYR B 277 -25.38 -11.62 9.28
C TYR B 277 -26.15 -10.99 8.13
N TRP B 278 -27.47 -10.94 8.27
CA TRP B 278 -28.31 -10.10 7.43
C TRP B 278 -29.13 -9.22 8.35
N SER B 279 -29.49 -8.04 7.87
CA SER B 279 -29.96 -6.97 8.74
C SER B 279 -31.34 -7.26 9.31
N ARG B 280 -32.21 -7.91 8.54
CA ARG B 280 -33.59 -8.09 8.95
C ARG B 280 -33.85 -9.40 9.70
N HIS B 281 -32.81 -9.97 10.31
CA HIS B 281 -32.96 -11.14 11.15
C HIS B 281 -33.68 -10.80 12.45
N ARG B 282 -33.22 -9.73 13.11
CA ARG B 282 -33.73 -9.36 14.42
C ARG B 282 -35.17 -8.87 14.35
N VAL B 283 -35.54 -8.17 13.28
CA VAL B 283 -36.91 -7.68 13.17
C VAL B 283 -37.86 -8.83 12.85
N LEU B 284 -37.36 -9.87 12.16
CA LEU B 284 -38.16 -11.09 11.96
C LEU B 284 -38.43 -11.79 13.28
N TYR B 285 -37.40 -11.91 14.12
CA TYR B 285 -37.60 -12.54 15.42
C TYR B 285 -38.48 -11.70 16.32
N ASP B 286 -38.39 -10.37 16.21
CA ASP B 286 -39.24 -9.48 17.00
C ASP B 286 -40.70 -9.57 16.58
N MET B 287 -40.95 -9.65 15.28
CA MET B 287 -42.33 -9.77 14.79
C MET B 287 -42.92 -11.13 15.15
N ALA B 288 -42.10 -12.19 15.11
CA ALA B 288 -42.57 -13.51 15.54
C ALA B 288 -42.90 -13.54 17.02
N PHE B 289 -42.05 -12.91 17.85
CA PHE B 289 -42.30 -12.79 19.28
C PHE B 289 -43.57 -12.01 19.55
N LEU B 290 -43.80 -10.91 18.83
CA LEU B 290 -44.99 -10.10 19.04
C LEU B 290 -46.24 -10.83 18.59
N ALA B 291 -46.13 -11.64 17.53
CA ALA B 291 -47.28 -12.43 17.07
C ALA B 291 -47.68 -13.50 18.08
N VAL B 292 -46.71 -14.27 18.60
CA VAL B 292 -47.02 -15.29 19.59
C VAL B 292 -47.48 -14.64 20.91
N LYS B 293 -46.95 -13.46 21.24
CA LYS B 293 -47.35 -12.77 22.45
C LYS B 293 -48.79 -12.27 22.35
N GLU B 294 -49.19 -11.76 21.19
CA GLU B 294 -50.56 -11.32 21.01
C GLU B 294 -51.53 -12.50 21.01
N GLN B 295 -51.13 -13.62 20.38
CA GLN B 295 -51.98 -14.82 20.38
C GLN B 295 -52.11 -15.42 21.78
N ALA B 296 -51.07 -15.26 22.61
CA ALA B 296 -51.19 -15.67 24.01
C ALA B 296 -52.05 -14.71 24.80
N ASP B 297 -52.05 -13.43 24.43
CA ASP B 297 -52.90 -12.46 25.11
C ASP B 297 -54.37 -12.61 24.71
N ASP B 298 -54.66 -13.21 23.55
CA ASP B 298 -56.04 -13.48 23.18
C ASP B 298 -56.64 -14.54 24.10
N GLU B 299 -57.93 -14.38 24.39
CA GLU B 299 -58.57 -15.18 25.42
C GLU B 299 -58.76 -16.63 24.96
N GLU B 300 -58.31 -17.57 25.80
CA GLU B 300 -58.43 -18.99 25.52
C GLU B 300 -58.90 -19.67 26.80
N PRO B 301 -60.00 -20.44 26.75
CA PRO B 301 -60.47 -21.12 27.96
C PRO B 301 -59.60 -22.28 28.40
N ASP B 302 -58.76 -22.80 27.51
CA ASP B 302 -57.90 -23.94 27.84
C ASP B 302 -56.55 -23.41 28.26
N VAL B 303 -56.10 -23.80 29.46
CA VAL B 303 -54.86 -23.25 30.01
C VAL B 303 -53.65 -23.84 29.33
N ASN B 304 -53.75 -25.06 28.81
CA ASN B 304 -52.59 -25.75 28.26
C ASN B 304 -52.12 -25.09 26.97
N VAL B 305 -53.05 -24.52 26.20
CA VAL B 305 -52.69 -23.76 25.01
C VAL B 305 -51.89 -22.52 25.39
N LYS B 306 -52.30 -21.84 26.47
CA LYS B 306 -51.61 -20.64 26.92
C LYS B 306 -50.20 -20.97 27.42
N GLN B 307 -50.06 -22.06 28.17
CA GLN B 307 -48.74 -22.50 28.63
C GLN B 307 -47.86 -22.90 27.46
N ALA B 308 -48.45 -23.52 26.43
CA ALA B 308 -47.69 -23.88 25.24
C ALA B 308 -47.24 -22.65 24.47
N LYS B 309 -48.03 -21.58 24.49
CA LYS B 309 -47.63 -20.37 23.77
C LYS B 309 -46.53 -19.62 24.51
N ILE B 310 -46.56 -19.63 25.84
CA ILE B 310 -45.46 -19.05 26.60
C ILE B 310 -44.19 -19.89 26.42
N LYS B 311 -44.34 -21.21 26.30
CA LYS B 311 -43.20 -22.07 26.01
C LYS B 311 -42.64 -21.81 24.62
N LYS B 312 -43.51 -21.46 23.66
CA LYS B 312 -43.06 -21.10 22.33
C LYS B 312 -42.30 -19.77 22.34
N LEU B 313 -42.72 -18.84 23.20
CA LEU B 313 -41.97 -17.60 23.40
C LEU B 313 -40.56 -17.87 23.91
N ALA B 314 -40.45 -18.77 24.90
CA ALA B 314 -39.14 -19.16 25.42
C ALA B 314 -38.28 -19.85 24.35
N GLU B 315 -38.92 -20.64 23.48
CA GLU B 315 -38.18 -21.32 22.42
C GLU B 315 -37.67 -20.33 21.38
N ILE B 316 -38.47 -19.30 21.06
CA ILE B 316 -38.03 -18.24 20.15
C ILE B 316 -36.82 -17.51 20.72
N SER B 317 -36.87 -17.20 22.02
CA SER B 317 -35.75 -16.52 22.68
C SER B 317 -34.49 -17.39 22.68
N ASP B 318 -34.65 -18.69 22.91
CA ASP B 318 -33.50 -19.61 22.92
C ASP B 318 -32.88 -19.71 21.53
N SER B 319 -33.72 -19.77 20.49
CA SER B 319 -33.21 -19.88 19.12
C SER B 319 -32.49 -18.60 18.71
N LEU B 320 -32.91 -17.45 19.24
CA LEU B 320 -32.14 -16.23 19.00
C LEU B 320 -30.80 -16.26 19.73
N LYS B 321 -30.80 -16.69 20.99
CA LYS B 321 -29.58 -16.64 21.79
C LYS B 321 -28.56 -17.72 21.45
N SER B 322 -28.91 -18.70 20.61
CA SER B 322 -28.04 -19.87 20.40
C SER B 322 -26.73 -19.51 19.71
N ARG B 323 -26.79 -18.78 18.60
CA ARG B 323 -25.60 -18.45 17.81
C ARG B 323 -25.20 -17.00 18.06
N PHE B 324 -24.13 -16.53 17.41
CA PHE B 324 -23.67 -15.18 17.67
C PHE B 324 -23.25 -14.36 16.45
N SER B 325 -23.52 -14.81 15.22
CA SER B 325 -23.66 -13.97 14.02
C SER B 325 -22.38 -13.17 13.69
N LEU B 326 -21.35 -13.92 13.29
CA LEU B 326 -20.08 -13.32 12.92
C LEU B 326 -20.20 -12.44 11.67
N ARG B 327 -19.27 -11.50 11.54
CA ARG B 327 -19.22 -10.60 10.40
C ARG B 327 -18.55 -11.30 9.21
N LEU B 328 -18.34 -10.56 8.12
CA LEU B 328 -17.81 -11.14 6.89
C LEU B 328 -16.30 -10.98 6.79
N SER B 329 -15.78 -9.78 7.08
CA SER B 329 -14.34 -9.56 7.05
C SER B 329 -13.64 -10.37 8.14
N ASP B 330 -14.32 -10.63 9.25
CA ASP B 330 -13.78 -11.52 10.27
C ASP B 330 -13.75 -12.96 9.77
N MET B 331 -14.71 -13.33 8.91
CA MET B 331 -14.72 -14.67 8.34
C MET B 331 -13.57 -14.84 7.34
N GLU B 332 -13.31 -13.82 6.53
CA GLU B 332 -12.18 -13.90 5.60
C GLU B 332 -10.83 -13.76 6.31
N LYS B 333 -10.81 -13.06 7.45
CA LYS B 333 -9.53 -12.66 8.03
C LYS B 333 -8.89 -13.78 8.85
N MET B 334 -9.72 -14.59 9.53
CA MET B 334 -9.22 -15.49 10.56
C MET B 334 -8.44 -16.67 9.95
N PRO B 335 -7.39 -17.15 10.64
CA PRO B 335 -6.50 -18.14 10.04
C PRO B 335 -7.07 -19.56 10.00
N LYS B 336 -6.25 -20.51 9.58
CA LYS B 336 -6.68 -21.88 9.33
C LYS B 336 -5.98 -22.82 10.29
N SER B 337 -6.74 -23.74 10.90
CA SER B 337 -6.17 -24.71 11.83
C SER B 337 -7.05 -25.96 11.88
N ASP B 338 -6.40 -27.10 12.12
CA ASP B 338 -6.96 -28.44 12.36
C ASP B 338 -7.56 -29.08 11.10
N ASP B 339 -7.66 -28.33 9.99
CA ASP B 339 -7.82 -28.82 8.62
C ASP B 339 -9.18 -29.45 8.31
N GLU B 340 -10.05 -29.61 9.32
CA GLU B 340 -11.40 -30.10 9.05
C GLU B 340 -12.45 -29.06 9.40
N SER B 341 -12.23 -28.33 10.50
CA SER B 341 -13.02 -27.14 10.79
C SER B 341 -12.81 -26.07 9.74
N ASN B 342 -11.60 -26.03 9.15
CA ASN B 342 -11.36 -25.22 7.96
C ASN B 342 -12.26 -25.64 6.81
N HIS B 343 -12.48 -26.94 6.65
CA HIS B 343 -13.30 -27.42 5.54
C HIS B 343 -14.78 -27.09 5.77
N GLU B 344 -15.25 -27.23 7.02
CA GLU B 344 -16.63 -26.86 7.33
C GLU B 344 -16.86 -25.36 7.21
N PHE B 345 -15.87 -24.57 7.65
CA PHE B 345 -15.94 -23.12 7.50
C PHE B 345 -15.92 -22.71 6.03
N LYS B 346 -15.15 -23.43 5.21
CA LYS B 346 -15.04 -23.07 3.80
C LYS B 346 -16.30 -23.46 3.03
N LYS B 347 -16.93 -24.59 3.38
CA LYS B 347 -18.16 -24.93 2.67
C LYS B 347 -19.30 -24.01 3.10
N PHE B 348 -19.31 -23.58 4.37
CA PHE B 348 -20.26 -22.57 4.82
C PHE B 348 -20.08 -21.25 4.08
N LEU B 349 -18.82 -20.79 3.97
CA LEU B 349 -18.52 -19.51 3.33
C LEU B 349 -18.84 -19.52 1.84
N ASP B 350 -18.41 -20.57 1.13
CA ASP B 350 -18.61 -20.55 -0.32
C ASP B 350 -20.06 -20.85 -0.69
N LYS B 351 -20.75 -21.67 0.12
CA LYS B 351 -22.20 -21.86 -0.06
C LYS B 351 -22.95 -20.54 0.13
N CYS B 352 -22.56 -19.76 1.13
CA CYS B 352 -23.25 -18.49 1.40
C CYS B 352 -23.00 -17.47 0.29
N VAL B 353 -21.76 -17.38 -0.21
CA VAL B 353 -21.49 -16.38 -1.23
C VAL B 353 -22.09 -16.79 -2.57
N THR B 354 -22.12 -18.10 -2.89
CA THR B 354 -22.73 -18.51 -4.15
C THR B 354 -24.24 -18.38 -4.08
N ALA B 355 -24.84 -18.51 -2.89
CA ALA B 355 -26.26 -18.24 -2.74
C ALA B 355 -26.56 -16.76 -2.90
N TYR B 356 -25.68 -15.91 -2.36
CA TYR B 356 -25.85 -14.46 -2.47
C TYR B 356 -25.81 -13.98 -3.92
N GLN B 357 -24.88 -14.51 -4.72
CA GLN B 357 -24.86 -14.09 -6.11
C GLN B 357 -25.89 -14.83 -6.96
N ASP B 358 -26.27 -16.06 -6.59
CA ASP B 358 -27.25 -16.82 -7.35
C ASP B 358 -28.64 -16.23 -7.20
N GLY B 359 -28.89 -15.55 -6.07
CA GLY B 359 -30.17 -14.85 -5.91
C GLY B 359 -30.35 -13.73 -6.92
N TYR B 360 -29.28 -13.03 -7.27
CA TYR B 360 -29.38 -11.87 -8.13
C TYR B 360 -29.07 -12.16 -9.60
N VAL B 361 -28.38 -13.26 -9.91
CA VAL B 361 -27.93 -13.49 -11.28
C VAL B 361 -29.12 -13.84 -12.20
N ILE B 362 -30.21 -14.36 -11.63
CA ILE B 362 -31.40 -14.66 -12.42
C ILE B 362 -32.61 -13.96 -11.80
N ALA B 388 -23.43 -33.64 23.71
CA ALA B 388 -24.64 -34.16 24.37
C ALA B 388 -25.88 -33.65 23.66
N LYS B 389 -26.99 -34.38 23.84
CA LYS B 389 -28.26 -33.98 23.26
C LYS B 389 -28.79 -32.73 23.96
N LEU B 390 -29.45 -31.87 23.19
CA LEU B 390 -30.04 -30.66 23.73
C LEU B 390 -31.22 -31.00 24.62
N LEU B 391 -31.25 -30.40 25.80
CA LEU B 391 -32.30 -30.70 26.77
C LEU B 391 -33.58 -29.96 26.41
N GLU B 392 -34.70 -30.47 26.94
CA GLU B 392 -35.97 -29.82 26.77
C GLU B 392 -36.09 -28.64 27.71
N LEU B 393 -37.08 -27.79 27.45
CA LEU B 393 -37.25 -26.59 28.26
C LEU B 393 -37.87 -26.88 29.62
N THR B 394 -38.39 -28.09 29.83
CA THR B 394 -38.94 -28.50 31.12
C THR B 394 -38.08 -29.57 31.79
N GLN B 395 -36.87 -29.81 31.29
CA GLN B 395 -36.00 -30.85 31.84
C GLN B 395 -34.99 -30.22 32.81
N VAL B 396 -35.52 -29.77 33.94
CA VAL B 396 -34.71 -29.13 34.98
C VAL B 396 -34.81 -29.98 36.24
N PRO B 397 -33.86 -29.87 37.17
CA PRO B 397 -34.03 -30.54 38.46
C PRO B 397 -35.12 -29.89 39.30
N GLU B 398 -35.60 -30.64 40.28
CA GLU B 398 -36.67 -30.16 41.14
C GLU B 398 -36.16 -29.09 42.09
N GLY B 399 -37.04 -28.17 42.46
CA GLY B 399 -36.65 -27.05 43.29
C GLY B 399 -35.94 -25.93 42.57
N TRP B 400 -36.10 -25.83 41.25
CA TRP B 400 -35.45 -24.81 40.46
C TRP B 400 -36.48 -23.97 39.71
N VAL B 401 -36.15 -22.69 39.53
CA VAL B 401 -36.95 -21.73 38.79
C VAL B 401 -36.07 -21.15 37.70
N VAL B 402 -36.55 -21.12 36.46
CA VAL B 402 -35.75 -20.69 35.31
C VAL B 402 -36.35 -19.40 34.77
N VAL B 403 -35.49 -18.40 34.51
CA VAL B 403 -35.91 -17.08 34.07
C VAL B 403 -35.18 -16.74 32.77
N HIS B 404 -35.95 -16.51 31.70
CA HIS B 404 -35.44 -16.07 30.41
C HIS B 404 -35.77 -14.61 30.22
N PHE B 405 -34.93 -13.92 29.44
CA PHE B 405 -35.15 -12.52 29.10
C PHE B 405 -35.17 -12.33 27.60
N TYR B 406 -35.94 -11.37 27.14
CA TYR B 406 -35.96 -10.99 25.73
C TYR B 406 -36.21 -9.49 25.64
N LEU B 407 -35.26 -8.76 25.07
CA LEU B 407 -35.44 -7.33 24.84
C LEU B 407 -36.00 -7.13 23.43
N ASN B 408 -37.25 -6.70 23.36
CA ASN B 408 -37.95 -6.49 22.10
C ASN B 408 -37.75 -5.05 21.67
N LYS B 409 -37.04 -4.86 20.55
CA LYS B 409 -36.66 -3.54 20.08
C LYS B 409 -37.77 -2.84 19.33
N LEU B 410 -38.72 -3.58 18.76
CA LEU B 410 -39.83 -2.96 18.03
C LEU B 410 -40.76 -2.23 18.97
N GLU B 411 -41.20 -2.89 20.04
CA GLU B 411 -42.04 -2.23 21.01
C GLU B 411 -41.25 -1.49 22.08
N GLY B 412 -39.93 -1.65 22.10
CA GLY B 412 -39.11 -1.01 23.11
C GLY B 412 -39.34 -1.54 24.51
N MET B 413 -39.60 -2.84 24.63
CA MET B 413 -39.95 -3.43 25.91
C MET B 413 -38.99 -4.57 26.24
N GLY B 414 -39.14 -5.09 27.44
CA GLY B 414 -38.37 -6.25 27.86
C GLY B 414 -39.26 -7.25 28.56
N ASN B 415 -39.18 -8.51 28.15
CA ASN B 415 -40.05 -9.55 28.64
C ASN B 415 -39.26 -10.58 29.42
N ALA B 416 -39.74 -10.89 30.62
CA ALA B 416 -39.15 -11.92 31.47
C ALA B 416 -40.12 -13.09 31.53
N ILE B 417 -39.64 -14.28 31.18
CA ILE B 417 -40.43 -15.49 31.10
C ILE B 417 -39.94 -16.45 32.18
N VAL B 418 -40.84 -16.88 33.04
CA VAL B 418 -40.49 -17.68 34.21
C VAL B 418 -41.14 -19.06 34.08
N PHE B 419 -40.34 -20.10 34.32
CA PHE B 419 -40.80 -21.48 34.39
C PHE B 419 -40.55 -22.02 35.79
N ASP B 420 -41.61 -22.54 36.40
CA ASP B 420 -41.55 -23.16 37.72
C ASP B 420 -41.82 -24.66 37.56
N LYS B 421 -40.92 -25.48 38.10
CA LYS B 421 -40.99 -26.93 37.91
C LYS B 421 -41.89 -27.59 38.97
N CYS B 422 -41.82 -27.10 40.21
CA CYS B 422 -42.58 -27.72 41.29
C CYS B 422 -44.07 -27.51 41.11
N ALA B 423 -44.48 -26.32 40.67
CA ALA B 423 -45.86 -26.08 40.28
C ALA B 423 -46.12 -26.40 38.83
N ASN B 424 -45.07 -26.52 38.01
CA ASN B 424 -45.12 -26.75 36.57
C ASN B 424 -45.97 -25.69 35.86
N SER B 425 -45.51 -24.45 35.92
CA SER B 425 -46.26 -23.34 35.39
C SER B 425 -45.35 -22.38 34.65
N TRP B 426 -45.94 -21.65 33.70
CA TRP B 426 -45.26 -20.65 32.89
C TRP B 426 -45.93 -19.30 33.08
N GLN B 427 -45.13 -18.25 33.25
CA GLN B 427 -45.66 -16.88 33.33
C GLN B 427 -44.70 -15.94 32.62
N TYR B 428 -45.15 -14.71 32.40
CA TYR B 428 -44.33 -13.69 31.76
C TYR B 428 -44.73 -12.31 32.24
N LYS B 429 -43.77 -11.38 32.26
CA LYS B 429 -44.00 -10.00 32.66
C LYS B 429 -43.16 -9.07 31.79
N GLU B 430 -43.48 -7.78 31.86
CA GLU B 430 -42.87 -6.76 31.01
C GLU B 430 -42.22 -5.66 31.84
N PHE B 431 -41.25 -4.98 31.23
CA PHE B 431 -40.58 -3.83 31.82
C PHE B 431 -39.98 -2.98 30.70
N GLN B 432 -39.37 -1.86 31.09
CA GLN B 432 -38.73 -0.93 30.16
C GLN B 432 -37.23 -0.87 30.44
N TYR B 433 -36.43 -0.55 29.42
CA TYR B 433 -34.98 -0.72 29.55
C TYR B 433 -34.18 0.52 29.15
N LYS B 434 -34.78 1.71 29.19
CA LYS B 434 -34.05 2.92 28.78
C LYS B 434 -33.22 3.51 29.92
N GLU B 435 -33.86 3.81 31.04
CA GLU B 435 -33.16 4.39 32.19
C GLU B 435 -32.13 3.45 32.77
N LEU B 436 -32.41 2.14 32.71
CA LEU B 436 -31.44 1.14 33.14
C LEU B 436 -30.19 1.18 32.26
N PHE B 437 -30.38 1.41 30.96
CA PHE B 437 -29.25 1.54 30.04
C PHE B 437 -28.44 2.79 30.33
N GLU B 438 -29.13 3.88 30.70
CA GLU B 438 -28.43 5.12 31.05
C GLU B 438 -27.59 4.96 32.32
N VAL B 439 -28.15 4.32 33.35
CA VAL B 439 -27.42 4.12 34.60
C VAL B 439 -26.27 3.13 34.40
N PHE B 440 -26.45 2.13 33.52
CA PHE B 440 -25.37 1.19 33.22
C PHE B 440 -24.23 1.88 32.49
N LEU B 441 -24.53 2.76 31.54
CA LEU B 441 -23.45 3.46 30.83
C LEU B 441 -22.73 4.45 31.75
N THR B 442 -23.47 5.05 32.70
CA THR B 442 -22.83 5.91 33.70
C THR B 442 -21.84 5.13 34.55
N TRP B 443 -22.25 3.94 35.01
CA TRP B 443 -21.35 3.08 35.79
C TRP B 443 -20.16 2.63 34.97
N GLN B 444 -20.37 2.35 33.67
CA GLN B 444 -19.28 1.89 32.81
C GLN B 444 -18.23 2.97 32.62
N ALA B 445 -18.66 4.21 32.38
CA ALA B 445 -17.72 5.31 32.20
C ALA B 445 -16.95 5.61 33.48
N ASN B 446 -17.66 5.62 34.61
CA ASN B 446 -17.00 5.89 35.90
C ASN B 446 -16.04 4.77 36.29
N TYR B 447 -16.37 3.52 35.93
CA TYR B 447 -15.47 2.41 36.22
C TYR B 447 -14.21 2.48 35.38
N ASN B 448 -14.37 2.62 34.06
CA ASN B 448 -13.23 2.67 33.15
C ASN B 448 -12.36 3.90 33.36
N LEU B 449 -12.85 4.93 34.05
CA LEU B 449 -11.91 5.97 34.47
C LEU B 449 -11.33 5.73 35.87
N TYR B 450 -12.13 5.29 36.84
CA TYR B 450 -11.72 5.26 38.25
C TYR B 450 -12.08 3.95 38.94
N LYS B 451 -11.61 2.80 38.42
CA LYS B 451 -11.99 1.41 38.71
C LYS B 451 -12.55 1.07 40.09
N GLU B 452 -11.87 1.46 41.16
CA GLU B 452 -12.36 1.12 42.49
C GLU B 452 -13.36 2.14 43.01
N ASN B 453 -13.29 3.39 42.55
CA ASN B 453 -14.08 4.47 43.11
C ASN B 453 -15.43 4.68 42.40
N ALA B 454 -15.94 3.69 41.67
CA ALA B 454 -17.27 3.76 41.07
C ALA B 454 -18.30 2.97 41.88
N ALA B 455 -18.04 2.84 43.19
CA ALA B 455 -18.87 1.99 44.03
C ALA B 455 -20.25 2.58 44.25
N GLU B 456 -20.34 3.92 44.31
CA GLU B 456 -21.64 4.55 44.50
C GLU B 456 -22.51 4.42 43.25
N HIS B 457 -21.89 4.46 42.08
CA HIS B 457 -22.63 4.21 40.85
C HIS B 457 -23.03 2.74 40.73
N LEU B 458 -22.23 1.84 41.30
CA LEU B 458 -22.64 0.44 41.38
C LEU B 458 -23.87 0.26 42.27
N VAL B 459 -23.91 0.97 43.41
CA VAL B 459 -25.07 0.92 44.31
C VAL B 459 -26.31 1.50 43.62
N THR B 460 -26.13 2.59 42.87
CA THR B 460 -27.22 3.20 42.12
C THR B 460 -27.75 2.25 41.04
N LEU B 461 -26.84 1.52 40.37
CA LEU B 461 -27.27 0.55 39.36
C LEU B 461 -28.03 -0.61 39.97
N CYS B 462 -27.61 -1.07 41.15
CA CYS B 462 -28.32 -2.17 41.81
C CYS B 462 -29.71 -1.73 42.28
N LYS B 463 -29.82 -0.50 42.79
CA LYS B 463 -31.13 0.02 43.16
C LYS B 463 -32.01 0.25 41.94
N LYS B 464 -31.42 0.60 40.80
CA LYS B 464 -32.22 0.79 39.59
C LYS B 464 -32.69 -0.55 39.03
N ILE B 465 -31.90 -1.61 39.17
CA ILE B 465 -32.35 -2.95 38.81
C ILE B 465 -33.52 -3.36 39.69
N GLY B 466 -33.42 -3.07 40.99
CA GLY B 466 -34.50 -3.42 41.90
C GLY B 466 -35.77 -2.61 41.67
N GLU B 467 -35.62 -1.37 41.21
CA GLU B 467 -36.80 -0.52 40.96
C GLU B 467 -37.44 -0.86 39.62
N THR B 468 -36.63 -1.10 38.59
CA THR B 468 -37.16 -1.35 37.25
C THR B 468 -37.80 -2.73 37.14
N MET B 469 -37.25 -3.72 37.83
CA MET B 469 -37.71 -5.11 37.78
C MET B 469 -38.16 -5.55 39.16
N PRO B 470 -39.35 -5.11 39.61
CA PRO B 470 -39.76 -5.45 40.98
C PRO B 470 -40.31 -6.86 41.11
N PHE B 471 -40.53 -7.57 40.00
CA PHE B 471 -41.19 -8.87 40.07
C PHE B 471 -40.28 -9.97 40.59
N LEU B 472 -38.97 -9.75 40.68
CA LEU B 472 -38.10 -10.76 41.23
C LEU B 472 -37.95 -10.66 42.75
N PHE B 473 -38.79 -9.88 43.41
CA PHE B 473 -38.94 -9.94 44.86
C PHE B 473 -40.33 -10.39 45.28
N CYS B 474 -41.26 -10.54 44.34
CA CYS B 474 -42.61 -11.00 44.64
C CYS B 474 -42.64 -12.52 44.71
N ASP B 475 -43.46 -13.04 45.61
CA ASP B 475 -43.46 -14.48 45.87
C ASP B 475 -44.20 -15.26 44.80
N ASN B 476 -45.16 -14.60 44.12
CA ASN B 476 -45.94 -15.29 43.10
C ASN B 476 -45.11 -15.56 41.84
N PHE B 477 -44.27 -14.60 41.47
CA PHE B 477 -43.43 -14.75 40.29
C PHE B 477 -42.29 -15.73 40.54
N ILE B 478 -41.55 -15.54 41.64
CA ILE B 478 -40.46 -16.43 42.02
C ILE B 478 -40.67 -16.85 43.46
N PRO B 479 -40.74 -18.15 43.76
CA PRO B 479 -40.99 -18.58 45.14
C PRO B 479 -39.83 -18.32 46.07
N ASN B 480 -40.13 -18.24 47.36
CA ASN B 480 -39.14 -17.95 48.39
C ASN B 480 -38.33 -19.22 48.68
N GLY B 481 -37.02 -19.13 48.46
CA GLY B 481 -36.13 -20.21 48.82
C GLY B 481 -35.79 -21.19 47.71
N LYS B 482 -35.92 -20.79 46.46
CA LYS B 482 -35.63 -21.66 45.33
C LYS B 482 -34.42 -21.13 44.58
N ASP B 483 -33.60 -22.05 44.07
CA ASP B 483 -32.46 -21.66 43.25
C ASP B 483 -32.94 -21.13 41.90
N VAL B 484 -32.35 -20.03 41.46
CA VAL B 484 -32.78 -19.33 40.25
C VAL B 484 -31.64 -19.37 39.24
N LEU B 485 -31.98 -19.69 38.00
CA LEU B 485 -31.06 -19.63 36.87
C LEU B 485 -31.48 -18.49 35.97
N PHE B 486 -30.55 -17.56 35.70
CA PHE B 486 -30.79 -16.47 34.77
C PHE B 486 -30.18 -16.80 33.42
N VAL B 487 -30.95 -16.61 32.36
CA VAL B 487 -30.45 -16.72 31.00
C VAL B 487 -30.58 -15.36 30.33
N PRO B 488 -29.64 -14.45 30.54
CA PRO B 488 -29.82 -13.07 30.06
C PRO B 488 -29.53 -12.94 28.57
N HIS B 489 -30.28 -12.07 27.91
CA HIS B 489 -30.02 -11.69 26.53
C HIS B 489 -30.23 -10.19 26.37
N ASP B 490 -29.14 -9.45 26.58
CA ASP B 490 -28.74 -8.17 25.97
C ASP B 490 -27.50 -7.74 26.75
N PHE B 491 -27.23 -6.44 26.84
CA PHE B 491 -26.36 -5.84 27.85
C PHE B 491 -26.66 -6.27 29.29
N LEU B 492 -27.81 -6.89 29.58
CA LEU B 492 -28.09 -7.60 30.82
C LEU B 492 -27.14 -8.76 31.10
N HIS B 493 -26.30 -9.18 30.15
CA HIS B 493 -25.21 -10.09 30.47
C HIS B 493 -24.21 -9.46 31.43
N ARG B 494 -24.04 -8.14 31.37
CA ARG B 494 -23.08 -7.43 32.19
C ARG B 494 -23.65 -6.95 33.51
N LEU B 495 -24.96 -6.94 33.67
CA LEU B 495 -25.58 -6.38 34.87
C LEU B 495 -25.51 -7.39 36.01
N PRO B 496 -25.17 -6.98 37.23
CA PRO B 496 -25.23 -7.88 38.38
C PRO B 496 -26.67 -8.08 38.85
N LEU B 497 -27.22 -9.25 38.57
CA LEU B 497 -28.61 -9.53 38.92
C LEU B 497 -28.74 -10.04 40.35
N HIS B 498 -27.69 -10.70 40.86
CA HIS B 498 -27.73 -11.25 42.21
C HIS B 498 -27.66 -10.17 43.28
N GLY B 499 -27.13 -9.00 42.96
CA GLY B 499 -26.96 -7.95 43.94
C GLY B 499 -28.03 -6.88 43.89
N SER B 500 -29.21 -7.23 43.38
CA SER B 500 -30.30 -6.27 43.26
C SER B 500 -30.85 -5.92 44.64
N ILE B 501 -31.28 -4.67 44.79
CA ILE B 501 -31.71 -4.12 46.06
C ILE B 501 -33.20 -3.80 45.97
N GLU B 502 -33.97 -4.28 46.94
CA GLU B 502 -35.41 -4.11 46.93
C GLU B 502 -35.79 -2.65 47.15
N ASN B 503 -36.81 -2.20 46.42
CA ASN B 503 -37.28 -0.81 46.48
C ASN B 503 -38.04 -0.62 47.79
N LYS B 504 -37.29 -0.39 48.86
CA LYS B 504 -37.86 -0.23 50.19
C LYS B 504 -36.89 0.58 51.03
N THR B 505 -37.30 0.88 52.26
CA THR B 505 -36.44 1.63 53.18
C THR B 505 -35.28 0.78 53.65
N ASN B 506 -35.56 -0.33 54.32
CA ASN B 506 -34.54 -1.27 54.76
C ASN B 506 -34.47 -2.38 53.73
N GLY B 507 -33.84 -2.07 52.60
CA GLY B 507 -33.78 -2.98 51.47
C GLY B 507 -32.95 -4.22 51.69
N LYS B 508 -33.44 -5.36 51.20
CA LYS B 508 -32.77 -6.64 51.33
C LYS B 508 -32.24 -7.06 49.97
N LEU B 509 -31.02 -7.58 49.96
CA LEU B 509 -30.41 -8.04 48.72
C LEU B 509 -31.09 -9.30 48.20
N PHE B 510 -30.89 -9.55 46.90
CA PHE B 510 -31.50 -10.71 46.26
C PHE B 510 -30.81 -12.00 46.68
N LEU B 511 -29.48 -11.97 46.85
CA LEU B 511 -28.74 -13.19 47.13
C LEU B 511 -28.88 -13.68 48.57
N GLU B 512 -29.54 -12.91 49.44
CA GLU B 512 -29.67 -13.33 50.83
C GLU B 512 -30.72 -14.41 51.03
N ASN B 513 -31.60 -14.64 50.06
CA ASN B 513 -32.60 -15.70 50.17
C ASN B 513 -32.61 -16.68 49.01
N HIS B 514 -31.80 -16.45 47.97
CA HIS B 514 -31.80 -17.29 46.80
C HIS B 514 -30.36 -17.55 46.37
N SER B 515 -30.14 -18.70 45.74
CA SER B 515 -28.85 -19.05 45.17
C SER B 515 -28.94 -18.93 43.66
N CYS B 516 -28.09 -18.08 43.08
CA CYS B 516 -28.21 -17.69 41.69
C CYS B 516 -27.19 -18.42 40.84
N CYS B 517 -27.58 -18.71 39.60
CA CYS B 517 -26.69 -19.29 38.59
C CYS B 517 -26.93 -18.60 37.26
N TYR B 518 -25.94 -18.65 36.39
CA TYR B 518 -25.99 -17.95 35.11
C TYR B 518 -25.67 -18.90 33.97
N LEU B 519 -26.10 -18.52 32.77
CA LEU B 519 -25.89 -19.28 31.54
C LEU B 519 -26.10 -18.38 30.33
N PRO B 520 -25.25 -18.48 29.30
CA PRO B 520 -25.43 -17.60 28.13
C PRO B 520 -26.63 -17.97 27.28
N ALA B 521 -26.94 -19.25 27.18
CA ALA B 521 -28.11 -19.73 26.46
C ALA B 521 -28.48 -21.09 27.03
N TRP B 522 -29.73 -21.48 26.84
CA TRP B 522 -30.18 -22.76 27.37
C TRP B 522 -29.58 -23.95 26.61
N SER B 523 -29.15 -23.74 25.37
CA SER B 523 -28.55 -24.81 24.59
C SER B 523 -27.15 -25.18 25.08
N PHE B 524 -26.56 -24.40 25.98
CA PHE B 524 -25.29 -24.77 26.60
C PHE B 524 -25.47 -25.68 27.81
N ALA B 525 -26.71 -25.86 28.28
CA ALA B 525 -26.93 -26.69 29.45
C ALA B 525 -26.84 -28.16 29.10
N SER B 526 -26.12 -28.91 29.93
CA SER B 526 -25.93 -30.34 29.72
C SER B 526 -25.99 -31.08 31.05
N GLU B 527 -26.06 -32.39 30.95
CA GLU B 527 -26.13 -33.28 32.11
C GLU B 527 -24.76 -33.91 32.38
N LYS B 528 -24.76 -34.88 33.31
CA LYS B 528 -23.65 -35.81 33.54
C LYS B 528 -22.35 -35.12 33.96
N GLU B 529 -22.34 -34.55 35.17
CA GLU B 529 -21.15 -33.92 35.72
C GLU B 529 -20.03 -34.95 35.93
N ALA B 530 -20.17 -35.82 36.94
CA ALA B 530 -19.33 -37.00 37.17
C ALA B 530 -17.84 -36.65 37.26
N SER B 531 -17.53 -35.86 38.30
CA SER B 531 -16.16 -35.43 38.53
C SER B 531 -15.24 -36.62 38.81
N THR B 532 -15.48 -37.33 39.92
CA THR B 532 -14.95 -38.64 40.31
C THR B 532 -13.45 -38.66 40.57
N SER B 533 -12.74 -37.55 40.36
CA SER B 533 -11.31 -37.54 40.58
C SER B 533 -10.94 -36.53 41.65
N ASP B 534 -9.69 -36.58 42.10
CA ASP B 534 -9.22 -35.75 43.20
C ASP B 534 -7.90 -35.07 42.89
N GLU B 535 -7.68 -34.70 41.63
CA GLU B 535 -6.47 -33.99 41.22
C GLU B 535 -6.75 -32.49 41.11
N TYR B 536 -5.80 -31.68 41.58
CA TYR B 536 -5.91 -30.24 41.57
C TYR B 536 -4.74 -29.66 40.79
N VAL B 537 -5.04 -28.84 39.79
CA VAL B 537 -4.04 -28.29 38.87
C VAL B 537 -4.06 -26.78 38.98
N LEU B 538 -2.89 -26.16 38.82
CA LEU B 538 -2.75 -24.71 38.78
C LEU B 538 -1.93 -24.32 37.56
N LEU B 539 -2.25 -23.17 37.00
CA LEU B 539 -1.46 -22.54 35.95
C LEU B 539 -1.31 -21.06 36.30
N LYS B 540 -0.14 -20.50 36.01
CA LYS B 540 0.15 -19.14 36.42
C LYS B 540 1.18 -18.55 35.47
N ASN B 541 0.96 -17.31 35.05
CA ASN B 541 1.87 -16.67 34.12
C ASN B 541 2.38 -15.33 34.65
N PHE B 542 1.53 -14.57 35.33
CA PHE B 542 1.89 -13.25 35.81
C PHE B 542 2.44 -13.35 37.23
N ASP B 543 3.51 -12.62 37.50
CA ASP B 543 4.19 -12.65 38.79
C ASP B 543 4.01 -11.37 39.61
N GLN B 544 3.37 -10.35 39.06
CA GLN B 544 3.12 -9.12 39.81
C GLN B 544 2.09 -9.36 40.92
N GLY B 545 1.11 -10.22 40.67
CA GLY B 545 0.20 -10.62 41.72
C GLY B 545 0.90 -11.50 42.76
N HIS B 546 0.59 -11.24 44.03
CA HIS B 546 1.25 -11.93 45.13
C HIS B 546 0.51 -13.25 45.40
N PHE B 547 0.92 -14.29 44.67
CA PHE B 547 0.38 -15.62 44.83
C PHE B 547 1.41 -16.61 45.34
N GLU B 548 2.51 -16.13 45.93
CA GLU B 548 3.58 -17.01 46.38
C GLU B 548 3.15 -17.83 47.60
N THR B 549 2.34 -17.23 48.47
CA THR B 549 1.70 -17.99 49.56
C THR B 549 0.80 -19.08 49.00
N LEU B 550 0.15 -18.81 47.86
CA LEU B 550 -0.69 -19.83 47.24
C LEU B 550 0.14 -20.90 46.56
N GLN B 551 1.28 -20.54 45.98
CA GLN B 551 2.11 -21.55 45.33
C GLN B 551 2.87 -22.39 46.35
N ASN B 552 2.98 -21.90 47.59
CA ASN B 552 3.56 -22.70 48.67
C ASN B 552 2.60 -23.75 49.23
N ASN B 553 1.41 -23.93 48.65
CA ASN B 553 0.43 -24.85 49.21
C ASN B 553 0.79 -26.30 48.88
N GLN B 554 0.17 -27.22 49.61
CA GLN B 554 0.49 -28.64 49.51
C GLN B 554 -0.56 -29.44 48.76
N ILE B 555 -1.73 -28.87 48.46
CA ILE B 555 -2.75 -29.59 47.71
C ILE B 555 -2.31 -29.81 46.28
N TRP B 556 -1.61 -28.85 45.70
CA TRP B 556 -1.13 -28.93 44.31
C TRP B 556 0.15 -29.77 44.23
N GLY B 557 0.00 -31.06 44.52
CA GLY B 557 1.10 -32.00 44.56
C GLY B 557 1.33 -32.81 43.31
N THR B 558 0.55 -32.60 42.25
CA THR B 558 0.74 -33.35 41.02
C THR B 558 1.75 -32.66 40.12
N GLN B 559 2.14 -33.37 39.05
CA GLN B 559 3.18 -32.87 38.17
C GLN B 559 2.68 -31.77 37.24
N SER B 560 1.36 -31.66 37.08
CA SER B 560 0.80 -30.71 36.13
C SER B 560 0.84 -29.27 36.64
N VAL B 561 1.03 -29.10 37.95
CA VAL B 561 1.07 -27.75 38.53
C VAL B 561 2.41 -27.09 38.23
N LYS B 562 2.36 -25.87 37.71
CA LYS B 562 3.59 -25.14 37.40
C LYS B 562 3.32 -23.64 37.32
N ASP B 563 4.35 -22.86 37.65
CA ASP B 563 4.40 -21.44 37.37
C ASP B 563 5.11 -21.19 36.04
N GLY B 564 4.62 -20.22 35.28
CA GLY B 564 5.16 -19.93 33.97
C GLY B 564 4.53 -20.81 32.91
N ALA B 565 3.20 -20.76 32.81
CA ALA B 565 2.45 -21.67 31.97
C ALA B 565 2.56 -21.30 30.50
N SER B 566 2.10 -22.21 29.65
CA SER B 566 2.06 -21.99 28.21
C SER B 566 0.87 -22.75 27.63
N SER B 567 0.62 -22.53 26.34
CA SER B 567 -0.53 -23.16 25.69
C SER B 567 -0.34 -24.66 25.52
N ASP B 568 0.86 -25.08 25.11
CA ASP B 568 1.16 -26.51 25.00
C ASP B 568 1.16 -27.17 26.37
N ASP B 569 1.51 -26.42 27.42
CA ASP B 569 1.37 -26.93 28.77
C ASP B 569 -0.08 -26.96 29.22
N LEU B 570 -0.96 -26.19 28.57
CA LEU B 570 -2.37 -26.25 28.90
C LEU B 570 -3.04 -27.45 28.24
N GLU B 571 -2.62 -27.79 27.03
CA GLU B 571 -3.25 -28.90 26.32
C GLU B 571 -2.71 -30.28 26.72
N ASN B 572 -2.01 -30.41 27.85
CA ASN B 572 -1.50 -31.69 28.34
C ASN B 572 -2.24 -32.18 29.58
N ILE B 573 -3.36 -31.55 29.95
CA ILE B 573 -4.09 -31.98 31.14
C ILE B 573 -4.73 -33.33 30.88
N ARG B 574 -4.50 -34.27 31.80
CA ARG B 574 -4.60 -35.67 31.45
C ARG B 574 -6.01 -36.23 31.56
N ASN B 575 -6.58 -36.24 32.76
CA ASN B 575 -7.83 -36.98 32.95
C ASN B 575 -8.64 -36.33 34.06
N ASN B 576 -9.44 -35.33 33.68
CA ASN B 576 -10.53 -34.74 34.47
C ASN B 576 -10.14 -34.33 35.90
N PRO B 577 -9.39 -33.24 36.05
CA PRO B 577 -9.13 -32.73 37.41
C PRO B 577 -10.40 -32.18 38.04
N ARG B 578 -10.48 -32.27 39.37
CA ARG B 578 -11.67 -31.78 40.06
C ARG B 578 -11.74 -30.26 40.06
N LEU B 579 -10.58 -29.60 40.17
CA LEU B 579 -10.53 -28.15 40.20
C LEU B 579 -9.29 -27.67 39.46
N LEU B 580 -9.50 -26.85 38.42
CA LEU B 580 -8.42 -26.23 37.67
C LEU B 580 -8.46 -24.73 37.93
N THR B 581 -7.31 -24.14 38.19
CA THR B 581 -7.22 -22.71 38.50
C THR B 581 -6.23 -22.07 37.53
N ILE B 582 -6.74 -21.17 36.68
CA ILE B 582 -5.93 -20.45 35.72
C ILE B 582 -5.79 -19.01 36.19
N LEU B 583 -4.54 -18.56 36.33
CA LEU B 583 -4.23 -17.23 36.82
C LEU B 583 -3.40 -16.52 35.76
N CYS B 584 -4.01 -15.64 35.00
CA CYS B 584 -3.34 -14.91 33.92
C CYS B 584 -4.12 -13.65 33.62
N HIS B 585 -3.79 -13.00 32.51
CA HIS B 585 -4.50 -11.84 32.02
C HIS B 585 -5.27 -12.19 30.76
N GLY B 586 -6.11 -11.26 30.31
CA GLY B 586 -6.93 -11.47 29.13
C GLY B 586 -6.78 -10.33 28.14
N GLU B 587 -6.90 -10.66 26.86
CA GLU B 587 -6.93 -9.66 25.80
C GLU B 587 -8.16 -9.90 24.93
N ALA B 588 -8.90 -8.83 24.64
CA ALA B 588 -10.18 -8.92 23.97
C ALA B 588 -10.05 -8.33 22.57
N ASN B 589 -10.21 -9.17 21.55
CA ASN B 589 -10.35 -8.66 20.20
C ASN B 589 -11.73 -8.04 20.06
N MET B 590 -11.78 -6.80 19.58
CA MET B 590 -13.01 -6.03 19.59
C MET B 590 -13.89 -6.29 18.37
N SER B 591 -13.52 -7.24 17.51
CA SER B 591 -14.40 -7.68 16.44
C SER B 591 -14.70 -9.17 16.53
N ASN B 592 -13.68 -10.01 16.70
CA ASN B 592 -13.83 -11.46 16.66
C ASN B 592 -13.86 -12.03 18.06
N PRO B 593 -14.91 -12.72 18.46
CA PRO B 593 -14.85 -13.48 19.72
C PRO B 593 -13.93 -14.69 19.65
N PHE B 594 -13.56 -15.12 18.44
CA PHE B 594 -12.64 -16.24 18.25
C PHE B 594 -11.20 -15.91 18.58
N ARG B 595 -10.87 -14.63 18.76
CA ARG B 595 -9.49 -14.21 18.95
C ARG B 595 -9.23 -13.62 20.34
N SER B 596 -10.19 -13.72 21.25
CA SER B 596 -9.95 -13.33 22.63
C SER B 596 -9.03 -14.34 23.29
N MET B 597 -7.94 -13.86 23.88
CA MET B 597 -6.86 -14.75 24.28
C MET B 597 -6.53 -14.59 25.75
N LEU B 598 -6.04 -15.68 26.33
CA LEU B 598 -5.49 -15.70 27.67
C LEU B 598 -3.97 -15.56 27.58
N LYS B 599 -3.42 -14.57 28.28
CA LYS B 599 -2.02 -14.21 28.15
C LYS B 599 -1.13 -15.24 28.85
N LEU B 600 -0.87 -16.33 28.16
CA LEU B 600 0.14 -17.28 28.56
C LEU B 600 1.35 -17.12 27.64
N ALA B 601 2.41 -17.90 27.89
CA ALA B 601 3.62 -17.78 27.10
C ALA B 601 3.44 -18.47 25.75
N ASN B 602 4.42 -18.24 24.86
CA ASN B 602 4.39 -18.62 23.45
C ASN B 602 3.10 -18.20 22.75
N GLY B 603 2.74 -16.93 22.93
CA GLY B 603 1.64 -16.32 22.21
C GLY B 603 0.27 -16.49 22.82
N GLY B 604 0.15 -17.23 23.92
CA GLY B 604 -1.14 -17.43 24.54
C GLY B 604 -2.01 -18.41 23.78
N ILE B 605 -3.19 -18.66 24.35
CA ILE B 605 -4.16 -19.58 23.78
C ILE B 605 -5.45 -18.81 23.51
N THR B 606 -6.05 -19.06 22.35
CA THR B 606 -7.22 -18.32 21.89
C THR B 606 -8.47 -19.16 22.08
N TYR B 607 -9.60 -18.58 21.66
CA TYR B 607 -10.91 -19.23 21.77
C TYR B 607 -10.97 -20.48 20.90
N LEU B 608 -10.46 -20.37 19.66
CA LEU B 608 -10.49 -21.49 18.73
C LEU B 608 -9.54 -22.60 19.18
N GLU B 609 -8.42 -22.24 19.80
CA GLU B 609 -7.49 -23.25 20.27
C GLU B 609 -8.00 -23.95 21.53
N ILE B 610 -8.78 -23.25 22.35
CA ILE B 610 -9.48 -23.90 23.44
C ILE B 610 -10.54 -24.86 22.89
N LEU B 611 -11.22 -24.45 21.82
CA LEU B 611 -12.20 -25.32 21.17
C LEU B 611 -11.55 -26.55 20.53
N ASN B 612 -10.32 -26.42 20.05
CA ASN B 612 -9.64 -27.51 19.34
C ASN B 612 -8.71 -28.33 20.24
N SER B 613 -7.74 -27.68 20.88
CA SER B 613 -6.63 -28.41 21.48
C SER B 613 -7.02 -29.06 22.80
N VAL B 614 -7.76 -28.33 23.65
CA VAL B 614 -8.05 -28.81 24.99
C VAL B 614 -9.09 -29.92 24.92
N LYS B 615 -8.75 -31.08 25.52
CA LYS B 615 -9.62 -32.24 25.47
C LYS B 615 -9.77 -32.87 26.86
N GLY B 616 -8.79 -32.64 27.73
CA GLY B 616 -8.82 -33.25 29.05
C GLY B 616 -9.40 -32.37 30.14
N LEU B 617 -10.65 -31.92 29.97
CA LEU B 617 -11.26 -31.07 31.00
C LEU B 617 -12.73 -31.40 31.24
N LYS B 618 -13.16 -32.64 31.03
CA LYS B 618 -14.56 -32.98 31.21
C LYS B 618 -14.90 -33.05 32.70
N GLY B 619 -15.98 -32.39 33.09
CA GLY B 619 -16.43 -32.38 34.47
C GLY B 619 -15.49 -31.68 35.43
N SER B 620 -14.88 -30.58 34.99
CA SER B 620 -13.85 -29.89 35.76
C SER B 620 -14.33 -28.50 36.12
N GLN B 621 -14.31 -28.19 37.42
CA GLN B 621 -14.60 -26.83 37.86
C GLN B 621 -13.39 -25.94 37.61
N VAL B 622 -13.63 -24.78 37.02
CA VAL B 622 -12.57 -23.86 36.64
C VAL B 622 -12.77 -22.54 37.38
N ILE B 623 -11.69 -22.03 37.98
CA ILE B 623 -11.68 -20.72 38.60
C ILE B 623 -10.71 -19.85 37.81
N LEU B 624 -11.23 -18.80 37.17
CA LEU B 624 -10.45 -17.93 36.31
C LEU B 624 -10.11 -16.64 37.04
N GLY B 625 -8.86 -16.21 36.96
CA GLY B 625 -8.41 -15.04 37.66
C GLY B 625 -8.55 -13.76 36.86
N ALA B 626 -8.62 -13.87 35.53
CA ALA B 626 -8.78 -12.71 34.68
C ALA B 626 -10.23 -12.24 34.70
N CYS B 627 -10.42 -10.93 34.69
CA CYS B 627 -11.76 -10.36 34.74
C CYS B 627 -12.43 -10.42 33.38
N GLU B 628 -13.76 -10.30 33.39
CA GLU B 628 -14.52 -10.38 32.14
C GLU B 628 -14.30 -9.13 31.29
N THR B 629 -14.10 -7.98 31.94
CA THR B 629 -13.89 -6.72 31.24
C THR B 629 -12.63 -6.71 30.38
N ASP B 630 -11.65 -7.55 30.69
CA ASP B 630 -10.50 -7.73 29.82
C ASP B 630 -10.75 -8.78 28.73
N LEU B 631 -11.82 -9.56 28.84
CA LEU B 631 -12.10 -10.61 27.87
C LEU B 631 -13.19 -10.23 26.87
N VAL B 632 -14.06 -9.28 27.19
CA VAL B 632 -15.04 -8.78 26.22
C VAL B 632 -14.81 -7.28 26.07
N PRO B 633 -15.04 -6.71 24.88
CA PRO B 633 -14.83 -5.28 24.70
C PRO B 633 -15.96 -4.48 25.31
N PRO B 634 -15.73 -3.20 25.62
CA PRO B 634 -16.83 -2.35 26.09
C PRO B 634 -17.83 -2.08 24.99
N LEU B 635 -19.09 -1.96 25.36
CA LEU B 635 -20.19 -1.91 24.41
C LEU B 635 -20.67 -0.48 24.20
N SER B 636 -21.09 -0.20 22.96
CA SER B 636 -21.60 1.10 22.57
C SER B 636 -23.00 1.07 22.01
N ASP B 637 -23.57 -0.09 21.79
CA ASP B 637 -24.95 -0.22 21.34
C ASP B 637 -25.77 -0.88 22.43
N VAL B 638 -27.10 -0.88 22.26
CA VAL B 638 -27.97 -1.60 23.18
C VAL B 638 -27.80 -3.10 23.01
N MET B 639 -27.61 -3.54 21.76
CA MET B 639 -27.38 -4.95 21.48
C MET B 639 -25.89 -5.27 21.52
N ASP B 640 -25.58 -6.45 22.05
CA ASP B 640 -24.24 -6.98 21.99
C ASP B 640 -24.33 -8.50 22.04
N GLU B 641 -23.45 -9.16 21.29
CA GLU B 641 -23.36 -10.61 21.31
C GLU B 641 -21.88 -10.95 21.14
N HIS B 642 -21.19 -11.11 22.27
CA HIS B 642 -19.77 -11.38 22.30
C HIS B 642 -19.53 -12.34 23.46
N TYR B 643 -18.99 -13.49 23.15
CA TYR B 643 -18.88 -14.60 24.09
C TYR B 643 -17.44 -14.71 24.61
N SER B 644 -17.30 -14.90 25.92
CA SER B 644 -16.01 -14.99 26.57
C SER B 644 -15.46 -16.41 26.46
N VAL B 645 -14.28 -16.62 27.05
CA VAL B 645 -13.66 -17.94 27.05
C VAL B 645 -14.34 -18.92 28.01
N ALA B 646 -15.18 -18.42 28.92
CA ALA B 646 -15.90 -19.29 29.83
C ALA B 646 -16.91 -20.16 29.09
N THR B 647 -17.55 -19.62 28.05
CA THR B 647 -18.50 -20.43 27.31
C THR B 647 -17.79 -21.42 26.39
N ALA B 648 -16.54 -21.12 26.00
CA ALA B 648 -15.73 -22.12 25.31
C ALA B 648 -15.35 -23.25 26.26
N LEU B 649 -15.10 -22.92 27.52
CA LEU B 649 -14.89 -23.93 28.54
C LEU B 649 -16.14 -24.76 28.76
N LEU B 650 -17.32 -24.14 28.65
CA LEU B 650 -18.58 -24.88 28.77
C LEU B 650 -18.80 -25.79 27.57
N LEU B 651 -18.44 -25.33 26.37
CA LEU B 651 -18.58 -26.15 25.17
C LEU B 651 -17.58 -27.29 25.15
N ILE B 652 -16.44 -27.14 25.85
CA ILE B 652 -15.49 -28.24 25.98
C ILE B 652 -16.08 -29.37 26.83
N GLY B 653 -16.74 -29.02 27.93
CA GLY B 653 -17.26 -30.05 28.81
C GLY B 653 -17.11 -29.77 30.29
N ALA B 654 -16.64 -28.57 30.65
CA ALA B 654 -16.40 -28.24 32.04
C ALA B 654 -17.70 -28.16 32.84
N ALA B 655 -17.59 -28.38 34.15
CA ALA B 655 -18.77 -28.44 34.99
C ALA B 655 -19.25 -27.06 35.43
N GLY B 656 -18.34 -26.11 35.53
CA GLY B 656 -18.71 -24.77 35.93
C GLY B 656 -17.49 -23.88 36.00
N VAL B 657 -17.73 -22.60 35.71
CA VAL B 657 -16.69 -21.58 35.74
C VAL B 657 -17.09 -20.50 36.73
N VAL B 658 -16.20 -20.17 37.65
CA VAL B 658 -16.42 -19.14 38.65
C VAL B 658 -15.43 -18.02 38.40
N GLY B 659 -15.93 -16.82 38.12
CA GLY B 659 -15.09 -15.73 37.69
C GLY B 659 -15.53 -14.41 38.28
N THR B 660 -14.85 -13.35 37.83
CA THR B 660 -15.10 -12.00 38.30
C THR B 660 -15.68 -11.16 37.17
N MET B 661 -16.66 -10.31 37.50
CA MET B 661 -17.26 -9.44 36.50
C MET B 661 -16.34 -8.28 36.17
N TRP B 662 -15.65 -7.74 37.16
CA TRP B 662 -14.76 -6.59 36.98
C TRP B 662 -13.48 -6.83 37.77
N LYS B 663 -12.58 -5.85 37.74
CA LYS B 663 -11.28 -6.00 38.36
C LYS B 663 -11.36 -5.81 39.87
N VAL B 664 -10.87 -6.80 40.61
CA VAL B 664 -10.78 -6.73 42.06
C VAL B 664 -9.33 -6.97 42.45
N ARG B 665 -9.07 -6.81 43.75
CA ARG B 665 -7.75 -7.06 44.31
C ARG B 665 -7.41 -8.54 44.26
N SER B 666 -6.11 -8.84 44.29
CA SER B 666 -5.65 -10.23 44.19
C SER B 666 -5.93 -11.01 45.48
N ASN B 667 -6.02 -10.32 46.61
CA ASN B 667 -6.27 -10.98 47.89
C ASN B 667 -7.65 -11.61 47.94
N LYS B 668 -8.61 -11.03 47.21
CA LYS B 668 -9.97 -11.57 47.19
C LYS B 668 -10.03 -12.88 46.42
N THR B 669 -9.34 -12.95 45.29
CA THR B 669 -9.26 -14.19 44.53
C THR B 669 -8.46 -15.24 45.29
N LYS B 670 -7.45 -14.80 46.04
CA LYS B 670 -6.70 -15.72 46.91
C LYS B 670 -7.59 -16.33 47.98
N SER B 671 -8.42 -15.50 48.62
CA SER B 671 -9.34 -15.99 49.64
C SER B 671 -10.40 -16.91 49.06
N LEU B 672 -10.85 -16.60 47.83
CA LEU B 672 -11.81 -17.48 47.15
C LEU B 672 -11.20 -18.84 46.83
N ILE B 673 -9.95 -18.85 46.36
CA ILE B 673 -9.29 -20.10 46.00
C ILE B 673 -9.03 -20.95 47.25
N GLU B 674 -8.65 -20.29 48.36
CA GLU B 674 -8.44 -21.03 49.61
C GLU B 674 -9.75 -21.60 50.15
N TRP B 675 -10.84 -20.81 50.11
CA TRP B 675 -12.13 -21.28 50.60
C TRP B 675 -12.69 -22.39 49.71
N LYS B 676 -12.37 -22.36 48.42
CA LYS B 676 -12.83 -23.44 47.55
C LYS B 676 -11.98 -24.69 47.72
N LEU B 677 -10.70 -24.52 48.07
CA LEU B 677 -9.83 -25.67 48.29
C LEU B 677 -10.19 -26.41 49.56
N GLU B 678 -10.52 -25.67 50.63
CA GLU B 678 -10.90 -26.34 51.87
C GLU B 678 -12.30 -26.95 51.77
N ASN B 679 -13.16 -26.39 50.91
CA ASN B 679 -14.56 -26.78 50.85
C ASN B 679 -15.01 -26.75 49.39
N ILE B 680 -15.27 -27.92 48.80
CA ILE B 680 -15.66 -28.00 47.40
C ILE B 680 -17.17 -28.16 47.22
N GLU B 681 -17.90 -28.45 48.28
CA GLU B 681 -19.34 -28.72 48.16
C GLU B 681 -20.17 -27.46 48.36
N TYR B 682 -19.65 -26.47 49.07
CA TYR B 682 -20.46 -25.34 49.51
C TYR B 682 -20.74 -24.37 48.37
N LYS B 683 -21.85 -23.65 48.49
CA LYS B 683 -22.30 -22.71 47.47
C LYS B 683 -21.64 -21.35 47.66
N LEU B 684 -21.68 -20.54 46.61
CA LEU B 684 -20.96 -19.27 46.61
C LEU B 684 -21.71 -18.17 47.37
N ASN B 685 -23.03 -18.27 47.47
CA ASN B 685 -23.81 -17.19 48.08
C ASN B 685 -23.60 -17.13 49.59
N GLU B 686 -23.28 -18.25 50.22
CA GLU B 686 -22.94 -18.25 51.64
C GLU B 686 -21.62 -17.51 51.88
N TRP B 687 -20.65 -17.73 51.00
CA TRP B 687 -19.39 -17.01 51.09
C TRP B 687 -19.57 -15.52 50.82
N GLN B 688 -20.46 -15.16 49.89
CA GLN B 688 -20.71 -13.75 49.61
C GLN B 688 -21.43 -13.07 50.75
N LYS B 689 -22.31 -13.80 51.43
CA LYS B 689 -23.01 -13.23 52.59
C LYS B 689 -22.07 -13.09 53.78
N GLU B 690 -21.17 -14.05 53.96
CA GLU B 690 -20.35 -14.08 55.18
C GLU B 690 -19.28 -12.99 55.17
N THR B 691 -18.66 -12.74 54.01
CA THR B 691 -17.51 -11.83 53.96
C THR B 691 -17.90 -10.36 53.98
N GLY B 692 -19.18 -10.01 54.02
CA GLY B 692 -19.56 -8.62 54.01
C GLY B 692 -20.14 -8.13 52.69
N GLY B 693 -20.98 -8.95 52.07
CA GLY B 693 -21.69 -8.54 50.87
C GLY B 693 -22.99 -7.82 51.11
N ALA B 694 -23.37 -7.60 52.37
CA ALA B 694 -24.61 -6.90 52.71
C ALA B 694 -24.35 -5.56 53.37
N ALA B 695 -23.20 -4.94 53.09
CA ALA B 695 -22.78 -3.69 53.73
C ALA B 695 -22.82 -2.51 52.77
N TYR B 696 -23.85 -2.42 51.93
CA TYR B 696 -23.87 -1.43 50.87
C TYR B 696 -24.14 -0.03 51.38
N LYS B 697 -24.84 0.11 52.52
CA LYS B 697 -25.24 1.43 52.95
C LYS B 697 -24.10 2.21 53.58
N ASP B 698 -23.13 1.53 54.20
CA ASP B 698 -22.08 2.19 54.95
C ASP B 698 -20.72 2.16 54.26
N HIS B 699 -20.26 0.97 53.84
CA HIS B 699 -18.94 0.83 53.21
C HIS B 699 -19.13 0.22 51.82
N PRO B 700 -19.24 1.05 50.79
CA PRO B 700 -19.43 0.54 49.42
C PRO B 700 -18.22 -0.16 48.79
N PRO B 701 -16.95 0.07 49.22
CA PRO B 701 -15.89 -0.82 48.68
C PRO B 701 -16.02 -2.30 49.00
N THR B 702 -16.53 -2.67 50.18
CA THR B 702 -16.76 -4.08 50.48
C THR B 702 -17.84 -4.67 49.59
N PHE B 703 -18.90 -3.89 49.34
CA PHE B 703 -19.96 -4.33 48.43
C PHE B 703 -19.46 -4.42 47.01
N TYR B 704 -18.50 -3.57 46.64
CA TYR B 704 -17.88 -3.65 45.32
C TYR B 704 -17.07 -4.92 45.17
N ARG B 705 -16.25 -5.25 46.17
CA ARG B 705 -15.38 -6.43 46.05
C ARG B 705 -16.15 -7.73 46.26
N SER B 706 -17.31 -7.69 46.92
CA SER B 706 -18.00 -8.93 47.25
C SER B 706 -18.79 -9.49 46.08
N ILE B 707 -19.62 -8.66 45.43
CA ILE B 707 -20.61 -9.16 44.49
C ILE B 707 -20.05 -9.30 43.08
N ALA B 708 -18.73 -9.15 42.94
CA ALA B 708 -18.11 -9.29 41.63
C ALA B 708 -18.02 -10.72 41.15
N PHE B 709 -18.26 -11.71 42.00
CA PHE B 709 -18.02 -13.11 41.68
C PHE B 709 -19.29 -13.77 41.17
N ARG B 710 -19.15 -14.53 40.08
CA ARG B 710 -20.28 -15.10 39.37
C ARG B 710 -19.96 -16.52 38.92
N SER B 711 -20.91 -17.44 39.13
CA SER B 711 -20.85 -18.79 38.61
C SER B 711 -21.57 -18.85 37.27
N ILE B 712 -20.89 -19.39 36.26
CA ILE B 712 -21.36 -19.34 34.87
C ILE B 712 -21.59 -20.77 34.39
N GLY B 713 -22.12 -21.62 35.25
CA GLY B 713 -22.36 -22.98 34.83
C GLY B 713 -23.55 -23.68 35.46
N PHE B 714 -24.35 -24.38 34.66
CA PHE B 714 -25.54 -25.06 35.15
C PHE B 714 -25.21 -26.50 35.50
N PRO B 715 -25.53 -26.98 36.72
CA PRO B 715 -25.51 -28.40 37.10
C PRO B 715 -26.33 -29.28 36.16
ZN ZN E . -26.28 26.64 40.69
ZN ZN F . -11.26 4.11 20.61
ZN ZN G . 0.32 -13.40 -6.30
ZN ZN H . 17.96 -11.09 -36.33
#